data_1J12
#
_entry.id   1J12
#
_cell.length_a   177.900
_cell.length_b   112.900
_cell.length_c   146.200
_cell.angle_alpha   90.00
_cell.angle_beta   105.80
_cell.angle_gamma   90.00
#
_symmetry.space_group_name_H-M   'C 1 2 1'
#
loop_
_entity.id
_entity.type
_entity.pdbx_description
1 polymer Beta-amylase
2 non-polymer '2-[(2S)-oxiran-2-yl]ethyl alpha-D-glucopyranoside'
3 non-polymer 'CALCIUM ION'
4 water water
#
_entity_poly.entity_id   1
_entity_poly.type   'polypeptide(L)'
_entity_poly.pdbx_seq_one_letter_code
;AVNGKGMNPDYKAYLMAPLKKIPEVTNWETFENDLRWAKQNGFYAITVDFWWGDMEKNGDQQFDFSYAQRFAQSVKNAGM
KMIPIISTHQCGGNVGDDCNVPIPSWVWNQKSDDSLYFKSETGTVNKETLNPLASDVIRKEYGELYTAFAAAMKPYKDVI
AKIYLSGGPAGELRYPSYTTSDGTGYPSRGKFQAYTEFAKSKFRLWVLNKYGSLNEVNKAWGTKLISELAILPPSDGEQF
LMNGYLSMYGKDYLEWYQGILENHTKLIGELAHNAFDTTFQVPIGAKIAGVHWQYNNPTIPHGAEKPAGYNDYSHLLDAF
KSAKLDVTFTCLEMTDKGSYPEYSMPKTLVQNIATLANEKGIVLNGENALSIGNEEEYKRVAEMAFNYNFAGFTLLRYQD
VMYNNSLMGKFKDLLGVTPVMQTIVVKNVPTTIGDTVYITGNRAELGSWDTKQYPIQLYYDSHSNDWRGNVVLPAERNIE
FKAFIKSKDGTVKSWQTIQQSWNPVPLKTTSHTSSW
;
_entity_poly.pdbx_strand_id   A,B,C,D
#
loop_
_chem_comp.id
_chem_comp.type
_chem_comp.name
_chem_comp.formula
CA non-polymer 'CALCIUM ION' 'Ca 2'
EBG D-saccharide '2-[(2S)-oxiran-2-yl]ethyl alpha-D-glucopyranoside' 'C10 H18 O7'
#
# COMPACT_ATOMS: atom_id res chain seq x y z
N ALA A 1 2.39 9.27 30.80
CA ALA A 1 3.36 10.40 30.76
C ALA A 1 4.54 10.06 31.64
N VAL A 2 5.60 10.85 31.54
CA VAL A 2 6.82 10.62 32.33
C VAL A 2 6.54 10.52 33.81
N ASN A 3 7.32 9.68 34.49
CA ASN A 3 7.17 9.45 35.92
C ASN A 3 5.87 8.73 36.25
N GLY A 4 5.37 7.96 35.28
CA GLY A 4 4.17 7.18 35.47
C GLY A 4 2.86 7.91 35.66
N LYS A 5 2.80 9.20 35.32
CA LYS A 5 1.55 9.93 35.48
C LYS A 5 0.84 10.15 34.14
N GLY A 6 -0.31 10.82 34.17
CA GLY A 6 -1.06 11.07 32.94
C GLY A 6 -0.98 12.50 32.43
N MET A 7 -1.93 12.88 31.57
CA MET A 7 -1.97 14.23 31.01
C MET A 7 -2.37 15.23 32.10
N ASN A 8 -2.02 16.50 31.91
CA ASN A 8 -2.32 17.54 32.88
C ASN A 8 -3.84 17.77 32.92
N PRO A 9 -4.47 17.59 34.09
CA PRO A 9 -5.92 17.78 34.22
C PRO A 9 -6.39 19.20 33.87
N ASP A 10 -5.48 20.17 33.94
CA ASP A 10 -5.83 21.54 33.63
C ASP A 10 -5.60 21.92 32.17
N TYR A 11 -5.20 20.96 31.35
CA TYR A 11 -4.94 21.24 29.93
C TYR A 11 -6.09 21.95 29.21
N LYS A 12 -5.72 22.92 28.38
CA LYS A 12 -6.65 23.69 27.58
C LYS A 12 -5.95 24.11 26.31
N ALA A 13 -6.73 24.27 25.24
CA ALA A 13 -6.24 24.68 23.94
C ALA A 13 -6.64 26.14 23.65
N TYR A 14 -5.74 26.89 23.01
CA TYR A 14 -6.01 28.28 22.66
C TYR A 14 -5.68 28.51 21.20
N LEU A 15 -6.19 29.60 20.65
CA LEU A 15 -5.97 29.95 19.25
C LEU A 15 -5.43 31.37 19.11
N MET A 16 -4.37 31.52 18.32
CA MET A 16 -3.77 32.83 18.08
C MET A 16 -4.63 33.59 17.08
N ALA A 17 -4.93 34.85 17.41
CA ALA A 17 -5.71 35.70 16.53
C ALA A 17 -4.81 36.25 15.45
N PRO A 18 -5.40 36.82 14.39
CA PRO A 18 -4.60 37.38 13.31
C PRO A 18 -3.68 38.48 13.85
N LEU A 19 -2.62 38.78 13.12
CA LEU A 19 -1.68 39.83 13.52
C LEU A 19 -2.28 41.22 13.27
N LYS A 20 -3.08 41.32 12.20
CA LYS A 20 -3.76 42.57 11.86
C LYS A 20 -5.13 42.66 12.54
N LYS A 21 -5.68 43.86 12.65
CA LYS A 21 -6.99 44.05 13.29
C LYS A 21 -8.09 43.28 12.58
N ILE A 22 -9.02 42.72 13.35
CA ILE A 22 -10.13 41.95 12.80
C ILE A 22 -10.83 42.60 11.60
N PRO A 23 -11.26 43.86 11.74
CA PRO A 23 -11.94 44.54 10.62
C PRO A 23 -11.10 44.72 9.37
N GLU A 24 -9.83 44.31 9.43
CA GLU A 24 -8.92 44.43 8.30
C GLU A 24 -8.76 43.08 7.59
N VAL A 25 -9.11 42.00 8.28
CA VAL A 25 -9.01 40.66 7.71
C VAL A 25 -10.38 39.96 7.59
N THR A 26 -11.41 40.59 8.15
CA THR A 26 -12.78 40.06 8.12
C THR A 26 -13.67 41.12 8.77
N ASN A 27 -14.79 40.73 9.36
CA ASN A 27 -15.65 41.70 10.06
C ASN A 27 -16.12 41.10 11.38
N TRP A 28 -16.53 41.97 12.30
CA TRP A 28 -16.96 41.54 13.63
C TRP A 28 -18.00 40.44 13.69
N GLU A 29 -19.05 40.57 12.88
CA GLU A 29 -20.12 39.57 12.84
C GLU A 29 -19.57 38.19 12.48
N THR A 30 -18.68 38.15 11.49
CA THR A 30 -18.08 36.89 11.08
C THR A 30 -17.09 36.39 12.13
N PHE A 31 -16.33 37.31 12.71
CA PHE A 31 -15.37 36.96 13.75
C PHE A 31 -16.11 36.18 14.84
N GLU A 32 -17.28 36.68 15.23
CA GLU A 32 -18.07 36.01 16.26
C GLU A 32 -18.48 34.61 15.83
N ASN A 33 -18.85 34.47 14.56
CA ASN A 33 -19.24 33.15 14.03
C ASN A 33 -18.05 32.20 14.07
N ASP A 34 -16.87 32.73 13.76
CA ASP A 34 -15.63 31.95 13.78
C ASP A 34 -15.30 31.47 15.19
N LEU A 35 -15.45 32.36 16.18
CA LEU A 35 -15.18 32.03 17.58
C LEU A 35 -16.05 30.91 18.11
N ARG A 36 -17.32 30.91 17.70
CA ARG A 36 -18.25 29.86 18.13
C ARG A 36 -17.83 28.53 17.49
N TRP A 37 -17.32 28.61 16.27
CA TRP A 37 -16.85 27.45 15.53
C TRP A 37 -15.56 26.92 16.16
N ALA A 38 -14.68 27.83 16.55
CA ALA A 38 -13.41 27.46 17.18
C ALA A 38 -13.70 26.76 18.51
N LYS A 39 -14.65 27.32 19.25
CA LYS A 39 -15.08 26.80 20.53
C LYS A 39 -15.60 25.38 20.34
N GLN A 40 -16.30 25.18 19.24
CA GLN A 40 -16.89 23.88 18.90
C GLN A 40 -15.79 22.85 18.67
N ASN A 41 -14.61 23.30 18.26
CA ASN A 41 -13.49 22.40 18.01
C ASN A 41 -12.49 22.24 19.15
N GLY A 42 -12.93 22.51 20.37
CA GLY A 42 -12.05 22.34 21.52
C GLY A 42 -11.26 23.54 22.03
N PHE A 43 -11.26 24.65 21.31
CA PHE A 43 -10.54 25.84 21.76
C PHE A 43 -11.28 26.52 22.93
N TYR A 44 -10.52 26.89 23.94
CA TYR A 44 -11.03 27.51 25.15
C TYR A 44 -10.98 29.04 25.11
N ALA A 45 -9.92 29.58 24.55
CA ALA A 45 -9.75 31.02 24.48
C ALA A 45 -8.92 31.45 23.28
N ILE A 46 -9.03 32.73 22.95
CA ILE A 46 -8.30 33.31 21.82
C ILE A 46 -7.21 34.24 22.36
N THR A 47 -5.97 34.05 21.94
CA THR A 47 -4.90 34.92 22.41
C THR A 47 -4.71 36.00 21.35
N VAL A 48 -4.55 37.23 21.81
CA VAL A 48 -4.44 38.35 20.88
C VAL A 48 -3.39 39.40 21.26
N ASP A 49 -2.69 39.90 20.24
CA ASP A 49 -1.67 40.92 20.43
C ASP A 49 -2.33 42.28 20.43
N PHE A 50 -2.10 43.03 21.49
CA PHE A 50 -2.62 44.38 21.57
C PHE A 50 -1.32 45.20 21.49
N TRP A 51 -1.08 45.76 20.31
CA TRP A 51 0.14 46.50 20.06
C TRP A 51 0.32 47.82 20.76
N TRP A 52 1.49 48.00 21.37
CA TRP A 52 1.83 49.23 22.07
C TRP A 52 1.75 50.40 21.09
N GLY A 53 2.20 50.17 19.87
CA GLY A 53 2.16 51.22 18.86
C GLY A 53 0.75 51.67 18.52
N ASP A 54 -0.25 50.85 18.84
CA ASP A 54 -1.65 51.20 18.59
C ASP A 54 -2.26 51.92 19.80
N MET A 55 -2.01 51.35 20.98
CA MET A 55 -2.55 51.85 22.23
C MET A 55 -2.03 53.16 22.83
N GLU A 56 -0.84 53.61 22.46
CA GLU A 56 -0.26 54.84 23.01
C GLU A 56 0.56 55.50 21.90
N LYS A 57 -0.04 55.51 20.71
CA LYS A 57 0.55 56.02 19.48
C LYS A 57 0.99 57.48 19.41
N ASN A 58 0.01 58.37 19.50
CA ASN A 58 0.26 59.80 19.39
C ASN A 58 1.15 60.46 20.44
N GLY A 59 1.19 59.92 21.65
CA GLY A 59 2.03 60.52 22.67
C GLY A 59 1.92 59.91 24.04
N ASP A 60 2.81 60.33 24.94
CA ASP A 60 2.84 59.83 26.30
C ASP A 60 1.48 60.02 26.98
N GLN A 61 0.92 58.92 27.44
CA GLN A 61 -0.36 58.88 28.13
C GLN A 61 -1.55 59.23 27.22
N GLN A 62 -1.32 59.20 25.91
CA GLN A 62 -2.39 59.47 24.95
C GLN A 62 -2.87 58.09 24.49
N PHE A 63 -3.60 57.43 25.39
CA PHE A 63 -4.12 56.08 25.17
C PHE A 63 -5.32 55.94 24.25
N ASP A 64 -5.45 54.77 23.65
CA ASP A 64 -6.56 54.44 22.75
C ASP A 64 -6.84 52.95 22.87
N PHE A 65 -7.60 52.57 23.88
CA PHE A 65 -7.94 51.16 24.10
C PHE A 65 -9.25 50.79 23.45
N SER A 66 -9.75 51.64 22.58
CA SER A 66 -11.02 51.36 21.91
C SER A 66 -11.03 50.02 21.16
N TYR A 67 -10.00 49.74 20.36
CA TYR A 67 -9.95 48.48 19.62
C TYR A 67 -9.99 47.28 20.58
N ALA A 68 -9.20 47.35 21.65
CA ALA A 68 -9.14 46.30 22.63
C ALA A 68 -10.49 46.02 23.30
N GLN A 69 -11.25 47.08 23.54
CA GLN A 69 -12.57 46.95 24.17
C GLN A 69 -13.57 46.37 23.18
N ARG A 70 -13.50 46.82 21.93
CA ARG A 70 -14.39 46.35 20.90
C ARG A 70 -14.15 44.85 20.66
N PHE A 71 -12.89 44.46 20.62
CA PHE A 71 -12.50 43.06 20.43
C PHE A 71 -13.10 42.24 21.56
N ALA A 72 -12.92 42.73 22.78
CA ALA A 72 -13.43 42.06 23.98
C ALA A 72 -14.95 41.89 23.97
N GLN A 73 -15.67 42.84 23.37
CA GLN A 73 -17.12 42.75 23.31
C GLN A 73 -17.56 41.59 22.40
N SER A 74 -16.90 41.44 21.27
CA SER A 74 -17.23 40.35 20.35
C SER A 74 -16.89 39.00 20.96
N VAL A 75 -15.86 38.95 21.78
CA VAL A 75 -15.48 37.71 22.45
C VAL A 75 -16.62 37.36 23.42
N LYS A 76 -17.05 38.35 24.19
CA LYS A 76 -18.15 38.14 25.14
C LYS A 76 -19.40 37.72 24.38
N ASN A 77 -19.65 38.35 23.24
CA ASN A 77 -20.82 38.02 22.42
C ASN A 77 -20.77 36.56 21.97
N ALA A 78 -19.63 36.14 21.42
CA ALA A 78 -19.42 34.76 20.94
C ALA A 78 -19.36 33.73 22.06
N GLY A 79 -19.34 34.20 23.31
CA GLY A 79 -19.31 33.30 24.45
C GLY A 79 -17.98 32.59 24.64
N MET A 80 -16.89 33.32 24.43
CA MET A 80 -15.55 32.77 24.55
C MET A 80 -14.73 33.57 25.55
N LYS A 81 -13.47 33.20 25.71
CA LYS A 81 -12.59 33.91 26.62
C LYS A 81 -11.38 34.35 25.81
N MET A 82 -10.60 35.26 26.37
CA MET A 82 -9.42 35.75 25.67
C MET A 82 -8.23 35.83 26.59
N ILE A 83 -7.05 35.89 25.97
CA ILE A 83 -5.78 35.99 26.67
C ILE A 83 -5.07 37.11 25.93
N PRO A 84 -5.17 38.34 26.44
CA PRO A 84 -4.48 39.44 25.75
C PRO A 84 -2.98 39.40 25.93
N ILE A 85 -2.26 39.92 24.94
CA ILE A 85 -0.82 39.99 25.00
C ILE A 85 -0.49 41.48 24.94
N ILE A 86 0.08 42.02 26.01
CA ILE A 86 0.46 43.42 26.04
C ILE A 86 1.73 43.48 25.21
N SER A 87 1.57 43.64 23.90
CA SER A 87 2.72 43.64 23.00
C SER A 87 3.53 44.91 22.90
N THR A 88 4.49 45.02 23.80
CA THR A 88 5.42 46.14 23.85
C THR A 88 6.59 45.91 22.87
N HIS A 89 6.30 45.20 21.77
CA HIS A 89 7.30 44.92 20.75
C HIS A 89 6.69 45.26 19.39
N GLN A 90 7.55 45.48 18.40
CA GLN A 90 7.12 45.82 17.05
C GLN A 90 6.58 44.64 16.24
N CYS A 91 5.51 44.88 15.47
CA CYS A 91 4.94 43.84 14.62
C CYS A 91 5.56 44.11 13.27
N GLY A 92 6.15 43.08 12.68
CA GLY A 92 6.80 43.23 11.39
C GLY A 92 8.28 42.96 11.57
N GLY A 93 8.88 42.31 10.58
CA GLY A 93 10.30 42.00 10.64
C GLY A 93 10.68 40.60 11.14
N ASN A 94 9.73 39.90 11.74
CA ASN A 94 9.99 38.56 12.23
C ASN A 94 9.37 37.53 11.29
N VAL A 95 9.83 36.29 11.40
CA VAL A 95 9.34 35.21 10.54
C VAL A 95 7.83 35.08 10.59
N GLY A 96 7.18 35.36 9.47
CA GLY A 96 5.73 35.26 9.39
C GLY A 96 4.96 36.50 9.80
N ASP A 97 5.65 37.64 9.89
CA ASP A 97 4.99 38.88 10.27
C ASP A 97 4.31 39.62 9.12
N ASP A 98 3.00 39.47 9.04
CA ASP A 98 2.21 40.16 8.02
C ASP A 98 1.53 41.32 8.76
N CYS A 99 2.31 42.37 8.98
CA CYS A 99 1.87 43.56 9.70
C CYS A 99 3.03 44.54 9.71
N ASN A 100 2.78 45.73 10.25
CA ASN A 100 3.79 46.77 10.36
C ASN A 100 3.34 47.73 11.44
N VAL A 101 3.60 47.36 12.70
CA VAL A 101 3.22 48.18 13.83
C VAL A 101 4.38 48.38 14.78
N PRO A 102 5.17 49.45 14.56
CA PRO A 102 6.31 49.72 15.44
C PRO A 102 5.84 50.28 16.77
N ILE A 103 6.72 50.25 17.78
CA ILE A 103 6.36 50.79 19.09
C ILE A 103 6.30 52.32 18.89
N PRO A 104 5.62 53.06 19.78
CA PRO A 104 5.51 54.52 19.64
C PRO A 104 6.84 55.23 19.38
N SER A 105 6.85 56.07 18.35
CA SER A 105 8.06 56.80 17.98
C SER A 105 8.53 57.87 18.96
N TRP A 106 7.61 58.40 19.77
CA TRP A 106 7.97 59.43 20.75
C TRP A 106 8.85 58.81 21.86
N VAL A 107 8.73 57.50 22.05
CA VAL A 107 9.51 56.80 23.06
C VAL A 107 11.01 56.98 22.87
N TRP A 108 11.47 56.92 21.63
CA TRP A 108 12.89 57.05 21.34
C TRP A 108 13.44 58.43 21.72
N ASN A 109 12.56 59.43 21.73
CA ASN A 109 12.96 60.80 22.06
C ASN A 109 13.13 61.03 23.56
N GLN A 110 12.86 59.99 24.35
CA GLN A 110 12.98 60.07 25.80
C GLN A 110 14.42 60.05 26.30
N LYS A 111 15.34 59.53 25.49
CA LYS A 111 16.75 59.45 25.85
C LYS A 111 17.67 60.14 24.86
N SER A 112 18.76 60.68 25.37
CA SER A 112 19.76 61.37 24.55
C SER A 112 20.81 60.37 24.06
N ASP A 113 21.20 59.47 24.96
CA ASP A 113 22.19 58.43 24.67
C ASP A 113 21.57 57.25 23.89
N ASP A 114 22.29 56.13 23.86
CA ASP A 114 21.84 54.94 23.15
C ASP A 114 21.37 53.81 24.06
N SER A 115 20.85 54.18 25.22
CA SER A 115 20.38 53.22 26.20
C SER A 115 19.13 52.41 25.81
N LEU A 116 18.28 53.00 24.96
CA LEU A 116 17.02 52.36 24.57
C LEU A 116 17.05 51.23 23.53
N TYR A 117 17.98 51.28 22.58
CA TYR A 117 18.05 50.25 21.54
C TYR A 117 19.25 49.32 21.66
N PHE A 118 19.32 48.33 20.74
CA PHE A 118 20.39 47.34 20.71
C PHE A 118 21.34 47.59 19.54
N LYS A 119 22.56 47.06 19.68
CA LYS A 119 23.58 47.15 18.63
C LYS A 119 24.38 45.85 18.70
N SER A 120 24.51 45.17 17.56
CA SER A 120 25.23 43.90 17.51
C SER A 120 26.76 44.04 17.47
N GLU A 121 27.43 42.89 17.38
CA GLU A 121 28.90 42.83 17.33
C GLU A 121 29.41 43.62 16.13
N THR A 122 28.66 43.55 15.03
CA THR A 122 29.03 44.24 13.80
C THR A 122 28.44 45.64 13.65
N GLY A 123 27.74 46.12 14.67
CA GLY A 123 27.19 47.45 14.60
C GLY A 123 25.77 47.61 14.09
N THR A 124 25.05 46.51 13.94
CA THR A 124 23.66 46.59 13.48
C THR A 124 22.77 47.06 14.62
N VAL A 125 21.98 48.10 14.34
CA VAL A 125 21.07 48.67 15.33
C VAL A 125 19.69 48.02 15.25
N ASN A 126 19.17 47.64 16.41
CA ASN A 126 17.84 47.02 16.49
C ASN A 126 16.93 47.89 17.37
N LYS A 127 15.72 48.16 16.89
CA LYS A 127 14.76 48.98 17.62
C LYS A 127 13.35 48.38 17.66
N GLU A 128 13.26 47.06 17.62
CA GLU A 128 11.99 46.36 17.66
C GLU A 128 11.32 46.49 19.01
N THR A 129 12.13 46.60 20.05
CA THR A 129 11.63 46.68 21.41
C THR A 129 12.66 47.43 22.25
N LEU A 130 12.28 47.83 23.47
CA LEU A 130 13.20 48.56 24.36
C LEU A 130 14.25 47.67 25.02
N ASN A 131 15.47 48.17 25.07
CA ASN A 131 16.59 47.46 25.67
C ASN A 131 16.32 47.34 27.17
N PRO A 132 16.26 46.11 27.69
CA PRO A 132 16.00 45.84 29.11
C PRO A 132 16.91 46.62 30.06
N LEU A 133 18.05 47.07 29.54
CA LEU A 133 19.00 47.84 30.32
C LEU A 133 18.39 49.15 30.82
N ALA A 134 17.54 49.76 29.99
CA ALA A 134 16.88 51.01 30.34
C ALA A 134 15.67 50.73 31.26
N SER A 135 15.93 50.11 32.40
CA SER A 135 14.90 49.77 33.36
C SER A 135 14.08 50.96 33.86
N ASP A 136 14.69 52.15 33.90
CA ASP A 136 14.01 53.35 34.36
C ASP A 136 12.86 53.73 33.43
N VAL A 137 13.14 53.72 32.13
CA VAL A 137 12.17 54.04 31.09
C VAL A 137 11.11 52.94 31.09
N ILE A 138 11.58 51.69 31.18
CA ILE A 138 10.70 50.54 31.18
C ILE A 138 9.77 50.52 32.39
N ARG A 139 10.30 50.85 33.57
CA ARG A 139 9.48 50.88 34.77
C ARG A 139 8.36 51.92 34.59
N LYS A 140 8.71 53.10 34.08
CA LYS A 140 7.73 54.15 33.85
C LYS A 140 6.68 53.78 32.80
N GLU A 141 7.15 53.51 31.59
CA GLU A 141 6.26 53.20 30.48
C GLU A 141 5.41 51.94 30.59
N TYR A 142 6.01 50.84 31.04
CA TYR A 142 5.26 49.59 31.18
C TYR A 142 4.31 49.72 32.37
N GLY A 143 4.79 50.31 33.46
CA GLY A 143 3.95 50.48 34.62
C GLY A 143 2.71 51.25 34.24
N GLU A 144 2.92 52.33 33.48
CA GLU A 144 1.84 53.19 33.02
C GLU A 144 0.89 52.50 32.05
N LEU A 145 1.44 51.74 31.11
CA LEU A 145 0.64 51.03 30.14
C LEU A 145 -0.15 49.86 30.74
N TYR A 146 0.44 49.13 31.69
CA TYR A 146 -0.25 47.99 32.31
C TYR A 146 -1.39 48.48 33.18
N THR A 147 -1.13 49.54 33.94
CA THR A 147 -2.14 50.15 34.80
C THR A 147 -3.32 50.68 33.98
N ALA A 148 -3.01 51.40 32.91
CA ALA A 148 -4.05 51.96 32.04
C ALA A 148 -4.88 50.86 31.37
N PHE A 149 -4.21 49.78 30.94
CA PHE A 149 -4.86 48.65 30.29
C PHE A 149 -5.80 47.93 31.25
N ALA A 150 -5.38 47.78 32.50
CA ALA A 150 -6.18 47.12 33.52
C ALA A 150 -7.51 47.85 33.73
N ALA A 151 -7.43 49.17 33.84
CA ALA A 151 -8.59 50.04 34.03
C ALA A 151 -9.56 49.95 32.86
N ALA A 152 -9.03 50.00 31.65
CA ALA A 152 -9.84 49.91 30.45
C ALA A 152 -10.49 48.55 30.21
N MET A 153 -9.86 47.48 30.70
CA MET A 153 -10.42 46.14 30.52
C MET A 153 -11.21 45.64 31.74
N LYS A 154 -11.23 46.44 32.80
CA LYS A 154 -11.97 46.08 34.01
C LYS A 154 -13.42 45.62 33.72
N PRO A 155 -14.13 46.30 32.79
CA PRO A 155 -15.51 45.89 32.49
C PRO A 155 -15.63 44.48 31.90
N TYR A 156 -14.53 43.99 31.32
CA TYR A 156 -14.54 42.67 30.68
C TYR A 156 -13.74 41.62 31.44
N LYS A 157 -13.52 41.82 32.74
CA LYS A 157 -12.73 40.85 33.50
C LYS A 157 -13.21 39.41 33.37
N ASP A 158 -14.51 39.26 33.13
CA ASP A 158 -15.14 37.95 33.00
C ASP A 158 -14.72 37.13 31.77
N VAL A 159 -14.25 37.77 30.71
CA VAL A 159 -13.81 37.04 29.52
C VAL A 159 -12.28 36.93 29.43
N ILE A 160 -11.58 37.37 30.47
CA ILE A 160 -10.13 37.30 30.46
C ILE A 160 -9.64 36.10 31.25
N ALA A 161 -9.05 35.13 30.55
CA ALA A 161 -8.56 33.90 31.16
C ALA A 161 -7.13 33.97 31.68
N LYS A 162 -6.33 34.86 31.09
CA LYS A 162 -4.91 35.01 31.45
C LYS A 162 -4.33 36.21 30.72
N ILE A 163 -3.19 36.69 31.21
CA ILE A 163 -2.54 37.82 30.58
C ILE A 163 -1.07 37.51 30.28
N TYR A 164 -0.65 37.79 29.05
CA TYR A 164 0.74 37.57 28.64
C TYR A 164 1.45 38.91 28.52
N LEU A 165 2.70 38.94 28.95
CA LEU A 165 3.51 40.14 28.86
C LEU A 165 4.53 39.89 27.76
N SER A 166 5.04 40.96 27.16
CA SER A 166 6.04 40.84 26.12
C SER A 166 7.41 41.10 26.74
N GLY A 167 8.23 40.06 26.82
CA GLY A 167 9.56 40.20 27.39
C GLY A 167 10.62 40.66 26.41
N GLY A 168 10.24 40.88 25.17
CA GLY A 168 11.20 41.33 24.18
C GLY A 168 10.73 41.12 22.75
N PRO A 169 11.67 40.90 21.81
CA PRO A 169 11.40 40.68 20.38
C PRO A 169 10.41 39.54 20.18
N ALA A 170 9.42 39.76 19.31
CA ALA A 170 8.38 38.76 19.01
C ALA A 170 7.65 38.31 20.27
N GLY A 171 7.62 39.16 21.29
CA GLY A 171 6.93 38.82 22.53
C GLY A 171 7.61 37.76 23.36
N GLU A 172 8.90 37.56 23.13
CA GLU A 172 9.67 36.56 23.87
C GLU A 172 10.82 37.21 24.63
N LEU A 173 11.11 36.68 25.82
CA LEU A 173 12.20 37.18 26.64
C LEU A 173 13.55 36.74 26.06
N ARG A 174 14.15 37.59 25.23
CA ARG A 174 15.43 37.29 24.59
C ARG A 174 16.01 38.56 23.98
N TYR A 175 17.19 38.41 23.41
CA TYR A 175 17.86 39.51 22.71
C TYR A 175 17.54 39.30 21.22
N PRO A 176 17.54 40.39 20.44
CA PRO A 176 17.25 40.28 19.00
C PRO A 176 18.53 39.81 18.28
N SER A 177 19.01 38.64 18.68
CA SER A 177 20.24 38.07 18.13
C SER A 177 20.16 37.43 16.75
N TYR A 178 18.97 36.99 16.33
CA TYR A 178 18.84 36.39 15.02
C TYR A 178 17.95 37.16 14.06
N THR A 179 18.57 38.01 13.25
CA THR A 179 17.84 38.84 12.29
C THR A 179 18.56 38.89 10.94
N THR A 180 17.79 38.96 9.87
CA THR A 180 18.30 39.02 8.52
C THR A 180 19.24 40.21 8.34
N SER A 181 18.82 41.36 8.84
CA SER A 181 19.61 42.59 8.77
C SER A 181 20.99 42.45 9.39
N ASP A 182 21.06 41.66 10.46
CA ASP A 182 22.32 41.42 11.15
C ASP A 182 23.03 40.20 10.57
N GLY A 183 22.37 39.56 9.59
CA GLY A 183 22.93 38.38 8.96
C GLY A 183 23.01 37.21 9.92
N THR A 184 22.10 37.18 10.88
CA THR A 184 22.09 36.13 11.89
C THR A 184 20.84 35.26 11.90
N GLY A 185 20.08 35.29 10.81
CA GLY A 185 18.89 34.48 10.73
C GLY A 185 19.21 33.00 10.77
N TYR A 186 18.18 32.18 10.92
CA TYR A 186 18.32 30.73 10.96
C TYR A 186 18.98 30.20 9.68
N PRO A 187 19.86 29.20 9.79
CA PRO A 187 20.31 28.55 11.03
C PRO A 187 21.67 29.05 11.51
N SER A 188 22.06 30.25 11.06
CA SER A 188 23.35 30.87 11.43
C SER A 188 23.52 31.08 12.92
N ARG A 189 24.77 31.27 13.35
CA ARG A 189 25.04 31.50 14.76
C ARG A 189 24.52 32.91 15.04
N GLY A 190 24.16 33.18 16.28
CA GLY A 190 23.67 34.49 16.62
C GLY A 190 24.77 35.47 17.00
N LYS A 191 24.41 36.74 17.13
CA LYS A 191 25.37 37.76 17.52
C LYS A 191 24.94 38.37 18.84
N PHE A 192 25.92 38.71 19.67
CA PHE A 192 25.64 39.32 20.95
C PHE A 192 25.16 40.74 20.69
N GLN A 193 24.20 41.18 21.49
CA GLN A 193 23.60 42.49 21.35
C GLN A 193 23.91 43.40 22.53
N ALA A 194 25.19 43.54 22.86
CA ALA A 194 25.58 44.40 23.97
C ALA A 194 26.65 45.40 23.55
N TYR A 195 26.55 45.86 22.30
CA TYR A 195 27.54 46.78 21.78
C TYR A 195 27.21 48.27 21.69
N THR A 196 26.31 48.72 22.55
CA THR A 196 25.99 50.14 22.60
C THR A 196 26.93 50.64 23.69
N GLU A 197 27.24 51.94 23.67
CA GLU A 197 28.10 52.48 24.70
C GLU A 197 27.44 52.24 26.07
N PHE A 198 26.11 52.31 26.10
CA PHE A 198 25.38 52.10 27.35
C PHE A 198 25.61 50.68 27.90
N ALA A 199 25.55 49.70 27.01
CA ALA A 199 25.76 48.30 27.39
C ALA A 199 27.18 48.09 27.91
N LYS A 200 28.16 48.71 27.24
CA LYS A 200 29.56 48.59 27.67
C LYS A 200 29.76 49.14 29.09
N SER A 201 29.23 50.33 29.36
CA SER A 201 29.35 50.94 30.69
C SER A 201 28.73 50.06 31.77
N LYS A 202 27.56 49.49 31.46
CA LYS A 202 26.84 48.64 32.40
C LYS A 202 27.61 47.39 32.76
N PHE A 203 28.20 46.74 31.76
CA PHE A 203 28.98 45.52 32.01
C PHE A 203 30.17 45.89 32.87
N ARG A 204 30.87 46.95 32.47
CA ARG A 204 32.04 47.43 33.19
C ARG A 204 31.75 47.71 34.67
N LEU A 205 30.68 48.45 34.94
CA LEU A 205 30.30 48.79 36.32
C LEU A 205 29.85 47.56 37.09
N TRP A 206 29.26 46.61 36.37
CA TRP A 206 28.80 45.35 36.96
C TRP A 206 30.02 44.53 37.42
N VAL A 207 31.06 44.52 36.58
CA VAL A 207 32.31 43.80 36.86
C VAL A 207 33.05 44.41 38.06
N LEU A 208 33.28 45.72 38.00
CA LEU A 208 33.97 46.43 39.07
C LEU A 208 33.20 46.35 40.38
N ASN A 209 31.88 46.15 40.29
CA ASN A 209 31.07 46.05 41.50
C ASN A 209 31.29 44.68 42.13
N LYS A 210 31.40 43.67 41.28
CA LYS A 210 31.60 42.30 41.74
C LYS A 210 32.98 42.12 42.40
N TYR A 211 34.00 42.71 41.80
CA TYR A 211 35.38 42.59 42.30
C TYR A 211 35.95 43.77 43.09
N GLY A 212 35.44 44.96 42.86
CA GLY A 212 35.94 46.12 43.56
C GLY A 212 36.87 46.98 42.72
N SER A 213 37.96 46.38 42.26
CA SER A 213 38.95 47.09 41.46
C SER A 213 39.54 46.24 40.33
N LEU A 214 40.16 46.91 39.37
CA LEU A 214 40.75 46.24 38.22
C LEU A 214 41.82 45.24 38.63
N ASN A 215 42.50 45.52 39.74
CA ASN A 215 43.53 44.63 40.23
C ASN A 215 42.93 43.30 40.66
N GLU A 216 41.71 43.33 41.17
CA GLU A 216 41.02 42.12 41.57
C GLU A 216 40.43 41.44 40.35
N VAL A 217 39.94 42.24 39.40
CA VAL A 217 39.36 41.70 38.16
C VAL A 217 40.42 40.87 37.44
N ASN A 218 41.60 41.45 37.26
CA ASN A 218 42.72 40.77 36.62
C ASN A 218 43.11 39.49 37.37
N LYS A 219 43.09 39.54 38.70
CA LYS A 219 43.41 38.36 39.51
C LYS A 219 42.41 37.23 39.25
N ALA A 220 41.13 37.58 39.19
CA ALA A 220 40.05 36.61 38.96
C ALA A 220 40.02 36.08 37.54
N TRP A 221 40.25 36.95 36.56
CA TRP A 221 40.25 36.55 35.15
C TRP A 221 41.60 36.06 34.65
N GLY A 222 42.65 36.27 35.44
CA GLY A 222 43.98 35.86 35.03
C GLY A 222 44.41 36.68 33.82
N THR A 223 43.93 37.91 33.76
CA THR A 223 44.22 38.81 32.65
C THR A 223 45.19 39.91 33.03
N LYS A 224 45.51 40.76 32.05
CA LYS A 224 46.41 41.88 32.27
C LYS A 224 45.84 43.14 31.63
N LEU A 225 44.69 43.58 32.10
CA LEU A 225 44.06 44.79 31.60
C LEU A 225 44.74 45.96 32.30
N ILE A 226 45.19 46.93 31.51
CA ILE A 226 45.88 48.09 32.07
C ILE A 226 44.93 49.10 32.70
N SER A 227 43.83 49.41 32.01
CA SER A 227 42.85 50.37 32.52
C SER A 227 41.47 49.74 32.63
N GLU A 228 40.55 50.47 33.24
CA GLU A 228 39.18 49.98 33.41
C GLU A 228 38.38 50.00 32.11
N LEU A 229 38.75 50.91 31.20
CA LEU A 229 38.08 51.02 29.91
C LEU A 229 38.32 49.78 29.05
N ALA A 230 39.23 48.92 29.49
CA ALA A 230 39.55 47.70 28.74
C ALA A 230 38.55 46.60 29.01
N ILE A 231 37.74 46.78 30.06
CA ILE A 231 36.71 45.81 30.41
C ILE A 231 35.59 46.04 29.40
N LEU A 232 35.48 45.13 28.45
CA LEU A 232 34.48 45.23 27.39
C LEU A 232 33.88 43.87 27.06
N PRO A 233 32.82 43.86 26.23
CA PRO A 233 32.19 42.59 25.83
C PRO A 233 33.07 41.89 24.78
N PRO A 234 32.79 40.60 24.47
CA PRO A 234 33.55 39.81 23.49
C PRO A 234 33.89 40.53 22.20
N SER A 235 35.18 40.68 21.93
CA SER A 235 35.60 41.34 20.68
C SER A 235 35.33 40.42 19.49
N ASP A 236 35.35 39.12 19.72
CA ASP A 236 35.10 38.15 18.67
C ASP A 236 34.07 37.16 19.18
N GLY A 237 32.84 37.28 18.67
CA GLY A 237 31.77 36.41 19.08
C GLY A 237 31.97 34.95 18.79
N GLU A 238 32.37 34.63 17.57
CA GLU A 238 32.61 33.25 17.17
C GLU A 238 33.73 32.64 18.01
N GLN A 239 34.80 33.40 18.20
CA GLN A 239 35.92 32.90 18.99
C GLN A 239 35.47 32.73 20.43
N PHE A 240 34.63 33.64 20.90
CA PHE A 240 34.10 33.58 22.27
C PHE A 240 33.27 32.30 22.43
N LEU A 241 32.47 31.99 21.42
CA LEU A 241 31.62 30.80 21.40
C LEU A 241 32.46 29.53 21.22
N MET A 242 33.64 29.67 20.64
CA MET A 242 34.53 28.54 20.45
C MET A 242 35.24 28.12 21.72
N ASN A 243 35.75 29.10 22.48
CA ASN A 243 36.44 28.79 23.73
C ASN A 243 36.37 29.87 24.82
N GLY A 244 36.22 31.12 24.40
CA GLY A 244 36.15 32.22 25.36
C GLY A 244 35.16 32.01 26.48
N TYR A 245 34.02 31.40 26.15
CA TYR A 245 32.97 31.16 27.14
C TYR A 245 33.41 30.30 28.30
N LEU A 246 34.53 29.60 28.17
CA LEU A 246 35.06 28.72 29.23
C LEU A 246 35.89 29.44 30.29
N SER A 247 36.43 30.60 29.95
CA SER A 247 37.25 31.38 30.87
C SER A 247 36.43 32.05 31.95
N MET A 248 37.10 32.57 32.98
CA MET A 248 36.41 33.27 34.07
C MET A 248 35.72 34.52 33.53
N TYR A 249 36.35 35.15 32.53
CA TYR A 249 35.79 36.33 31.88
C TYR A 249 34.52 35.89 31.18
N GLY A 250 34.63 34.81 30.41
CA GLY A 250 33.50 34.27 29.67
C GLY A 250 32.33 33.90 30.57
N LYS A 251 32.62 33.25 31.68
CA LYS A 251 31.58 32.88 32.63
C LYS A 251 30.92 34.14 33.18
N ASP A 252 31.73 35.15 33.50
CA ASP A 252 31.23 36.42 34.03
C ASP A 252 30.36 37.23 33.07
N TYR A 253 30.81 37.36 31.82
CA TYR A 253 30.06 38.11 30.83
C TYR A 253 28.70 37.46 30.58
N LEU A 254 28.67 36.14 30.48
CA LEU A 254 27.43 35.41 30.23
C LEU A 254 26.49 35.52 31.42
N GLU A 255 27.06 35.63 32.61
CA GLU A 255 26.26 35.79 33.81
C GLU A 255 25.52 37.12 33.75
N TRP A 256 26.24 38.18 33.42
CA TRP A 256 25.68 39.52 33.30
C TRP A 256 24.64 39.60 32.16
N TYR A 257 25.04 39.12 30.99
CA TYR A 257 24.20 39.12 29.79
C TYR A 257 22.82 38.51 30.05
N GLN A 258 22.80 37.30 30.61
CA GLN A 258 21.54 36.63 30.91
C GLN A 258 20.86 37.30 32.10
N GLY A 259 21.67 37.74 33.06
CA GLY A 259 21.15 38.41 34.24
C GLY A 259 20.26 39.59 33.90
N ILE A 260 20.60 40.33 32.85
CA ILE A 260 19.80 41.47 32.41
C ILE A 260 18.37 40.99 32.11
N LEU A 261 18.25 39.80 31.53
CA LEU A 261 16.94 39.21 31.21
C LEU A 261 16.22 38.74 32.45
N GLU A 262 16.96 38.23 33.43
CA GLU A 262 16.36 37.75 34.67
C GLU A 262 15.77 38.91 35.44
N ASN A 263 16.51 40.02 35.49
CA ASN A 263 16.04 41.23 36.20
C ASN A 263 14.81 41.78 35.48
N HIS A 264 14.88 41.83 34.15
CA HIS A 264 13.76 42.31 33.34
C HIS A 264 12.52 41.50 33.71
N THR A 265 12.66 40.17 33.74
CA THR A 265 11.56 39.28 34.09
C THR A 265 10.98 39.67 35.46
N LYS A 266 11.85 39.83 36.45
CA LYS A 266 11.41 40.21 37.79
C LYS A 266 10.71 41.58 37.79
N LEU A 267 11.20 42.51 36.96
CA LEU A 267 10.62 43.83 36.87
C LEU A 267 9.22 43.84 36.23
N ILE A 268 9.11 43.41 34.98
CA ILE A 268 7.79 43.41 34.31
C ILE A 268 6.79 42.52 35.04
N GLY A 269 7.30 41.53 35.77
CA GLY A 269 6.44 40.66 36.53
C GLY A 269 5.85 41.37 37.72
N GLU A 270 6.63 42.21 38.40
CA GLU A 270 6.13 42.93 39.57
C GLU A 270 5.14 44.02 39.15
N LEU A 271 5.42 44.65 38.01
CA LEU A 271 4.56 45.70 37.48
C LEU A 271 3.22 45.09 37.07
N ALA A 272 3.28 43.92 36.43
CA ALA A 272 2.09 43.23 35.97
C ALA A 272 1.20 42.77 37.12
N HIS A 273 1.81 42.15 38.13
CA HIS A 273 1.06 41.67 39.29
C HIS A 273 0.41 42.82 40.06
N ASN A 274 1.13 43.92 40.22
CA ASN A 274 0.59 45.09 40.91
C ASN A 274 -0.58 45.66 40.12
N ALA A 275 -0.45 45.67 38.81
CA ALA A 275 -1.47 46.21 37.93
C ALA A 275 -2.74 45.36 37.76
N PHE A 276 -2.55 44.05 37.61
CA PHE A 276 -3.66 43.15 37.35
C PHE A 276 -4.22 42.25 38.45
N ASP A 277 -3.42 41.93 39.46
CA ASP A 277 -3.87 40.99 40.50
C ASP A 277 -5.17 41.18 41.27
N THR A 278 -5.41 42.40 41.76
CA THR A 278 -6.63 42.68 42.53
C THR A 278 -7.89 42.65 41.69
N THR A 279 -7.82 43.25 40.50
CA THR A 279 -8.96 43.32 39.60
C THR A 279 -9.28 42.05 38.81
N PHE A 280 -8.25 41.36 38.31
CA PHE A 280 -8.50 40.18 37.51
C PHE A 280 -8.24 38.83 38.17
N GLN A 281 -7.25 38.77 39.06
CA GLN A 281 -6.93 37.52 39.74
C GLN A 281 -6.66 36.36 38.76
N VAL A 282 -6.02 36.66 37.65
CA VAL A 282 -5.71 35.63 36.66
C VAL A 282 -4.22 35.40 36.57
N PRO A 283 -3.82 34.26 35.98
CA PRO A 283 -2.40 33.92 35.82
C PRO A 283 -1.74 34.87 34.82
N ILE A 284 -0.48 35.18 35.06
CA ILE A 284 0.27 36.06 34.18
C ILE A 284 1.46 35.22 33.68
N GLY A 285 1.72 35.29 32.39
CA GLY A 285 2.81 34.52 31.82
C GLY A 285 3.69 35.28 30.87
N ALA A 286 4.82 34.67 30.52
CA ALA A 286 5.78 35.24 29.60
C ALA A 286 6.34 34.08 28.77
N LYS A 287 7.00 34.39 27.67
CA LYS A 287 7.52 33.37 26.77
C LYS A 287 9.03 33.34 26.58
N ILE A 288 9.56 32.13 26.42
CA ILE A 288 10.98 31.89 26.17
C ILE A 288 10.98 31.33 24.75
N ALA A 289 11.81 31.89 23.87
CA ALA A 289 11.88 31.43 22.49
C ALA A 289 12.65 30.12 22.31
N GLY A 290 12.24 29.33 21.32
CA GLY A 290 12.91 28.08 21.04
C GLY A 290 14.03 28.26 20.02
N VAL A 291 15.23 28.58 20.48
CA VAL A 291 16.37 28.76 19.61
C VAL A 291 17.04 27.38 19.48
N HIS A 292 16.51 26.58 18.55
CA HIS A 292 16.98 25.21 18.38
C HIS A 292 18.18 24.93 17.46
N TRP A 293 18.55 25.89 16.61
CA TRP A 293 19.68 25.69 15.71
C TRP A 293 21.03 25.93 16.41
N GLN A 294 22.08 25.30 15.89
CA GLN A 294 23.43 25.39 16.44
C GLN A 294 23.52 24.86 17.86
N TYR A 295 22.56 24.01 18.21
CA TYR A 295 22.47 23.42 19.53
C TYR A 295 23.62 22.45 19.83
N ASN A 296 23.79 21.45 18.97
CA ASN A 296 24.83 20.44 19.16
C ASN A 296 26.02 20.61 18.23
N ASN A 297 26.34 21.86 17.88
CA ASN A 297 27.49 22.12 17.04
C ASN A 297 28.71 21.79 17.90
N PRO A 298 29.69 21.05 17.35
CA PRO A 298 30.89 20.67 18.11
C PRO A 298 31.85 21.84 18.32
N THR A 299 31.92 22.72 17.33
CA THR A 299 32.78 23.89 17.35
C THR A 299 32.20 25.02 18.21
N ILE A 300 30.97 25.43 17.91
CA ILE A 300 30.29 26.49 18.66
C ILE A 300 29.05 25.91 19.34
N PRO A 301 29.24 25.36 20.55
CA PRO A 301 28.16 24.75 21.34
C PRO A 301 27.06 25.75 21.68
N HIS A 302 25.85 25.50 21.16
CA HIS A 302 24.71 26.38 21.42
C HIS A 302 25.02 27.78 20.89
N GLY A 303 25.54 27.85 19.67
CA GLY A 303 25.91 29.13 19.08
C GLY A 303 24.80 30.08 18.70
N ALA A 304 23.56 29.67 18.93
CA ALA A 304 22.43 30.51 18.63
C ALA A 304 21.70 30.90 19.93
N GLU A 305 21.69 29.99 20.90
CA GLU A 305 21.04 30.21 22.20
C GLU A 305 21.77 31.22 23.08
N LYS A 306 23.10 31.11 23.13
CA LYS A 306 23.89 32.01 23.95
C LYS A 306 23.72 33.48 23.55
N PRO A 307 23.83 33.81 22.25
CA PRO A 307 23.66 35.20 21.82
C PRO A 307 22.24 35.74 22.10
N ALA A 308 21.28 34.82 22.23
CA ALA A 308 19.90 35.19 22.52
C ALA A 308 19.70 35.43 24.01
N GLY A 309 20.73 35.09 24.79
CA GLY A 309 20.69 35.29 26.22
C GLY A 309 20.41 34.05 27.04
N TYR A 310 20.26 32.91 26.39
CA TYR A 310 19.98 31.65 27.09
C TYR A 310 21.25 30.84 27.35
N ASN A 311 21.88 31.08 28.49
CA ASN A 311 23.09 30.33 28.85
C ASN A 311 22.77 29.22 29.85
N ASP A 312 22.04 29.56 30.91
CA ASP A 312 21.64 28.60 31.95
C ASP A 312 20.11 28.62 32.13
N TYR A 313 19.42 27.68 31.47
CA TYR A 313 17.97 27.59 31.53
C TYR A 313 17.43 27.43 32.94
N SER A 314 18.10 26.62 33.75
CA SER A 314 17.68 26.40 35.12
C SER A 314 17.67 27.72 35.91
N HIS A 315 18.73 28.50 35.76
CA HIS A 315 18.81 29.78 36.45
C HIS A 315 17.78 30.75 35.88
N LEU A 316 17.54 30.67 34.57
CA LEU A 316 16.58 31.53 33.88
C LEU A 316 15.15 31.23 34.36
N LEU A 317 14.84 29.96 34.59
CA LEU A 317 13.50 29.59 35.05
C LEU A 317 13.27 29.99 36.51
N ASP A 318 14.35 30.05 37.29
CA ASP A 318 14.23 30.47 38.68
C ASP A 318 13.70 31.90 38.72
N ALA A 319 14.08 32.70 37.74
CA ALA A 319 13.65 34.10 37.65
C ALA A 319 12.13 34.18 37.41
N PHE A 320 11.59 33.26 36.60
CA PHE A 320 10.15 33.20 36.31
C PHE A 320 9.40 32.80 37.58
N LYS A 321 9.96 31.84 38.30
CA LYS A 321 9.36 31.36 39.54
C LYS A 321 9.25 32.49 40.56
N SER A 322 10.33 33.26 40.71
CA SER A 322 10.34 34.39 41.65
C SER A 322 9.34 35.48 41.24
N ALA A 323 9.32 35.81 39.96
CA ALA A 323 8.42 36.82 39.43
C ALA A 323 6.97 36.35 39.41
N LYS A 324 6.76 35.07 39.73
CA LYS A 324 5.44 34.47 39.75
C LYS A 324 4.78 34.53 38.38
N LEU A 325 5.54 34.14 37.36
CA LEU A 325 5.08 34.14 35.99
C LEU A 325 5.06 32.72 35.44
N ASP A 326 4.01 32.41 34.68
CA ASP A 326 3.88 31.11 34.04
C ASP A 326 4.77 31.23 32.80
N VAL A 327 5.31 30.12 32.32
CA VAL A 327 6.20 30.17 31.17
C VAL A 327 5.65 29.45 29.94
N THR A 328 5.88 30.03 28.77
CA THR A 328 5.47 29.41 27.52
C THR A 328 6.70 29.13 26.66
N PHE A 329 6.76 27.94 26.10
CA PHE A 329 7.87 27.54 25.24
C PHE A 329 7.31 27.17 23.85
N THR A 330 8.14 27.26 22.83
CA THR A 330 7.67 26.93 21.48
C THR A 330 8.31 25.65 20.90
N CYS A 331 8.07 25.41 19.61
CA CYS A 331 8.63 24.27 18.88
C CYS A 331 8.15 22.86 19.21
N LEU A 332 6.96 22.72 19.81
CA LEU A 332 6.45 21.40 20.17
C LEU A 332 6.24 20.44 18.97
N GLU A 333 5.98 21.02 17.80
CA GLU A 333 5.73 20.22 16.59
C GLU A 333 6.95 19.60 15.92
N MET A 334 8.15 20.12 16.19
CA MET A 334 9.36 19.63 15.56
C MET A 334 10.08 18.49 16.27
N THR A 335 11.01 17.88 15.56
CA THR A 335 11.82 16.79 16.10
C THR A 335 13.30 17.06 15.87
N ASP A 336 14.16 16.34 16.60
CA ASP A 336 15.61 16.51 16.49
C ASP A 336 16.18 16.10 15.16
N LYS A 337 17.24 16.79 14.77
CA LYS A 337 17.97 16.53 13.55
C LYS A 337 19.45 16.48 13.95
N GLY A 338 19.90 17.53 14.61
CA GLY A 338 21.27 17.61 15.10
C GLY A 338 22.37 17.32 14.11
N SER A 339 22.14 17.63 12.84
CA SER A 339 23.13 17.39 11.81
C SER A 339 23.56 18.65 11.10
N TYR A 340 24.72 18.59 10.45
CA TYR A 340 25.26 19.72 9.71
C TYR A 340 24.31 20.08 8.56
N PRO A 341 24.21 21.38 8.22
CA PRO A 341 24.89 22.51 8.85
C PRO A 341 24.12 23.16 10.00
N GLU A 342 22.83 22.81 10.15
CA GLU A 342 21.96 23.39 11.19
C GLU A 342 22.18 22.99 12.65
N TYR A 343 22.46 21.71 12.90
CA TYR A 343 22.66 21.20 14.26
C TYR A 343 21.43 21.53 15.10
N SER A 344 20.27 21.26 14.51
CA SER A 344 18.97 21.53 15.11
C SER A 344 18.45 20.42 16.00
N MET A 345 18.32 20.71 17.29
CA MET A 345 17.82 19.73 18.26
C MET A 345 16.56 20.25 18.99
N PRO A 346 15.47 20.50 18.25
CA PRO A 346 14.21 21.01 18.81
C PRO A 346 13.60 20.16 19.93
N LYS A 347 13.35 18.88 19.65
CA LYS A 347 12.74 17.99 20.64
C LYS A 347 13.52 17.82 21.94
N THR A 348 14.85 17.84 21.85
CA THR A 348 15.69 17.70 23.03
C THR A 348 15.55 18.94 23.91
N LEU A 349 15.54 20.11 23.27
CA LEU A 349 15.40 21.38 23.99
C LEU A 349 14.12 21.38 24.81
N VAL A 350 13.00 21.16 24.13
CA VAL A 350 11.67 21.14 24.76
C VAL A 350 11.65 20.23 25.99
N GLN A 351 12.16 19.01 25.83
CA GLN A 351 12.19 18.05 26.92
C GLN A 351 13.00 18.59 28.09
N ASN A 352 14.08 19.31 27.79
CA ASN A 352 14.93 19.88 28.81
C ASN A 352 14.18 20.91 29.63
N ILE A 353 13.57 21.87 28.94
CA ILE A 353 12.81 22.94 29.59
C ILE A 353 11.67 22.34 30.40
N ALA A 354 10.90 21.45 29.77
CA ALA A 354 9.76 20.80 30.42
C ALA A 354 10.16 20.13 31.73
N THR A 355 11.30 19.45 31.71
CA THR A 355 11.81 18.78 32.92
C THR A 355 12.06 19.79 34.03
N LEU A 356 12.84 20.81 33.70
CA LEU A 356 13.18 21.87 34.65
C LEU A 356 11.94 22.56 35.20
N ALA A 357 11.03 22.93 34.30
CA ALA A 357 9.79 23.59 34.69
C ALA A 357 9.00 22.74 35.68
N ASN A 358 8.78 21.48 35.32
CA ASN A 358 8.03 20.60 36.19
C ASN A 358 8.77 20.35 37.51
N GLU A 359 10.10 20.34 37.45
CA GLU A 359 10.93 20.12 38.65
C GLU A 359 10.76 21.31 39.60
N LYS A 360 10.76 22.51 39.02
CA LYS A 360 10.63 23.76 39.77
C LYS A 360 9.18 24.10 40.15
N GLY A 361 8.24 23.31 39.62
CA GLY A 361 6.83 23.55 39.92
C GLY A 361 6.32 24.78 39.20
N ILE A 362 6.81 25.00 37.98
CA ILE A 362 6.40 26.13 37.16
C ILE A 362 5.37 25.63 36.14
N VAL A 363 4.27 26.37 35.96
CA VAL A 363 3.23 25.99 35.01
C VAL A 363 3.78 26.17 33.61
N LEU A 364 3.70 25.12 32.82
CA LEU A 364 4.24 25.15 31.46
C LEU A 364 3.18 25.15 30.35
N ASN A 365 3.44 25.94 29.32
CA ASN A 365 2.56 26.04 28.17
C ASN A 365 3.42 25.95 26.92
N GLY A 366 2.81 25.56 25.81
CA GLY A 366 3.56 25.45 24.58
C GLY A 366 2.82 26.02 23.40
N GLU A 367 3.56 26.25 22.32
CA GLU A 367 3.03 26.78 21.07
C GLU A 367 3.83 26.11 19.97
N ASN A 368 3.34 26.23 18.74
CA ASN A 368 4.05 25.68 17.58
C ASN A 368 4.84 26.84 17.00
N ALA A 369 6.00 26.52 16.45
CA ALA A 369 6.86 27.55 15.85
C ALA A 369 6.29 28.04 14.52
N LEU A 370 6.04 27.11 13.61
CA LEU A 370 5.52 27.45 12.29
C LEU A 370 4.12 26.91 12.07
N SER A 371 3.47 27.42 11.04
CA SER A 371 2.12 27.00 10.68
C SER A 371 2.10 25.52 10.37
N ILE A 372 1.21 24.80 11.03
CA ILE A 372 1.08 23.38 10.81
C ILE A 372 0.08 23.14 9.69
N GLY A 373 0.50 22.36 8.70
CA GLY A 373 -0.37 22.05 7.58
C GLY A 373 -0.56 20.54 7.43
N ASN A 374 -0.07 19.78 8.40
CA ASN A 374 -0.14 18.33 8.36
C ASN A 374 -0.44 17.77 9.75
N GLU A 375 -1.28 16.74 9.81
CA GLU A 375 -1.64 16.14 11.09
C GLU A 375 -0.49 15.40 11.76
N GLU A 376 0.54 15.05 10.98
CA GLU A 376 1.70 14.38 11.52
C GLU A 376 2.35 15.29 12.55
N GLU A 377 2.35 16.58 12.25
CA GLU A 377 2.92 17.59 13.16
C GLU A 377 2.05 17.70 14.40
N TYR A 378 0.73 17.60 14.23
CA TYR A 378 -0.22 17.69 15.36
C TYR A 378 0.06 16.55 16.31
N LYS A 379 0.37 15.39 15.74
CA LYS A 379 0.66 14.19 16.52
C LYS A 379 1.90 14.38 17.35
N ARG A 380 2.89 15.09 16.79
CA ARG A 380 4.13 15.38 17.49
C ARG A 380 3.88 16.30 18.69
N VAL A 381 3.04 17.32 18.48
CA VAL A 381 2.68 18.26 19.56
C VAL A 381 1.96 17.47 20.65
N ALA A 382 1.09 16.57 20.24
CA ALA A 382 0.32 15.74 21.17
C ALA A 382 1.24 14.93 22.06
N GLU A 383 2.26 14.29 21.49
CA GLU A 383 3.19 13.48 22.28
C GLU A 383 3.87 14.30 23.35
N MET A 384 4.30 15.50 22.99
CA MET A 384 4.97 16.37 23.94
C MET A 384 4.04 16.94 25.00
N ALA A 385 2.94 17.55 24.56
CA ALA A 385 1.98 18.18 25.46
C ALA A 385 1.35 17.25 26.49
N PHE A 386 0.92 16.06 26.06
CA PHE A 386 0.28 15.10 26.96
C PHE A 386 1.21 14.18 27.74
N ASN A 387 2.51 14.29 27.51
CA ASN A 387 3.48 13.45 28.23
C ASN A 387 4.43 14.27 29.09
N TYR A 388 4.63 15.53 28.73
CA TYR A 388 5.54 16.40 29.46
C TYR A 388 4.85 17.42 30.36
N ASN A 389 3.61 17.11 30.70
CA ASN A 389 2.79 17.90 31.62
C ASN A 389 2.49 19.37 31.26
N PHE A 390 2.25 19.64 29.99
CA PHE A 390 1.91 21.01 29.59
C PHE A 390 0.48 21.31 30.03
N ALA A 391 0.29 22.51 30.58
CA ALA A 391 -1.01 22.97 31.05
C ALA A 391 -1.82 23.55 29.91
N GLY A 392 -1.16 23.85 28.79
CA GLY A 392 -1.89 24.40 27.67
C GLY A 392 -1.10 24.47 26.38
N PHE A 393 -1.81 24.50 25.27
CA PHE A 393 -1.19 24.59 23.97
C PHE A 393 -1.89 25.63 23.11
N THR A 394 -1.11 26.55 22.55
CA THR A 394 -1.66 27.61 21.70
C THR A 394 -1.31 27.39 20.24
N LEU A 395 -2.33 27.38 19.39
CA LEU A 395 -2.13 27.19 17.96
C LEU A 395 -1.96 28.48 17.19
N LEU A 396 -0.88 28.54 16.41
CA LEU A 396 -0.57 29.66 15.57
C LEU A 396 -0.85 29.07 14.17
N ARG A 397 -1.77 29.64 13.40
CA ARG A 397 -2.55 30.82 13.77
C ARG A 397 -3.96 30.72 13.16
N TYR A 398 -4.87 31.54 13.67
CA TYR A 398 -6.28 31.64 13.26
C TYR A 398 -6.66 31.10 11.87
N GLN A 399 -6.30 31.87 10.84
CA GLN A 399 -6.61 31.53 9.45
C GLN A 399 -6.23 30.13 8.95
N ASP A 400 -5.28 29.48 9.61
CA ASP A 400 -4.85 28.15 9.19
C ASP A 400 -5.92 27.08 9.30
N VAL A 401 -6.61 27.05 10.44
CA VAL A 401 -7.68 26.08 10.66
C VAL A 401 -9.07 26.67 10.38
N MET A 402 -9.17 27.99 10.49
CA MET A 402 -10.43 28.68 10.27
C MET A 402 -10.97 28.53 8.84
N TYR A 403 -10.07 28.39 7.87
CA TYR A 403 -10.49 28.24 6.48
C TYR A 403 -10.06 26.87 5.90
N ASN A 404 -10.01 25.86 6.77
CA ASN A 404 -9.64 24.51 6.38
C ASN A 404 -10.22 23.52 7.38
N ASN A 405 -11.44 23.08 7.11
CA ASN A 405 -12.14 22.11 7.96
C ASN A 405 -11.37 20.82 8.23
N SER A 406 -10.50 20.43 7.30
CA SER A 406 -9.70 19.22 7.44
C SER A 406 -8.72 19.35 8.59
N LEU A 407 -7.95 20.44 8.58
CA LEU A 407 -6.99 20.66 9.65
C LEU A 407 -7.75 20.87 10.94
N MET A 408 -8.82 21.65 10.87
CA MET A 408 -9.63 21.93 12.04
C MET A 408 -10.13 20.63 12.67
N GLY A 409 -10.56 19.69 11.85
CA GLY A 409 -11.04 18.40 12.35
C GLY A 409 -9.95 17.57 13.00
N LYS A 410 -8.79 17.49 12.35
CA LYS A 410 -7.66 16.73 12.88
C LYS A 410 -7.23 17.36 14.21
N PHE A 411 -7.27 18.69 14.28
CA PHE A 411 -6.89 19.39 15.51
C PHE A 411 -7.85 19.03 16.63
N LYS A 412 -9.14 19.08 16.36
CA LYS A 412 -10.12 18.76 17.38
C LYS A 412 -9.88 17.36 17.92
N ASP A 413 -9.69 16.40 17.01
CA ASP A 413 -9.45 15.03 17.40
C ASP A 413 -8.18 14.85 18.25
N LEU A 414 -7.06 15.36 17.76
CA LEU A 414 -5.79 15.20 18.45
C LEU A 414 -5.49 16.09 19.64
N LEU A 415 -5.72 17.40 19.48
CA LEU A 415 -5.42 18.37 20.53
C LEU A 415 -6.56 19.15 21.21
N GLY A 416 -7.70 19.27 20.54
CA GLY A 416 -8.82 19.99 21.14
C GLY A 416 -9.61 19.11 22.09
N VAL A 417 -8.92 18.48 23.03
CA VAL A 417 -9.56 17.57 23.96
C VAL A 417 -9.88 18.11 25.35
N THR A 418 -10.81 17.42 26.01
CA THR A 418 -11.26 17.77 27.35
C THR A 418 -10.87 16.67 28.33
N PRO A 419 -9.90 16.95 29.22
CA PRO A 419 -9.44 15.97 30.22
C PRO A 419 -10.47 15.66 31.29
N VAL A 420 -10.70 14.37 31.54
CA VAL A 420 -11.63 13.92 32.56
C VAL A 420 -10.99 12.83 33.41
N MET A 421 -11.34 12.81 34.70
CA MET A 421 -10.81 11.84 35.66
C MET A 421 -11.58 10.54 35.52
N GLN A 422 -10.88 9.42 35.34
CA GLN A 422 -11.50 8.12 35.20
C GLN A 422 -10.73 7.09 36.02
N THR A 423 -11.41 6.08 36.56
CA THR A 423 -10.75 5.06 37.36
C THR A 423 -10.51 3.79 36.52
N ILE A 424 -9.24 3.40 36.40
CA ILE A 424 -8.87 2.20 35.65
C ILE A 424 -8.63 1.05 36.64
N VAL A 425 -9.32 -0.06 36.44
CA VAL A 425 -9.20 -1.22 37.32
C VAL A 425 -8.83 -2.51 36.57
N VAL A 426 -7.81 -3.22 37.07
CA VAL A 426 -7.35 -4.47 36.48
C VAL A 426 -7.40 -5.57 37.55
N LYS A 427 -8.13 -6.64 37.24
CA LYS A 427 -8.31 -7.75 38.18
C LYS A 427 -7.31 -8.87 38.02
N ASN A 428 -7.05 -9.56 39.13
CA ASN A 428 -6.13 -10.69 39.22
C ASN A 428 -4.84 -10.62 38.40
N VAL A 429 -3.96 -9.69 38.80
CA VAL A 429 -2.67 -9.50 38.17
C VAL A 429 -1.63 -10.32 38.95
N PRO A 430 -0.96 -11.27 38.28
CA PRO A 430 0.06 -12.13 38.91
C PRO A 430 1.32 -11.35 39.28
N THR A 431 1.23 -10.59 40.37
CA THR A 431 2.34 -9.78 40.86
C THR A 431 3.09 -10.44 42.00
N THR A 432 4.42 -10.29 41.96
CA THR A 432 5.29 -10.81 43.00
C THR A 432 5.97 -9.58 43.61
N ILE A 433 6.64 -9.75 44.74
CA ILE A 433 7.31 -8.62 45.40
C ILE A 433 8.25 -7.92 44.42
N GLY A 434 8.07 -6.61 44.31
CA GLY A 434 8.88 -5.81 43.41
C GLY A 434 8.19 -5.51 42.09
N ASP A 435 7.04 -6.13 41.86
CA ASP A 435 6.26 -5.92 40.64
C ASP A 435 5.38 -4.67 40.72
N THR A 436 5.48 -3.83 39.70
CA THR A 436 4.68 -2.62 39.61
C THR A 436 3.86 -2.75 38.32
N VAL A 437 2.58 -2.37 38.39
CA VAL A 437 1.70 -2.46 37.24
C VAL A 437 1.53 -1.13 36.52
N TYR A 438 1.41 -1.18 35.20
CA TYR A 438 1.23 0.01 34.38
C TYR A 438 0.24 -0.25 33.27
N ILE A 439 -0.16 0.82 32.59
CA ILE A 439 -1.06 0.71 31.44
C ILE A 439 -0.49 1.62 30.36
N THR A 440 -0.65 1.22 29.10
CA THR A 440 -0.20 2.03 28.00
C THR A 440 -1.22 1.83 26.87
N GLY A 441 -1.42 2.87 26.07
CA GLY A 441 -2.40 2.79 25.02
C GLY A 441 -2.05 3.50 23.75
N ASN A 442 -2.95 3.43 22.78
CA ASN A 442 -2.72 4.01 21.46
C ASN A 442 -2.54 5.51 21.34
N ARG A 443 -3.34 6.28 22.06
CA ARG A 443 -3.23 7.74 22.00
C ARG A 443 -2.04 8.34 22.76
N ALA A 444 -1.64 9.54 22.36
CA ALA A 444 -0.56 10.27 23.01
C ALA A 444 -0.83 10.43 24.50
N GLU A 445 -2.10 10.50 24.86
CA GLU A 445 -2.50 10.64 26.25
C GLU A 445 -2.15 9.38 27.06
N LEU A 446 -2.10 8.23 26.39
CA LEU A 446 -1.77 6.99 27.07
C LEU A 446 -0.33 6.50 26.83
N GLY A 447 0.51 7.38 26.30
CA GLY A 447 1.90 7.05 26.06
C GLY A 447 2.23 6.44 24.70
N SER A 448 1.24 6.35 23.82
CA SER A 448 1.40 5.78 22.49
C SER A 448 2.14 4.44 22.46
N TRP A 449 1.67 3.52 23.31
CA TRP A 449 2.20 2.16 23.44
C TRP A 449 3.60 2.05 24.04
N ASP A 450 4.18 3.18 24.41
CA ASP A 450 5.50 3.20 25.02
C ASP A 450 5.44 2.60 26.42
N THR A 451 6.39 1.73 26.73
CA THR A 451 6.45 1.09 28.03
C THR A 451 7.69 1.53 28.78
N LYS A 452 8.58 2.24 28.10
CA LYS A 452 9.82 2.68 28.71
C LYS A 452 9.66 3.89 29.63
N GLN A 453 9.29 5.03 29.07
CA GLN A 453 9.15 6.25 29.88
C GLN A 453 7.79 6.95 29.94
N TYR A 454 6.82 6.50 29.15
CA TYR A 454 5.49 7.12 29.13
C TYR A 454 4.32 6.35 29.74
N PRO A 455 4.50 5.07 30.15
CA PRO A 455 3.33 4.39 30.72
C PRO A 455 2.81 5.06 31.99
N ILE A 456 1.57 4.72 32.34
CA ILE A 456 0.89 5.27 33.51
C ILE A 456 0.84 4.17 34.56
N GLN A 457 1.36 4.46 35.74
CA GLN A 457 1.41 3.48 36.81
C GLN A 457 0.09 3.28 37.54
N LEU A 458 -0.15 2.04 37.95
CA LEU A 458 -1.34 1.67 38.70
C LEU A 458 -0.87 1.28 40.08
N TYR A 459 -1.79 1.33 41.04
CA TYR A 459 -1.47 1.01 42.43
C TYR A 459 -2.40 -0.07 42.96
N TYR A 460 -1.88 -0.87 43.88
CA TYR A 460 -2.63 -1.97 44.49
C TYR A 460 -3.58 -1.50 45.58
N ASP A 461 -4.85 -1.91 45.47
CA ASP A 461 -5.87 -1.57 46.44
C ASP A 461 -5.94 -2.69 47.47
N SER A 462 -5.28 -2.46 48.60
CA SER A 462 -5.24 -3.42 49.70
C SER A 462 -6.62 -3.95 50.05
N HIS A 463 -7.57 -3.04 50.18
CA HIS A 463 -8.95 -3.38 50.52
C HIS A 463 -9.71 -4.17 49.45
N SER A 464 -9.49 -3.84 48.17
CA SER A 464 -10.18 -4.50 47.07
C SER A 464 -9.35 -5.62 46.45
N ASN A 465 -8.11 -5.75 46.90
CA ASN A 465 -7.17 -6.76 46.40
C ASN A 465 -6.99 -6.77 44.89
N ASP A 466 -6.82 -5.58 44.29
CA ASP A 466 -6.63 -5.45 42.85
C ASP A 466 -5.80 -4.22 42.51
N TRP A 467 -5.48 -4.03 41.23
CA TRP A 467 -4.68 -2.87 40.82
C TRP A 467 -5.56 -1.85 40.13
N ARG A 468 -5.41 -0.59 40.50
CA ARG A 468 -6.23 0.45 39.90
C ARG A 468 -5.56 1.80 40.00
N GLY A 469 -6.08 2.75 39.23
CA GLY A 469 -5.53 4.11 39.26
C GLY A 469 -6.48 5.16 38.71
N ASN A 470 -6.39 6.37 39.24
CA ASN A 470 -7.21 7.48 38.78
C ASN A 470 -6.41 8.12 37.66
N VAL A 471 -6.82 7.85 36.43
CA VAL A 471 -6.15 8.34 35.24
C VAL A 471 -6.95 9.43 34.52
N VAL A 472 -6.24 10.45 34.03
CA VAL A 472 -6.88 11.53 33.30
C VAL A 472 -6.84 11.14 31.82
N LEU A 473 -8.01 11.01 31.21
CA LEU A 473 -8.13 10.63 29.80
C LEU A 473 -8.82 11.71 28.97
N PRO A 474 -8.75 11.60 27.63
CA PRO A 474 -9.41 12.59 26.79
C PRO A 474 -10.90 12.22 26.68
N ALA A 475 -11.78 13.12 27.12
CA ALA A 475 -13.20 12.85 27.08
C ALA A 475 -13.69 12.68 25.65
N GLU A 476 -14.60 11.74 25.46
CA GLU A 476 -15.20 11.48 24.15
C GLU A 476 -14.27 11.08 23.01
N ARG A 477 -13.24 10.29 23.31
CA ARG A 477 -12.31 9.79 22.30
C ARG A 477 -12.22 8.28 22.46
N ASN A 478 -12.12 7.55 21.36
CA ASN A 478 -12.01 6.09 21.42
C ASN A 478 -10.59 5.74 21.83
N ILE A 479 -10.43 4.90 22.86
CA ILE A 479 -9.08 4.51 23.30
C ILE A 479 -8.86 2.99 23.38
N GLU A 480 -7.62 2.57 23.17
CA GLU A 480 -7.23 1.16 23.25
C GLU A 480 -6.03 1.13 24.20
N PHE A 481 -6.08 0.27 25.21
CA PHE A 481 -4.99 0.18 26.16
C PHE A 481 -4.81 -1.24 26.66
N LYS A 482 -3.68 -1.48 27.31
CA LYS A 482 -3.37 -2.80 27.85
C LYS A 482 -2.46 -2.61 29.06
N ALA A 483 -2.74 -3.36 30.13
CA ALA A 483 -1.95 -3.30 31.35
C ALA A 483 -0.77 -4.28 31.25
N PHE A 484 0.33 -3.97 31.92
CA PHE A 484 1.49 -4.86 31.88
C PHE A 484 2.24 -4.80 33.20
N ILE A 485 3.03 -5.83 33.46
CA ILE A 485 3.80 -5.90 34.70
C ILE A 485 5.25 -5.58 34.42
N LYS A 486 5.81 -4.72 35.24
CA LYS A 486 7.20 -4.35 35.09
C LYS A 486 7.89 -4.85 36.36
N SER A 487 8.96 -5.63 36.16
CA SER A 487 9.71 -6.21 37.26
C SER A 487 10.64 -5.21 37.94
N LYS A 488 11.14 -5.60 39.11
CA LYS A 488 12.05 -4.78 39.91
C LYS A 488 13.19 -4.16 39.11
N ASP A 489 13.80 -4.95 38.22
CA ASP A 489 14.92 -4.49 37.39
C ASP A 489 14.54 -3.49 36.29
N GLY A 490 13.23 -3.26 36.13
CA GLY A 490 12.75 -2.31 35.14
C GLY A 490 12.36 -2.85 33.77
N THR A 491 12.22 -4.16 33.64
CA THR A 491 11.84 -4.72 32.36
C THR A 491 10.43 -5.31 32.37
N VAL A 492 9.78 -5.29 31.21
CA VAL A 492 8.43 -5.82 31.07
C VAL A 492 8.47 -7.32 31.34
N LYS A 493 7.67 -7.78 32.29
CA LYS A 493 7.58 -9.19 32.64
C LYS A 493 6.49 -9.88 31.79
N SER A 494 5.30 -9.28 31.73
CA SER A 494 4.18 -9.83 30.96
C SER A 494 3.17 -8.75 30.60
N TRP A 495 2.22 -9.11 29.74
CA TRP A 495 1.18 -8.20 29.26
C TRP A 495 -0.21 -8.76 29.52
N GLN A 496 -1.19 -7.87 29.65
CA GLN A 496 -2.57 -8.26 29.86
C GLN A 496 -2.93 -9.07 28.62
N THR A 497 -3.63 -10.17 28.80
CA THR A 497 -3.98 -11.02 27.65
C THR A 497 -4.77 -10.35 26.54
N ILE A 498 -5.92 -9.77 26.87
CA ILE A 498 -6.72 -9.12 25.84
C ILE A 498 -6.65 -7.59 25.88
N GLN A 499 -6.62 -7.00 24.69
CA GLN A 499 -6.56 -5.55 24.55
C GLN A 499 -7.88 -4.91 24.98
N GLN A 500 -7.80 -3.92 25.86
CA GLN A 500 -8.99 -3.23 26.34
C GLN A 500 -9.31 -1.98 25.52
N SER A 501 -10.56 -1.54 25.59
CA SER A 501 -10.99 -0.34 24.87
C SER A 501 -12.10 0.40 25.61
N TRP A 502 -12.28 1.65 25.25
CA TRP A 502 -13.30 2.51 25.81
C TRP A 502 -13.73 3.37 24.64
N ASN A 503 -14.82 2.97 24.00
CA ASN A 503 -15.27 3.69 22.82
C ASN A 503 -16.64 4.32 22.97
N PRO A 504 -16.69 5.62 23.32
CA PRO A 504 -15.55 6.48 23.61
C PRO A 504 -15.36 6.63 25.12
N VAL A 505 -14.40 7.45 25.54
CA VAL A 505 -14.18 7.71 26.95
C VAL A 505 -15.36 8.58 27.41
N PRO A 506 -16.05 8.20 28.50
CA PRO A 506 -17.20 8.95 29.02
C PRO A 506 -16.88 10.39 29.37
N LEU A 507 -17.86 11.27 29.19
CA LEU A 507 -17.70 12.68 29.49
C LEU A 507 -17.78 12.90 30.99
N LYS A 508 -18.29 11.91 31.70
CA LYS A 508 -18.40 11.96 33.15
C LYS A 508 -17.59 10.84 33.78
N THR A 509 -16.96 11.15 34.91
CA THR A 509 -16.14 10.20 35.66
C THR A 509 -16.88 8.90 35.99
N THR A 510 -16.17 7.78 35.85
CA THR A 510 -16.69 6.44 36.12
C THR A 510 -15.48 5.51 36.21
N SER A 511 -15.64 4.24 35.85
CA SER A 511 -14.50 3.31 35.89
C SER A 511 -14.53 2.27 34.78
N HIS A 512 -13.34 1.74 34.46
CA HIS A 512 -13.20 0.71 33.45
C HIS A 512 -12.57 -0.47 34.17
N THR A 513 -13.28 -1.58 34.25
CA THR A 513 -12.79 -2.76 34.94
C THR A 513 -12.56 -3.93 34.00
N SER A 514 -11.36 -4.50 34.07
CA SER A 514 -11.00 -5.66 33.25
C SER A 514 -10.14 -6.59 34.11
N SER A 515 -9.89 -7.79 33.61
CA SER A 515 -9.08 -8.77 34.32
C SER A 515 -7.81 -9.06 33.53
N TRP A 516 -6.78 -9.54 34.21
CA TRP A 516 -5.52 -9.85 33.54
C TRP A 516 -5.73 -10.91 32.45
N ALA B 1 -34.25 -1.77 -27.47
CA ALA B 1 -34.01 -1.76 -26.00
C ALA B 1 -34.54 -3.02 -25.32
N VAL B 2 -34.22 -3.16 -24.04
CA VAL B 2 -34.66 -4.31 -23.24
C VAL B 2 -36.19 -4.44 -23.29
N ASN B 3 -36.67 -5.66 -23.54
CA ASN B 3 -38.09 -5.96 -23.61
C ASN B 3 -38.82 -5.44 -24.87
N GLY B 4 -38.15 -5.57 -26.01
CA GLY B 4 -38.74 -5.15 -27.28
C GLY B 4 -39.02 -3.69 -27.52
N LYS B 5 -38.87 -2.86 -26.48
CA LYS B 5 -39.13 -1.41 -26.59
C LYS B 5 -37.95 -0.65 -27.19
N GLY B 6 -38.13 0.66 -27.36
CA GLY B 6 -37.08 1.50 -27.91
C GLY B 6 -36.60 2.50 -26.87
N MET B 7 -35.86 3.52 -27.30
CA MET B 7 -35.35 4.54 -26.40
C MET B 7 -36.50 5.39 -25.84
N ASN B 8 -36.33 5.89 -24.61
CA ASN B 8 -37.33 6.72 -23.95
C ASN B 8 -37.55 8.01 -24.74
N PRO B 9 -38.78 8.23 -25.21
CA PRO B 9 -39.14 9.43 -25.98
C PRO B 9 -38.88 10.76 -25.29
N ASP B 10 -38.84 10.75 -23.97
CA ASP B 10 -38.60 11.96 -23.19
C ASP B 10 -37.12 12.24 -22.95
N TYR B 11 -36.25 11.37 -23.48
CA TYR B 11 -34.81 11.51 -23.30
C TYR B 11 -34.22 12.90 -23.62
N LYS B 12 -33.34 13.35 -22.73
CA LYS B 12 -32.65 14.63 -22.86
C LYS B 12 -31.27 14.56 -22.24
N ALA B 13 -30.32 15.31 -22.80
CA ALA B 13 -28.95 15.35 -22.31
C ALA B 13 -28.74 16.65 -21.52
N TYR B 14 -28.05 16.54 -20.40
CA TYR B 14 -27.77 17.70 -19.58
C TYR B 14 -26.27 17.80 -19.31
N LEU B 15 -25.77 19.03 -19.19
CA LEU B 15 -24.35 19.24 -18.94
C LEU B 15 -24.14 19.76 -17.52
N MET B 16 -23.19 19.19 -16.80
CA MET B 16 -22.92 19.62 -15.43
C MET B 16 -22.02 20.85 -15.42
N ALA B 17 -22.38 21.87 -14.65
CA ALA B 17 -21.58 23.09 -14.57
C ALA B 17 -20.31 22.94 -13.71
N PRO B 18 -19.36 23.88 -13.82
CA PRO B 18 -18.14 23.78 -13.01
C PRO B 18 -18.55 23.76 -11.56
N LEU B 19 -17.66 23.26 -10.71
CA LEU B 19 -17.89 23.16 -9.28
C LEU B 19 -17.78 24.54 -8.62
N LYS B 20 -16.95 25.40 -9.19
CA LYS B 20 -16.77 26.77 -8.70
C LYS B 20 -17.63 27.78 -9.50
N LYS B 21 -17.79 28.98 -8.96
CA LYS B 21 -18.60 30.01 -9.60
C LYS B 21 -18.06 30.45 -10.96
N ILE B 22 -18.96 30.65 -11.90
CA ILE B 22 -18.60 31.05 -13.26
C ILE B 22 -17.58 32.18 -13.36
N PRO B 23 -17.76 33.26 -12.59
CA PRO B 23 -16.80 34.38 -12.63
C PRO B 23 -15.38 34.00 -12.20
N GLU B 24 -15.22 32.80 -11.64
CA GLU B 24 -13.92 32.32 -11.21
C GLU B 24 -13.27 31.48 -12.31
N VAL B 25 -14.10 31.03 -13.25
CA VAL B 25 -13.65 30.21 -14.37
C VAL B 25 -13.53 31.04 -15.66
N THR B 26 -14.49 31.94 -15.86
CA THR B 26 -14.53 32.76 -17.07
C THR B 26 -15.42 33.98 -16.83
N ASN B 27 -16.04 34.53 -17.87
CA ASN B 27 -16.93 35.68 -17.72
C ASN B 27 -18.34 35.34 -18.19
N TRP B 28 -19.33 36.11 -17.73
CA TRP B 28 -20.72 35.86 -18.10
C TRP B 28 -21.02 35.77 -19.59
N GLU B 29 -20.43 36.66 -20.38
CA GLU B 29 -20.66 36.67 -21.83
C GLU B 29 -20.11 35.43 -22.54
N THR B 30 -18.93 35.00 -22.13
CA THR B 30 -18.30 33.80 -22.71
C THR B 30 -19.15 32.60 -22.33
N PHE B 31 -19.58 32.59 -21.07
CA PHE B 31 -20.41 31.55 -20.50
C PHE B 31 -21.69 31.37 -21.32
N GLU B 32 -22.35 32.49 -21.65
CA GLU B 32 -23.57 32.44 -22.45
C GLU B 32 -23.29 31.85 -23.83
N ASN B 33 -22.17 32.24 -24.42
CA ASN B 33 -21.81 31.72 -25.73
C ASN B 33 -21.53 30.23 -25.67
N ASP B 34 -20.93 29.78 -24.57
CA ASP B 34 -20.66 28.37 -24.37
C ASP B 34 -21.99 27.62 -24.26
N LEU B 35 -22.97 28.23 -23.58
CA LEU B 35 -24.27 27.59 -23.43
C LEU B 35 -24.95 27.43 -24.79
N ARG B 36 -24.74 28.37 -25.70
CA ARG B 36 -25.33 28.29 -27.04
C ARG B 36 -24.61 27.19 -27.83
N TRP B 37 -23.31 27.04 -27.56
CA TRP B 37 -22.51 26.00 -28.22
C TRP B 37 -23.05 24.66 -27.71
N ALA B 38 -23.19 24.53 -26.39
CA ALA B 38 -23.69 23.31 -25.77
C ALA B 38 -25.07 22.95 -26.31
N LYS B 39 -25.93 23.95 -26.43
CA LYS B 39 -27.27 23.74 -26.94
C LYS B 39 -27.23 23.24 -28.38
N GLN B 40 -26.25 23.73 -29.15
CA GLN B 40 -26.09 23.32 -30.54
C GLN B 40 -25.63 21.86 -30.63
N ASN B 41 -25.08 21.34 -29.54
CA ASN B 41 -24.62 19.95 -29.52
C ASN B 41 -25.58 18.98 -28.84
N GLY B 42 -26.85 19.35 -28.75
CA GLY B 42 -27.84 18.47 -28.16
C GLY B 42 -28.13 18.55 -26.67
N PHE B 43 -27.44 19.43 -25.95
CA PHE B 43 -27.65 19.59 -24.52
C PHE B 43 -28.90 20.44 -24.28
N TYR B 44 -29.85 19.89 -23.52
CA TYR B 44 -31.09 20.58 -23.22
C TYR B 44 -30.96 21.60 -22.11
N ALA B 45 -30.28 21.22 -21.02
CA ALA B 45 -30.12 22.09 -19.87
C ALA B 45 -28.80 21.87 -19.13
N ILE B 46 -28.41 22.85 -18.32
CA ILE B 46 -27.20 22.75 -17.53
C ILE B 46 -27.57 22.60 -16.07
N THR B 47 -27.03 21.57 -15.42
CA THR B 47 -27.30 21.35 -14.00
C THR B 47 -26.24 22.14 -13.24
N VAL B 48 -26.59 22.67 -12.08
CA VAL B 48 -25.64 23.48 -11.34
C VAL B 48 -25.85 23.42 -9.83
N ASP B 49 -24.74 23.35 -9.09
CA ASP B 49 -24.80 23.31 -7.63
C ASP B 49 -24.92 24.72 -7.07
N PHE B 50 -25.88 24.89 -6.16
CA PHE B 50 -26.07 26.16 -5.46
C PHE B 50 -25.83 25.73 -4.03
N TRP B 51 -24.63 26.04 -3.56
CA TRP B 51 -24.17 25.66 -2.23
C TRP B 51 -24.86 26.35 -1.09
N TRP B 52 -25.24 25.55 -0.10
CA TRP B 52 -25.88 26.08 1.09
C TRP B 52 -24.85 27.00 1.77
N GLY B 53 -23.57 26.63 1.65
CA GLY B 53 -22.51 27.42 2.25
C GLY B 53 -22.41 28.85 1.75
N ASP B 54 -22.93 29.12 0.55
CA ASP B 54 -22.92 30.47 -0.05
C ASP B 54 -24.22 31.23 0.21
N MET B 55 -25.34 30.51 0.06
CA MET B 55 -26.68 31.06 0.20
C MET B 55 -27.20 31.45 1.57
N GLU B 56 -26.54 31.01 2.63
CA GLU B 56 -26.98 31.34 3.98
C GLU B 56 -25.79 31.20 4.92
N LYS B 57 -24.67 31.79 4.54
CA LYS B 57 -23.44 31.67 5.33
C LYS B 57 -23.29 32.52 6.58
N ASN B 58 -23.76 33.75 6.54
CA ASN B 58 -23.61 34.66 7.66
C ASN B 58 -24.48 34.38 8.88
N GLY B 59 -25.48 33.54 8.71
CA GLY B 59 -26.35 33.24 9.83
C GLY B 59 -27.73 32.80 9.39
N ASP B 60 -28.52 32.37 10.35
CA ASP B 60 -29.87 31.90 10.10
C ASP B 60 -30.73 32.97 9.41
N GLN B 61 -31.34 32.58 8.29
CA GLN B 61 -32.21 33.47 7.53
C GLN B 61 -31.53 34.67 6.90
N GLN B 62 -30.20 34.66 6.88
CA GLN B 62 -29.45 35.74 6.24
C GLN B 62 -29.04 35.20 4.86
N PHE B 63 -30.03 35.09 3.97
CA PHE B 63 -29.84 34.56 2.62
C PHE B 63 -29.15 35.45 1.62
N ASP B 64 -28.58 34.83 0.60
CA ASP B 64 -27.93 35.54 -0.48
C ASP B 64 -28.12 34.73 -1.75
N PHE B 65 -29.04 35.18 -2.60
CA PHE B 65 -29.32 34.46 -3.83
C PHE B 65 -28.92 35.23 -5.08
N SER B 66 -28.09 36.27 -4.89
CA SER B 66 -27.65 37.09 -6.01
C SER B 66 -26.97 36.29 -7.13
N TYR B 67 -26.12 35.33 -6.75
CA TYR B 67 -25.44 34.49 -7.72
C TYR B 67 -26.39 33.56 -8.48
N ALA B 68 -27.31 32.92 -7.78
CA ALA B 68 -28.28 32.02 -8.41
C ALA B 68 -29.11 32.79 -9.45
N GLN B 69 -29.58 33.99 -9.07
CA GLN B 69 -30.39 34.83 -9.95
C GLN B 69 -29.56 35.33 -11.13
N ARG B 70 -28.30 35.65 -10.89
CA ARG B 70 -27.40 36.11 -11.96
C ARG B 70 -27.16 34.98 -12.96
N PHE B 71 -26.85 33.79 -12.43
CA PHE B 71 -26.62 32.61 -13.24
C PHE B 71 -27.86 32.34 -14.12
N ALA B 72 -29.05 32.51 -13.51
CA ALA B 72 -30.33 32.29 -14.20
C ALA B 72 -30.56 33.28 -15.37
N GLN B 73 -30.06 34.50 -15.22
CA GLN B 73 -30.21 35.51 -16.27
C GLN B 73 -29.40 35.14 -17.50
N SER B 74 -28.17 34.67 -17.30
CA SER B 74 -27.32 34.27 -18.42
C SER B 74 -27.89 33.05 -19.14
N VAL B 75 -28.45 32.13 -18.37
CA VAL B 75 -29.05 30.92 -18.93
C VAL B 75 -30.20 31.34 -19.84
N LYS B 76 -30.95 32.35 -19.39
CA LYS B 76 -32.06 32.89 -20.18
C LYS B 76 -31.51 33.56 -21.42
N ASN B 77 -30.46 34.36 -21.24
CA ASN B 77 -29.80 35.07 -22.35
C ASN B 77 -29.26 34.12 -23.44
N ALA B 78 -28.84 32.93 -23.04
CA ALA B 78 -28.32 31.96 -23.99
C ALA B 78 -29.44 31.10 -24.58
N GLY B 79 -30.67 31.36 -24.16
CA GLY B 79 -31.81 30.59 -24.66
C GLY B 79 -31.83 29.12 -24.25
N MET B 80 -31.38 28.84 -23.03
CA MET B 80 -31.35 27.46 -22.55
C MET B 80 -32.04 27.26 -21.21
N LYS B 81 -32.14 26.01 -20.79
CA LYS B 81 -32.75 25.66 -19.51
C LYS B 81 -31.70 25.31 -18.46
N MET B 82 -32.11 25.30 -17.19
CA MET B 82 -31.20 24.97 -16.11
C MET B 82 -31.88 24.08 -15.07
N ILE B 83 -31.05 23.36 -14.32
CA ILE B 83 -31.53 22.48 -13.28
C ILE B 83 -30.71 22.73 -12.02
N PRO B 84 -31.22 23.56 -11.11
CA PRO B 84 -30.49 23.84 -9.87
C PRO B 84 -30.50 22.65 -8.90
N ILE B 85 -29.42 22.50 -8.17
CA ILE B 85 -29.30 21.44 -7.17
C ILE B 85 -29.17 22.24 -5.88
N ILE B 86 -30.10 22.04 -4.95
CA ILE B 86 -30.00 22.75 -3.67
C ILE B 86 -28.95 21.94 -2.93
N SER B 87 -27.70 22.33 -3.08
CA SER B 87 -26.59 21.61 -2.46
C SER B 87 -26.35 21.89 -1.00
N THR B 88 -27.03 21.14 -0.14
CA THR B 88 -26.91 21.26 1.30
C THR B 88 -25.75 20.39 1.86
N HIS B 89 -24.75 20.15 1.03
CA HIS B 89 -23.58 19.36 1.41
C HIS B 89 -22.32 20.14 1.09
N GLN B 90 -21.23 19.76 1.74
CA GLN B 90 -19.94 20.40 1.55
C GLN B 90 -19.30 20.10 0.20
N CYS B 91 -18.74 21.14 -0.43
CA CYS B 91 -18.02 20.99 -1.68
C CYS B 91 -16.57 20.86 -1.22
N GLY B 92 -15.88 19.85 -1.71
CA GLY B 92 -14.50 19.65 -1.31
C GLY B 92 -14.37 18.39 -0.47
N GLY B 93 -13.33 17.61 -0.75
CA GLY B 93 -13.10 16.39 0.01
C GLY B 93 -13.53 15.13 -0.74
N ASN B 94 -14.47 15.28 -1.66
CA ASN B 94 -14.94 14.13 -2.44
C ASN B 94 -14.14 14.01 -3.71
N VAL B 95 -14.19 12.83 -4.32
CA VAL B 95 -13.45 12.55 -5.55
C VAL B 95 -13.66 13.63 -6.61
N GLY B 96 -12.57 14.33 -6.94
CA GLY B 96 -12.62 15.37 -7.94
C GLY B 96 -13.06 16.75 -7.49
N ASP B 97 -13.32 16.91 -6.20
CA ASP B 97 -13.75 18.21 -5.70
C ASP B 97 -12.65 19.26 -5.79
N ASP B 98 -12.86 20.22 -6.68
CA ASP B 98 -11.93 21.33 -6.86
C ASP B 98 -12.67 22.55 -6.31
N CYS B 99 -12.86 22.56 -4.98
CA CYS B 99 -13.59 23.63 -4.30
C CYS B 99 -13.48 23.50 -2.78
N ASN B 100 -13.92 24.53 -2.06
CA ASN B 100 -13.91 24.52 -0.60
C ASN B 100 -15.13 25.29 -0.09
N VAL B 101 -16.27 24.62 -0.03
CA VAL B 101 -17.51 25.23 0.44
C VAL B 101 -18.26 24.34 1.43
N PRO B 102 -17.91 24.42 2.72
CA PRO B 102 -18.57 23.62 3.74
C PRO B 102 -19.95 24.22 4.05
N ILE B 103 -20.79 23.50 4.79
CA ILE B 103 -22.10 24.02 5.11
C ILE B 103 -21.92 25.11 6.17
N PRO B 104 -22.89 26.06 6.28
CA PRO B 104 -22.82 27.15 7.25
C PRO B 104 -22.39 26.72 8.65
N SER B 105 -21.31 27.32 9.16
CA SER B 105 -20.76 26.98 10.48
C SER B 105 -21.72 27.15 11.65
N TRP B 106 -22.60 28.14 11.53
CA TRP B 106 -23.58 28.43 12.57
C TRP B 106 -24.55 27.29 12.82
N VAL B 107 -24.73 26.42 11.83
CA VAL B 107 -25.66 25.29 11.97
C VAL B 107 -25.27 24.36 13.12
N TRP B 108 -23.96 24.18 13.32
CA TRP B 108 -23.47 23.30 14.37
C TRP B 108 -23.81 23.72 15.79
N ASN B 109 -23.95 25.01 16.01
CA ASN B 109 -24.30 25.54 17.35
C ASN B 109 -25.73 25.24 17.76
N GLN B 110 -26.53 24.69 16.83
CA GLN B 110 -27.92 24.39 17.12
C GLN B 110 -28.18 23.21 18.05
N LYS B 111 -27.16 22.40 18.32
CA LYS B 111 -27.30 21.26 19.21
C LYS B 111 -26.11 21.18 20.17
N SER B 112 -26.38 20.72 21.38
CA SER B 112 -25.34 20.57 22.39
C SER B 112 -24.86 19.11 22.46
N ASP B 113 -25.59 18.22 21.80
CA ASP B 113 -25.22 16.79 21.78
C ASP B 113 -24.60 16.48 20.42
N ASP B 114 -24.49 15.20 20.09
CA ASP B 114 -23.89 14.79 18.82
C ASP B 114 -24.91 14.25 17.82
N SER B 115 -26.04 14.95 17.68
CA SER B 115 -27.07 14.51 16.76
C SER B 115 -26.91 14.99 15.32
N LEU B 116 -26.13 16.04 15.11
CA LEU B 116 -25.95 16.63 13.78
C LEU B 116 -24.88 16.06 12.85
N TYR B 117 -23.89 15.35 13.39
CA TYR B 117 -22.81 14.80 12.57
C TYR B 117 -22.69 13.28 12.64
N PHE B 118 -21.71 12.73 11.93
CA PHE B 118 -21.48 11.29 11.89
C PHE B 118 -20.21 10.90 12.64
N LYS B 119 -20.17 9.64 13.09
CA LYS B 119 -19.03 9.09 13.79
C LYS B 119 -18.92 7.63 13.33
N SER B 120 -17.75 7.26 12.81
CA SER B 120 -17.52 5.91 12.31
C SER B 120 -17.25 4.90 13.41
N GLU B 121 -17.02 3.66 12.97
CA GLU B 121 -16.69 2.53 13.85
C GLU B 121 -15.43 2.85 14.66
N THR B 122 -14.50 3.56 14.03
CA THR B 122 -13.24 3.93 14.66
C THR B 122 -13.24 5.31 15.33
N GLY B 123 -14.40 5.95 15.34
CA GLY B 123 -14.52 7.25 15.98
C GLY B 123 -14.31 8.45 15.08
N THR B 124 -14.08 8.22 13.80
CA THR B 124 -13.86 9.31 12.86
C THR B 124 -15.15 10.11 12.71
N VAL B 125 -15.07 11.41 13.04
CA VAL B 125 -16.22 12.32 12.95
C VAL B 125 -16.31 12.90 11.54
N ASN B 126 -17.52 13.06 11.02
CA ASN B 126 -17.75 13.61 9.69
C ASN B 126 -18.84 14.68 9.78
N LYS B 127 -18.54 15.85 9.22
CA LYS B 127 -19.47 16.99 9.25
C LYS B 127 -19.66 17.61 7.87
N GLU B 128 -19.76 16.79 6.82
CA GLU B 128 -19.94 17.35 5.49
C GLU B 128 -21.40 17.43 5.05
N THR B 129 -22.30 17.12 5.96
CA THR B 129 -23.72 17.17 5.71
C THR B 129 -24.37 16.81 7.05
N LEU B 130 -25.57 17.31 7.30
CA LEU B 130 -26.26 17.03 8.56
C LEU B 130 -26.69 15.57 8.61
N ASN B 131 -26.55 14.96 9.78
CA ASN B 131 -26.97 13.59 9.99
C ASN B 131 -28.48 13.57 9.84
N PRO B 132 -29.02 12.71 8.97
CA PRO B 132 -30.47 12.62 8.76
C PRO B 132 -31.28 12.18 9.98
N LEU B 133 -30.61 11.99 11.10
CA LEU B 133 -31.28 11.61 12.36
C LEU B 133 -31.81 12.87 13.02
N ALA B 134 -31.16 13.99 12.73
CA ALA B 134 -31.56 15.28 13.28
C ALA B 134 -32.67 15.83 12.40
N SER B 135 -33.75 15.07 12.29
CA SER B 135 -34.88 15.48 11.45
C SER B 135 -35.52 16.79 11.84
N ASP B 136 -35.41 17.15 13.11
CA ASP B 136 -35.95 18.40 13.61
C ASP B 136 -35.19 19.60 13.04
N VAL B 137 -33.87 19.51 13.00
CA VAL B 137 -33.04 20.58 12.47
C VAL B 137 -33.10 20.63 10.94
N ILE B 138 -33.28 19.46 10.34
CA ILE B 138 -33.36 19.37 8.88
C ILE B 138 -34.68 19.95 8.40
N ARG B 139 -35.77 19.58 9.06
CA ARG B 139 -37.08 20.09 8.69
C ARG B 139 -37.05 21.62 8.70
N LYS B 140 -36.55 22.20 9.77
CA LYS B 140 -36.47 23.65 9.88
C LYS B 140 -35.60 24.28 8.81
N GLU B 141 -34.31 23.94 8.82
CA GLU B 141 -33.36 24.51 7.87
C GLU B 141 -33.61 24.22 6.39
N TYR B 142 -33.94 22.99 6.03
CA TYR B 142 -34.22 22.65 4.63
C TYR B 142 -35.54 23.30 4.22
N GLY B 143 -36.53 23.28 5.11
CA GLY B 143 -37.81 23.89 4.81
C GLY B 143 -37.63 25.37 4.51
N GLU B 144 -36.89 26.07 5.36
CA GLU B 144 -36.61 27.50 5.17
C GLU B 144 -35.84 27.84 3.90
N LEU B 145 -34.85 27.00 3.58
CA LEU B 145 -34.03 27.20 2.39
C LEU B 145 -34.78 26.97 1.08
N TYR B 146 -35.52 25.87 0.98
CA TYR B 146 -36.30 25.57 -0.23
C TYR B 146 -37.28 26.69 -0.55
N THR B 147 -38.03 27.09 0.47
CA THR B 147 -39.02 28.15 0.34
C THR B 147 -38.41 29.48 -0.10
N ALA B 148 -37.32 29.89 0.55
CA ALA B 148 -36.63 31.13 0.23
C ALA B 148 -36.05 31.10 -1.19
N PHE B 149 -35.55 29.93 -1.60
CA PHE B 149 -34.97 29.75 -2.94
C PHE B 149 -36.06 29.90 -4.01
N ALA B 150 -37.22 29.29 -3.76
CA ALA B 150 -38.35 29.38 -4.69
C ALA B 150 -38.77 30.86 -4.90
N ALA B 151 -38.91 31.60 -3.81
CA ALA B 151 -39.30 33.00 -3.90
C ALA B 151 -38.28 33.80 -4.70
N ALA B 152 -37.00 33.48 -4.49
CA ALA B 152 -35.91 34.17 -5.19
C ALA B 152 -35.84 33.82 -6.67
N MET B 153 -36.20 32.58 -7.01
CA MET B 153 -36.15 32.12 -8.40
C MET B 153 -37.43 32.30 -9.21
N LYS B 154 -38.50 32.75 -8.57
CA LYS B 154 -39.79 32.98 -9.23
C LYS B 154 -39.73 33.64 -10.61
N PRO B 155 -39.05 34.79 -10.71
CA PRO B 155 -38.95 35.49 -12.01
C PRO B 155 -38.28 34.67 -13.11
N TYR B 156 -37.54 33.63 -12.71
CA TYR B 156 -36.82 32.77 -13.64
C TYR B 156 -37.46 31.40 -13.80
N LYS B 157 -38.70 31.26 -13.35
CA LYS B 157 -39.41 29.99 -13.43
C LYS B 157 -39.47 29.40 -14.83
N ASP B 158 -39.44 30.27 -15.84
CA ASP B 158 -39.50 29.85 -17.24
C ASP B 158 -38.20 29.18 -17.75
N VAL B 159 -37.10 29.29 -17.01
CA VAL B 159 -35.83 28.69 -17.43
C VAL B 159 -35.47 27.43 -16.62
N ILE B 160 -36.27 27.11 -15.61
CA ILE B 160 -36.03 25.95 -14.75
C ILE B 160 -36.78 24.72 -15.23
N ALA B 161 -36.05 23.68 -15.61
CA ALA B 161 -36.67 22.46 -16.12
C ALA B 161 -36.89 21.39 -15.07
N LYS B 162 -36.09 21.42 -14.01
CA LYS B 162 -36.19 20.42 -12.95
C LYS B 162 -35.43 20.89 -11.71
N ILE B 163 -35.70 20.27 -10.57
CA ILE B 163 -35.02 20.64 -9.33
C ILE B 163 -34.41 19.41 -8.67
N TYR B 164 -33.15 19.51 -8.27
CA TYR B 164 -32.46 18.42 -7.61
C TYR B 164 -32.27 18.76 -6.15
N LEU B 165 -32.38 17.76 -5.28
CA LEU B 165 -32.18 17.97 -3.84
C LEU B 165 -30.97 17.14 -3.43
N SER B 166 -30.20 17.64 -2.46
CA SER B 166 -29.04 16.92 -1.96
C SER B 166 -29.42 16.03 -0.79
N GLY B 167 -29.41 14.71 -1.02
CA GLY B 167 -29.76 13.77 0.02
C GLY B 167 -28.64 13.38 0.97
N GLY B 168 -27.45 13.92 0.74
CA GLY B 168 -26.33 13.61 1.61
C GLY B 168 -24.98 13.99 1.04
N PRO B 169 -23.91 13.28 1.43
CA PRO B 169 -22.55 13.56 0.96
C PRO B 169 -22.46 13.50 -0.55
N ALA B 170 -21.87 14.53 -1.16
CA ALA B 170 -21.73 14.63 -2.61
C ALA B 170 -23.10 14.66 -3.32
N GLY B 171 -24.11 15.13 -2.60
CA GLY B 171 -25.44 15.23 -3.17
C GLY B 171 -26.14 13.91 -3.37
N GLU B 172 -25.64 12.86 -2.72
CA GLU B 172 -26.22 11.54 -2.86
C GLU B 172 -26.78 11.01 -1.55
N LEU B 173 -27.93 10.36 -1.64
CA LEU B 173 -28.58 9.80 -0.46
C LEU B 173 -27.76 8.59 0.04
N ARG B 174 -26.94 8.81 1.06
CA ARG B 174 -26.10 7.76 1.60
C ARG B 174 -25.34 8.25 2.83
N TYR B 175 -24.68 7.33 3.53
CA TYR B 175 -23.85 7.66 4.68
C TYR B 175 -22.43 7.92 4.13
N PRO B 176 -21.62 8.74 4.82
CA PRO B 176 -20.26 9.03 4.36
C PRO B 176 -19.31 7.89 4.76
N SER B 177 -19.61 6.69 4.28
CA SER B 177 -18.85 5.49 4.62
C SER B 177 -17.51 5.26 3.93
N TYR B 178 -17.24 6.00 2.86
CA TYR B 178 -15.99 5.87 2.13
C TYR B 178 -15.24 7.19 2.00
N THR B 179 -14.35 7.43 2.95
CA THR B 179 -13.56 8.65 2.98
C THR B 179 -12.11 8.29 3.33
N THR B 180 -11.16 9.10 2.85
CA THR B 180 -9.74 8.88 3.11
C THR B 180 -9.35 8.99 4.58
N SER B 181 -9.96 9.95 5.27
CA SER B 181 -9.73 10.22 6.68
C SER B 181 -10.14 9.04 7.56
N ASP B 182 -11.16 8.31 7.11
CA ASP B 182 -11.68 7.17 7.85
C ASP B 182 -11.05 5.89 7.31
N GLY B 183 -10.11 6.04 6.37
CA GLY B 183 -9.45 4.91 5.77
C GLY B 183 -10.40 3.97 5.06
N THR B 184 -11.41 4.53 4.40
CA THR B 184 -12.40 3.70 3.72
C THR B 184 -12.61 4.04 2.25
N GLY B 185 -11.60 4.66 1.65
CA GLY B 185 -11.70 5.02 0.25
C GLY B 185 -11.70 3.79 -0.63
N TYR B 186 -12.06 3.98 -1.90
CA TYR B 186 -12.08 2.89 -2.88
C TYR B 186 -10.70 2.23 -2.93
N PRO B 187 -10.64 0.91 -3.06
CA PRO B 187 -11.77 -0.01 -3.13
C PRO B 187 -12.04 -0.70 -1.79
N SER B 188 -11.58 -0.09 -0.70
CA SER B 188 -11.74 -0.64 0.64
C SER B 188 -13.20 -0.83 1.01
N ARG B 189 -13.44 -1.66 2.02
CA ARG B 189 -14.80 -1.89 2.51
C ARG B 189 -15.12 -0.60 3.28
N GLY B 190 -16.40 -0.28 3.41
CA GLY B 190 -16.75 0.93 4.12
C GLY B 190 -16.95 0.68 5.59
N LYS B 191 -17.00 1.74 6.38
CA LYS B 191 -17.22 1.62 7.81
C LYS B 191 -18.62 2.14 8.11
N PHE B 192 -19.27 1.54 9.10
CA PHE B 192 -20.60 1.97 9.51
C PHE B 192 -20.48 3.33 10.20
N GLN B 193 -21.43 4.22 9.88
CA GLN B 193 -21.44 5.59 10.40
C GLN B 193 -22.59 5.87 11.36
N ALA B 194 -22.74 5.03 12.37
CA ALA B 194 -23.81 5.17 13.35
C ALA B 194 -23.26 5.01 14.76
N TYR B 195 -22.13 5.67 15.01
CA TYR B 195 -21.49 5.54 16.32
C TYR B 195 -21.53 6.72 17.28
N THR B 196 -22.32 7.75 16.94
CA THR B 196 -22.46 8.88 17.85
C THR B 196 -23.36 8.35 18.95
N GLU B 197 -23.38 9.02 20.10
CA GLU B 197 -24.23 8.56 21.18
C GLU B 197 -25.70 8.68 20.77
N PHE B 198 -25.99 9.68 19.96
CA PHE B 198 -27.36 9.88 19.48
C PHE B 198 -27.82 8.72 18.57
N ALA B 199 -26.93 8.27 17.68
CA ALA B 199 -27.27 7.16 16.79
C ALA B 199 -27.56 5.90 17.62
N LYS B 200 -26.73 5.66 18.63
CA LYS B 200 -26.91 4.50 19.52
C LYS B 200 -28.27 4.54 20.22
N SER B 201 -28.67 5.72 20.68
CA SER B 201 -29.96 5.90 21.36
C SER B 201 -31.11 5.59 20.41
N LYS B 202 -31.00 6.07 19.17
CA LYS B 202 -32.03 5.85 18.17
C LYS B 202 -32.23 4.39 17.80
N PHE B 203 -31.14 3.63 17.70
CA PHE B 203 -31.23 2.21 17.39
C PHE B 203 -31.82 1.49 18.59
N ARG B 204 -31.32 1.80 19.78
CA ARG B 204 -31.79 1.19 21.03
C ARG B 204 -33.31 1.36 21.17
N LEU B 205 -33.78 2.60 21.08
CA LEU B 205 -35.22 2.90 21.21
C LEU B 205 -36.05 2.23 20.11
N TRP B 206 -35.49 2.16 18.90
CA TRP B 206 -36.16 1.55 17.76
C TRP B 206 -36.38 0.07 18.05
N VAL B 207 -35.33 -0.57 18.55
CA VAL B 207 -35.39 -2.00 18.87
C VAL B 207 -36.40 -2.25 19.96
N LEU B 208 -36.31 -1.46 21.04
CA LEU B 208 -37.21 -1.61 22.16
C LEU B 208 -38.66 -1.39 21.75
N ASN B 209 -38.88 -0.55 20.75
CA ASN B 209 -40.23 -0.31 20.27
C ASN B 209 -40.69 -1.56 19.52
N LYS B 210 -39.84 -2.03 18.61
CA LYS B 210 -40.14 -3.21 17.83
C LYS B 210 -40.36 -4.48 18.66
N TYR B 211 -39.67 -4.59 19.80
CA TYR B 211 -39.79 -5.77 20.64
C TYR B 211 -40.49 -5.59 22.00
N GLY B 212 -40.75 -4.36 22.40
CA GLY B 212 -41.41 -4.14 23.66
C GLY B 212 -40.50 -4.21 24.88
N SER B 213 -39.78 -5.32 25.04
CA SER B 213 -38.88 -5.48 26.18
C SER B 213 -37.55 -6.14 25.84
N LEU B 214 -36.59 -6.00 26.75
CA LEU B 214 -35.25 -6.58 26.60
C LEU B 214 -35.38 -8.10 26.51
N ASN B 215 -36.40 -8.63 27.18
CA ASN B 215 -36.65 -10.07 27.19
C ASN B 215 -37.05 -10.53 25.80
N GLU B 216 -37.87 -9.73 25.12
CA GLU B 216 -38.30 -10.08 23.77
C GLU B 216 -37.17 -9.83 22.77
N VAL B 217 -36.28 -8.91 23.09
CA VAL B 217 -35.14 -8.61 22.24
C VAL B 217 -34.18 -9.79 22.31
N ASN B 218 -33.93 -10.26 23.52
CA ASN B 218 -33.03 -11.39 23.74
C ASN B 218 -33.61 -12.68 23.16
N LYS B 219 -34.91 -12.72 22.99
CA LYS B 219 -35.58 -13.90 22.44
C LYS B 219 -35.42 -13.96 20.92
N ALA B 220 -35.67 -12.83 20.27
CA ALA B 220 -35.55 -12.74 18.81
C ALA B 220 -34.08 -12.73 18.37
N TRP B 221 -33.22 -12.15 19.19
CA TRP B 221 -31.80 -12.09 18.85
C TRP B 221 -31.01 -13.29 19.32
N GLY B 222 -31.53 -14.02 20.31
CA GLY B 222 -30.83 -15.18 20.83
C GLY B 222 -29.57 -14.74 21.55
N THR B 223 -29.72 -13.77 22.44
CA THR B 223 -28.61 -13.24 23.21
C THR B 223 -28.89 -13.18 24.70
N LYS B 224 -27.84 -12.91 25.48
CA LYS B 224 -27.96 -12.81 26.94
C LYS B 224 -27.62 -11.37 27.32
N LEU B 225 -28.32 -10.42 26.69
CA LEU B 225 -28.09 -9.01 26.97
C LEU B 225 -28.42 -8.68 28.42
N ILE B 226 -27.44 -8.11 29.10
CA ILE B 226 -27.60 -7.76 30.51
C ILE B 226 -28.47 -6.51 30.73
N SER B 227 -28.41 -5.55 29.80
CA SER B 227 -29.20 -4.33 29.92
C SER B 227 -29.47 -3.67 28.56
N GLU B 228 -30.32 -2.64 28.56
CA GLU B 228 -30.67 -1.92 27.34
C GLU B 228 -29.43 -1.23 26.79
N LEU B 229 -28.55 -0.79 27.68
CA LEU B 229 -27.33 -0.12 27.26
C LEU B 229 -26.41 -1.10 26.54
N ALA B 230 -26.78 -2.39 26.58
CA ALA B 230 -26.01 -3.43 25.90
C ALA B 230 -26.45 -3.55 24.44
N ILE B 231 -27.59 -2.93 24.10
CA ILE B 231 -28.07 -2.95 22.72
C ILE B 231 -27.28 -1.87 21.98
N LEU B 232 -26.46 -2.30 21.03
CA LEU B 232 -25.60 -1.37 20.30
C LEU B 232 -25.34 -1.87 18.89
N PRO B 233 -24.74 -1.01 18.04
CA PRO B 233 -24.42 -1.38 16.67
C PRO B 233 -23.17 -2.27 16.70
N PRO B 234 -22.80 -2.88 15.56
CA PRO B 234 -21.64 -3.78 15.41
C PRO B 234 -20.34 -3.32 16.05
N SER B 235 -19.77 -4.16 16.91
CA SER B 235 -18.49 -3.85 17.55
C SER B 235 -17.41 -3.89 16.48
N ASP B 236 -17.49 -4.88 15.61
CA ASP B 236 -16.53 -5.02 14.52
C ASP B 236 -17.27 -5.09 13.19
N GLY B 237 -17.13 -4.05 12.38
CA GLY B 237 -17.80 -4.01 11.10
C GLY B 237 -17.39 -5.12 10.16
N GLU B 238 -16.18 -5.62 10.33
CA GLU B 238 -15.67 -6.69 9.49
C GLU B 238 -16.33 -8.04 9.77
N GLN B 239 -16.41 -8.43 11.03
CA GLN B 239 -17.05 -9.70 11.34
C GLN B 239 -18.54 -9.60 11.01
N PHE B 240 -19.10 -8.40 11.19
CA PHE B 240 -20.50 -8.18 10.88
C PHE B 240 -20.73 -8.38 9.40
N LEU B 241 -19.89 -7.77 8.58
CA LEU B 241 -20.01 -7.90 7.13
C LEU B 241 -19.72 -9.32 6.65
N MET B 242 -18.96 -10.08 7.43
CA MET B 242 -18.61 -11.45 7.09
C MET B 242 -19.74 -12.42 7.35
N ASN B 243 -20.35 -12.32 8.53
CA ASN B 243 -21.43 -13.21 8.93
C ASN B 243 -22.41 -12.61 9.94
N GLY B 244 -22.04 -11.50 10.56
CA GLY B 244 -22.91 -10.87 11.53
C GLY B 244 -24.23 -10.45 10.91
N TYR B 245 -24.20 -10.01 9.65
CA TYR B 245 -25.40 -9.56 8.95
C TYR B 245 -26.46 -10.66 8.71
N LEU B 246 -26.06 -11.91 8.87
CA LEU B 246 -26.94 -13.05 8.68
C LEU B 246 -27.87 -13.27 9.87
N SER B 247 -27.48 -12.77 11.03
CA SER B 247 -28.27 -12.92 12.24
C SER B 247 -29.51 -12.03 12.27
N MET B 248 -30.45 -12.36 13.16
CA MET B 248 -31.66 -11.56 13.31
C MET B 248 -31.23 -10.18 13.78
N TYR B 249 -30.21 -10.13 14.63
CA TYR B 249 -29.66 -8.87 15.11
C TYR B 249 -29.22 -8.04 13.91
N GLY B 250 -28.42 -8.67 13.04
CA GLY B 250 -27.91 -8.02 11.84
C GLY B 250 -28.96 -7.46 10.91
N LYS B 251 -30.01 -8.23 10.65
CA LYS B 251 -31.10 -7.81 9.78
C LYS B 251 -31.87 -6.62 10.37
N ASP B 252 -32.01 -6.59 11.69
CA ASP B 252 -32.69 -5.51 12.37
C ASP B 252 -31.86 -4.24 12.29
N TYR B 253 -30.55 -4.39 12.48
CA TYR B 253 -29.64 -3.26 12.44
C TYR B 253 -29.59 -2.62 11.05
N LEU B 254 -29.49 -3.45 10.02
CA LEU B 254 -29.44 -2.95 8.65
C LEU B 254 -30.77 -2.35 8.19
N GLU B 255 -31.87 -2.85 8.74
CA GLU B 255 -33.20 -2.33 8.42
C GLU B 255 -33.28 -0.91 9.00
N TRP B 256 -32.84 -0.77 10.24
CA TRP B 256 -32.84 0.51 10.92
C TRP B 256 -31.90 1.46 10.19
N TYR B 257 -30.69 0.98 9.96
CA TYR B 257 -29.65 1.76 9.29
C TYR B 257 -30.15 2.32 7.95
N GLN B 258 -30.73 1.47 7.10
CA GLN B 258 -31.24 1.95 5.82
C GLN B 258 -32.50 2.78 6.00
N GLY B 259 -33.32 2.40 6.97
CA GLY B 259 -34.57 3.11 7.26
C GLY B 259 -34.37 4.61 7.44
N ILE B 260 -33.25 4.99 8.06
CA ILE B 260 -32.96 6.40 8.27
C ILE B 260 -32.90 7.14 6.93
N LEU B 261 -32.27 6.53 5.94
CA LEU B 261 -32.17 7.17 4.64
C LEU B 261 -33.53 7.20 3.95
N GLU B 262 -34.31 6.13 4.10
CA GLU B 262 -35.64 6.07 3.50
C GLU B 262 -36.56 7.15 4.08
N ASN B 263 -36.46 7.34 5.39
CA ASN B 263 -37.25 8.36 6.07
C ASN B 263 -36.79 9.76 5.65
N HIS B 264 -35.48 9.91 5.47
CA HIS B 264 -34.89 11.18 5.06
C HIS B 264 -35.42 11.59 3.69
N THR B 265 -35.49 10.62 2.77
CA THR B 265 -36.00 10.86 1.41
C THR B 265 -37.42 11.40 1.46
N LYS B 266 -38.26 10.79 2.29
CA LYS B 266 -39.65 11.20 2.44
C LYS B 266 -39.78 12.62 2.98
N LEU B 267 -38.93 12.96 3.94
CA LEU B 267 -38.96 14.30 4.53
C LEU B 267 -38.64 15.40 3.52
N ILE B 268 -37.51 15.28 2.85
CA ILE B 268 -37.11 16.29 1.87
C ILE B 268 -38.03 16.32 0.66
N GLY B 269 -38.53 15.16 0.25
CA GLY B 269 -39.44 15.11 -0.89
C GLY B 269 -40.67 15.96 -0.59
N GLU B 270 -41.18 15.83 0.62
CA GLU B 270 -42.34 16.57 1.11
C GLU B 270 -42.06 18.07 1.15
N LEU B 271 -40.96 18.43 1.81
CA LEU B 271 -40.54 19.83 1.94
C LEU B 271 -40.38 20.53 0.60
N ALA B 272 -39.77 19.82 -0.35
CA ALA B 272 -39.55 20.37 -1.68
C ALA B 272 -40.85 20.51 -2.49
N HIS B 273 -41.71 19.52 -2.41
CA HIS B 273 -42.98 19.58 -3.13
C HIS B 273 -43.83 20.75 -2.65
N ASN B 274 -43.92 20.90 -1.34
CA ASN B 274 -44.68 22.00 -0.77
C ASN B 274 -44.09 23.34 -1.20
N ALA B 275 -42.76 23.40 -1.31
CA ALA B 275 -42.08 24.64 -1.69
C ALA B 275 -42.05 24.97 -3.17
N PHE B 276 -42.05 23.95 -4.03
CA PHE B 276 -41.95 24.22 -5.47
C PHE B 276 -43.13 23.87 -6.36
N ASP B 277 -44.00 22.97 -5.93
CA ASP B 277 -45.12 22.54 -6.77
C ASP B 277 -45.94 23.61 -7.48
N THR B 278 -46.67 24.41 -6.72
CA THR B 278 -47.53 25.44 -7.29
C THR B 278 -46.81 26.50 -8.11
N THR B 279 -45.60 26.87 -7.70
CA THR B 279 -44.83 27.88 -8.41
C THR B 279 -44.14 27.41 -9.69
N PHE B 280 -43.24 26.44 -9.55
CA PHE B 280 -42.48 25.94 -10.68
C PHE B 280 -43.13 24.82 -11.47
N GLN B 281 -43.82 23.92 -10.77
CA GLN B 281 -44.50 22.79 -11.41
C GLN B 281 -43.52 21.99 -12.27
N VAL B 282 -42.37 21.66 -11.69
CA VAL B 282 -41.34 20.90 -12.40
C VAL B 282 -41.03 19.62 -11.66
N PRO B 283 -40.42 18.64 -12.36
CA PRO B 283 -40.08 17.37 -11.69
C PRO B 283 -38.95 17.59 -10.67
N ILE B 284 -39.01 16.86 -9.56
CA ILE B 284 -38.01 16.97 -8.51
C ILE B 284 -37.36 15.59 -8.37
N GLY B 285 -36.05 15.58 -8.12
CA GLY B 285 -35.35 14.32 -7.97
C GLY B 285 -34.21 14.30 -6.98
N ALA B 286 -33.64 13.11 -6.78
CA ALA B 286 -32.52 12.92 -5.87
C ALA B 286 -31.54 11.89 -6.44
N LYS B 287 -30.33 11.87 -5.91
CA LYS B 287 -29.28 10.96 -6.39
C LYS B 287 -28.90 9.82 -5.45
N ILE B 288 -28.62 8.68 -6.05
CA ILE B 288 -28.19 7.47 -5.35
C ILE B 288 -26.78 7.18 -5.91
N ALA B 289 -25.83 6.88 -5.05
CA ALA B 289 -24.45 6.61 -5.49
C ALA B 289 -24.17 5.17 -5.88
N GLY B 290 -23.42 5.01 -6.96
CA GLY B 290 -23.05 3.67 -7.40
C GLY B 290 -21.83 3.23 -6.61
N VAL B 291 -22.04 2.46 -5.55
CA VAL B 291 -20.93 1.96 -4.74
C VAL B 291 -20.63 0.56 -5.28
N HIS B 292 -20.04 0.55 -6.47
CA HIS B 292 -19.70 -0.66 -7.20
C HIS B 292 -18.57 -1.56 -6.73
N TRP B 293 -17.76 -1.12 -5.77
CA TRP B 293 -16.65 -1.96 -5.31
C TRP B 293 -17.04 -2.82 -4.12
N GLN B 294 -16.33 -3.95 -3.99
CA GLN B 294 -16.58 -4.93 -2.93
C GLN B 294 -17.96 -5.55 -3.12
N TYR B 295 -18.46 -5.45 -4.35
CA TYR B 295 -19.77 -5.96 -4.73
C TYR B 295 -19.85 -7.49 -4.64
N ASN B 296 -18.94 -8.17 -5.35
CA ASN B 296 -18.92 -9.63 -5.34
C ASN B 296 -17.75 -10.20 -4.55
N ASN B 297 -17.42 -9.57 -3.43
CA ASN B 297 -16.34 -10.08 -2.60
C ASN B 297 -16.93 -11.29 -1.89
N PRO B 298 -16.29 -12.46 -2.04
CA PRO B 298 -16.72 -13.72 -1.43
C PRO B 298 -16.91 -13.72 0.08
N THR B 299 -15.94 -13.15 0.80
CA THR B 299 -16.02 -13.11 2.25
C THR B 299 -16.81 -11.95 2.84
N ILE B 300 -16.71 -10.76 2.24
CA ILE B 300 -17.48 -9.60 2.72
C ILE B 300 -18.32 -9.08 1.55
N PRO B 301 -19.38 -9.80 1.17
CA PRO B 301 -20.25 -9.40 0.07
C PRO B 301 -20.87 -8.01 0.26
N HIS B 302 -20.74 -7.18 -0.77
CA HIS B 302 -21.27 -5.81 -0.76
C HIS B 302 -20.70 -5.02 0.42
N GLY B 303 -19.42 -5.24 0.69
CA GLY B 303 -18.74 -4.58 1.79
C GLY B 303 -18.63 -3.07 1.70
N ALA B 304 -18.93 -2.51 0.53
CA ALA B 304 -18.87 -1.06 0.37
C ALA B 304 -20.30 -0.49 0.38
N GLU B 305 -21.24 -1.24 -0.20
CA GLU B 305 -22.64 -0.81 -0.27
C GLU B 305 -23.33 -0.74 1.09
N LYS B 306 -23.28 -1.86 1.81
CA LYS B 306 -23.94 -1.93 3.11
C LYS B 306 -23.61 -0.79 4.06
N PRO B 307 -22.31 -0.46 4.24
CA PRO B 307 -21.96 0.63 5.15
C PRO B 307 -22.46 2.01 4.66
N ALA B 308 -22.62 2.14 3.35
CA ALA B 308 -23.12 3.38 2.74
C ALA B 308 -24.62 3.53 2.99
N GLY B 309 -25.26 2.44 3.39
CA GLY B 309 -26.69 2.43 3.66
C GLY B 309 -27.53 1.66 2.65
N TYR B 310 -26.89 1.09 1.65
CA TYR B 310 -27.61 0.37 0.60
C TYR B 310 -27.61 -1.12 0.83
N ASN B 311 -28.61 -1.59 1.56
CA ASN B 311 -28.73 -3.02 1.83
C ASN B 311 -29.83 -3.66 0.98
N ASP B 312 -30.86 -2.89 0.67
CA ASP B 312 -31.98 -3.39 -0.11
C ASP B 312 -32.45 -2.27 -1.02
N TYR B 313 -31.99 -2.32 -2.27
CA TYR B 313 -32.33 -1.31 -3.25
C TYR B 313 -33.80 -1.21 -3.57
N SER B 314 -34.51 -2.33 -3.56
CA SER B 314 -35.93 -2.34 -3.87
C SER B 314 -36.73 -1.53 -2.85
N HIS B 315 -36.43 -1.79 -1.58
CA HIS B 315 -37.10 -1.12 -0.49
C HIS B 315 -36.76 0.35 -0.52
N LEU B 316 -35.50 0.67 -0.81
CA LEU B 316 -35.04 2.06 -0.88
C LEU B 316 -35.73 2.82 -2.02
N LEU B 317 -35.85 2.18 -3.17
CA LEU B 317 -36.50 2.81 -4.33
C LEU B 317 -37.98 3.09 -4.07
N ASP B 318 -38.59 2.31 -3.16
CA ASP B 318 -39.99 2.51 -2.80
C ASP B 318 -40.15 3.87 -2.10
N ALA B 319 -39.10 4.29 -1.38
CA ALA B 319 -39.12 5.56 -0.67
C ALA B 319 -39.17 6.72 -1.65
N PHE B 320 -38.48 6.58 -2.79
CA PHE B 320 -38.47 7.60 -3.83
C PHE B 320 -39.82 7.69 -4.54
N LYS B 321 -40.45 6.55 -4.77
CA LYS B 321 -41.76 6.53 -5.42
C LYS B 321 -42.80 7.23 -4.56
N SER B 322 -42.87 6.87 -3.27
CA SER B 322 -43.82 7.50 -2.36
C SER B 322 -43.51 8.98 -2.10
N ALA B 323 -42.23 9.34 -2.14
CA ALA B 323 -41.81 10.73 -1.93
C ALA B 323 -42.04 11.56 -3.19
N LYS B 324 -42.39 10.89 -4.28
CA LYS B 324 -42.63 11.52 -5.56
C LYS B 324 -41.36 12.19 -6.07
N LEU B 325 -40.26 11.44 -6.04
CA LEU B 325 -38.95 11.93 -6.48
C LEU B 325 -38.38 11.05 -7.59
N ASP B 326 -37.84 11.68 -8.63
CA ASP B 326 -37.21 10.95 -9.74
C ASP B 326 -35.84 10.53 -9.20
N VAL B 327 -35.33 9.41 -9.67
CA VAL B 327 -34.03 8.94 -9.19
C VAL B 327 -32.93 9.11 -10.24
N THR B 328 -31.72 9.36 -9.76
CA THR B 328 -30.55 9.49 -10.61
C THR B 328 -29.49 8.51 -10.12
N PHE B 329 -28.92 7.74 -11.03
CA PHE B 329 -27.90 6.76 -10.69
C PHE B 329 -26.61 7.07 -11.48
N THR B 330 -25.48 6.63 -10.95
CA THR B 330 -24.18 6.88 -11.56
C THR B 330 -23.54 5.63 -12.17
N CYS B 331 -22.33 5.80 -12.72
CA CYS B 331 -21.54 4.71 -13.32
C CYS B 331 -21.94 4.19 -14.70
N LEU B 332 -22.82 4.90 -15.40
CA LEU B 332 -23.26 4.42 -16.72
C LEU B 332 -22.14 4.06 -17.71
N GLU B 333 -20.98 4.67 -17.56
CA GLU B 333 -19.86 4.44 -18.47
C GLU B 333 -18.92 3.30 -18.06
N MET B 334 -19.24 2.60 -16.97
CA MET B 334 -18.40 1.52 -16.45
C MET B 334 -18.75 0.09 -16.89
N THR B 335 -17.76 -0.79 -16.81
CA THR B 335 -17.91 -2.20 -17.16
C THR B 335 -17.57 -3.06 -15.95
N ASP B 336 -18.16 -4.25 -15.89
CA ASP B 336 -17.91 -5.17 -14.79
C ASP B 336 -16.49 -5.73 -14.78
N LYS B 337 -15.91 -5.85 -13.58
CA LYS B 337 -14.58 -6.44 -13.43
C LYS B 337 -14.84 -7.65 -12.54
N GLY B 338 -15.25 -7.40 -11.30
CA GLY B 338 -15.56 -8.46 -10.36
C GLY B 338 -14.41 -9.32 -9.94
N SER B 339 -13.19 -8.80 -10.07
CA SER B 339 -12.00 -9.55 -9.71
C SER B 339 -11.30 -8.97 -8.48
N TYR B 340 -10.48 -9.82 -7.85
CA TYR B 340 -9.71 -9.42 -6.68
C TYR B 340 -8.73 -8.34 -7.13
N PRO B 341 -8.46 -7.33 -6.27
CA PRO B 341 -9.00 -7.07 -4.92
C PRO B 341 -10.19 -6.11 -4.83
N GLU B 342 -10.56 -5.48 -5.94
CA GLU B 342 -11.67 -4.51 -5.95
C GLU B 342 -13.07 -5.10 -6.03
N TYR B 343 -13.19 -6.23 -6.72
CA TYR B 343 -14.47 -6.91 -6.90
C TYR B 343 -15.56 -5.91 -7.30
N SER B 344 -15.28 -5.12 -8.33
CA SER B 344 -16.23 -4.10 -8.77
C SER B 344 -17.14 -4.54 -9.90
N MET B 345 -18.44 -4.40 -9.67
CA MET B 345 -19.47 -4.76 -10.65
C MET B 345 -20.41 -3.59 -10.92
N PRO B 346 -19.89 -2.53 -11.56
CA PRO B 346 -20.68 -1.34 -11.88
C PRO B 346 -21.78 -1.53 -12.93
N LYS B 347 -21.50 -2.32 -13.96
CA LYS B 347 -22.49 -2.55 -15.02
C LYS B 347 -23.66 -3.39 -14.54
N THR B 348 -23.38 -4.38 -13.71
CA THR B 348 -24.42 -5.24 -13.15
C THR B 348 -25.29 -4.37 -12.24
N LEU B 349 -24.62 -3.53 -11.43
CA LEU B 349 -25.31 -2.61 -10.51
C LEU B 349 -26.30 -1.73 -11.26
N VAL B 350 -25.82 -1.06 -12.31
CA VAL B 350 -26.66 -0.17 -13.08
C VAL B 350 -27.90 -0.86 -13.64
N GLN B 351 -27.71 -2.02 -14.29
CA GLN B 351 -28.85 -2.70 -14.87
C GLN B 351 -29.84 -3.27 -13.86
N ASN B 352 -29.41 -3.51 -12.63
CA ASN B 352 -30.33 -4.01 -11.62
C ASN B 352 -31.21 -2.88 -11.06
N ILE B 353 -30.61 -1.70 -10.90
CA ILE B 353 -31.33 -0.52 -10.40
C ILE B 353 -32.31 -0.05 -11.49
N ALA B 354 -31.82 0.01 -12.73
CA ALA B 354 -32.64 0.43 -13.87
C ALA B 354 -33.87 -0.48 -13.99
N THR B 355 -33.68 -1.76 -13.70
CA THR B 355 -34.77 -2.73 -13.76
C THR B 355 -35.78 -2.43 -12.65
N LEU B 356 -35.30 -2.30 -11.42
CA LEU B 356 -36.15 -2.02 -10.27
C LEU B 356 -36.97 -0.77 -10.46
N ALA B 357 -36.31 0.30 -10.91
CA ALA B 357 -36.95 1.60 -11.13
C ALA B 357 -38.06 1.50 -12.16
N ASN B 358 -37.75 0.87 -13.28
CA ASN B 358 -38.71 0.71 -14.36
C ASN B 358 -39.92 -0.13 -13.92
N GLU B 359 -39.71 -1.19 -13.16
CA GLU B 359 -40.83 -2.01 -12.72
C GLU B 359 -41.67 -1.30 -11.66
N LYS B 360 -41.15 -0.21 -11.11
CA LYS B 360 -41.88 0.55 -10.10
C LYS B 360 -42.51 1.82 -10.69
N GLY B 361 -42.14 2.15 -11.93
CA GLY B 361 -42.68 3.34 -12.58
C GLY B 361 -41.98 4.62 -12.13
N ILE B 362 -40.72 4.48 -11.71
CA ILE B 362 -39.91 5.59 -11.25
C ILE B 362 -39.10 6.13 -12.43
N VAL B 363 -39.15 7.44 -12.66
CA VAL B 363 -38.41 8.04 -13.76
C VAL B 363 -36.93 7.99 -13.43
N LEU B 364 -36.16 7.38 -14.34
CA LEU B 364 -34.73 7.17 -14.16
C LEU B 364 -33.81 8.05 -15.02
N ASN B 365 -32.79 8.61 -14.37
CA ASN B 365 -31.81 9.44 -15.06
C ASN B 365 -30.43 8.90 -14.70
N GLY B 366 -29.42 9.28 -15.45
CA GLY B 366 -28.09 8.78 -15.15
C GLY B 366 -27.00 9.80 -15.41
N GLU B 367 -25.85 9.57 -14.80
CA GLU B 367 -24.70 10.44 -14.99
C GLU B 367 -23.44 9.60 -14.85
N ASN B 368 -22.41 9.97 -15.60
CA ASN B 368 -21.15 9.25 -15.54
C ASN B 368 -20.51 9.53 -14.18
N ALA B 369 -19.73 8.58 -13.70
CA ALA B 369 -19.07 8.69 -12.41
C ALA B 369 -17.84 9.59 -12.44
N LEU B 370 -16.97 9.33 -13.42
CA LEU B 370 -15.73 10.09 -13.59
C LEU B 370 -15.64 10.66 -15.00
N SER B 371 -14.67 11.54 -15.22
CA SER B 371 -14.47 12.18 -16.53
C SER B 371 -14.29 11.16 -17.65
N ILE B 372 -14.92 11.44 -18.78
CA ILE B 372 -14.82 10.58 -19.95
C ILE B 372 -13.82 11.17 -20.93
N GLY B 373 -12.71 10.46 -21.12
CA GLY B 373 -11.68 10.92 -22.03
C GLY B 373 -11.80 10.34 -23.44
N ASN B 374 -12.28 9.11 -23.55
CA ASN B 374 -12.42 8.50 -24.88
C ASN B 374 -13.87 8.35 -25.32
N GLU B 375 -14.04 8.02 -26.60
CA GLU B 375 -15.35 7.82 -27.22
C GLU B 375 -15.98 6.47 -26.85
N GLU B 376 -15.17 5.48 -26.52
CA GLU B 376 -15.67 4.16 -26.15
C GLU B 376 -16.50 4.21 -24.87
N GLU B 377 -16.24 5.23 -24.05
CA GLU B 377 -16.99 5.41 -22.81
C GLU B 377 -18.37 5.94 -23.16
N TYR B 378 -18.42 6.83 -24.15
CA TYR B 378 -19.68 7.42 -24.60
C TYR B 378 -20.54 6.31 -25.15
N LYS B 379 -19.93 5.39 -25.88
CA LYS B 379 -20.66 4.27 -26.45
C LYS B 379 -21.28 3.39 -25.36
N ARG B 380 -20.57 3.28 -24.23
CA ARG B 380 -21.05 2.48 -23.11
C ARG B 380 -22.25 3.14 -22.42
N VAL B 381 -22.22 4.47 -22.33
CA VAL B 381 -23.32 5.22 -21.71
C VAL B 381 -24.54 5.07 -22.63
N ALA B 382 -24.32 5.25 -23.93
CA ALA B 382 -25.40 5.15 -24.91
C ALA B 382 -26.15 3.82 -24.79
N GLU B 383 -25.40 2.73 -24.59
CA GLU B 383 -25.99 1.41 -24.46
C GLU B 383 -26.90 1.33 -23.24
N MET B 384 -26.42 1.80 -22.10
CA MET B 384 -27.24 1.73 -20.89
C MET B 384 -28.44 2.67 -21.00
N ALA B 385 -28.18 3.92 -21.37
CA ALA B 385 -29.22 4.92 -21.48
C ALA B 385 -30.35 4.57 -22.44
N PHE B 386 -29.99 4.27 -23.68
CA PHE B 386 -30.96 3.96 -24.71
C PHE B 386 -31.56 2.56 -24.64
N ASN B 387 -31.02 1.71 -23.77
CA ASN B 387 -31.54 0.36 -23.68
C ASN B 387 -32.26 0.05 -22.38
N TYR B 388 -32.01 0.83 -21.34
CA TYR B 388 -32.67 0.61 -20.05
C TYR B 388 -33.66 1.71 -19.65
N ASN B 389 -34.14 2.41 -20.66
CA ASN B 389 -35.14 3.46 -20.52
C ASN B 389 -34.81 4.74 -19.73
N PHE B 390 -33.59 5.26 -19.87
CA PHE B 390 -33.21 6.49 -19.17
C PHE B 390 -33.87 7.72 -19.81
N ALA B 391 -34.52 8.51 -18.97
CA ALA B 391 -35.20 9.74 -19.39
C ALA B 391 -34.19 10.87 -19.63
N GLY B 392 -33.04 10.80 -18.96
CA GLY B 392 -32.02 11.80 -19.16
C GLY B 392 -30.64 11.32 -18.80
N PHE B 393 -29.63 12.07 -19.21
CA PHE B 393 -28.25 11.75 -18.91
C PHE B 393 -27.47 13.04 -18.68
N THR B 394 -26.78 13.12 -17.55
CA THR B 394 -25.99 14.30 -17.22
C THR B 394 -24.51 13.99 -17.40
N LEU B 395 -23.83 14.84 -18.16
CA LEU B 395 -22.42 14.67 -18.41
C LEU B 395 -21.54 15.51 -17.48
N LEU B 396 -20.68 14.81 -16.74
CA LEU B 396 -19.72 15.45 -15.85
C LEU B 396 -18.42 15.45 -16.67
N ARG B 397 -17.89 16.63 -16.99
CA ARG B 397 -18.44 17.91 -16.57
C ARG B 397 -18.08 18.94 -17.62
N TYR B 398 -18.74 20.10 -17.53
CA TYR B 398 -18.58 21.24 -18.43
C TYR B 398 -17.27 21.33 -19.22
N GLN B 399 -16.18 21.55 -18.50
CA GLN B 399 -14.85 21.71 -19.08
C GLN B 399 -14.34 20.59 -19.97
N ASP B 400 -14.78 19.36 -19.69
CA ASP B 400 -14.35 18.19 -20.45
C ASP B 400 -14.61 18.27 -21.97
N VAL B 401 -15.85 18.60 -22.35
CA VAL B 401 -16.23 18.73 -23.76
C VAL B 401 -16.16 20.16 -24.27
N MET B 402 -16.27 21.12 -23.35
CA MET B 402 -16.25 22.54 -23.69
C MET B 402 -14.89 22.94 -24.26
N TYR B 403 -13.83 22.33 -23.73
CA TYR B 403 -12.49 22.64 -24.19
C TYR B 403 -11.91 21.53 -25.08
N ASN B 404 -12.78 20.64 -25.55
CA ASN B 404 -12.36 19.56 -26.42
C ASN B 404 -13.40 19.30 -27.51
N ASN B 405 -13.22 19.96 -28.64
CA ASN B 405 -14.15 19.83 -29.77
C ASN B 405 -14.33 18.40 -30.26
N SER B 406 -13.25 17.63 -30.28
CA SER B 406 -13.33 16.24 -30.73
C SER B 406 -14.34 15.49 -29.86
N LEU B 407 -14.13 15.56 -28.54
CA LEU B 407 -15.04 14.92 -27.59
C LEU B 407 -16.45 15.48 -27.74
N MET B 408 -16.56 16.81 -27.75
CA MET B 408 -17.84 17.49 -27.89
C MET B 408 -18.62 17.00 -29.11
N GLY B 409 -17.89 16.80 -30.21
CA GLY B 409 -18.50 16.34 -31.45
C GLY B 409 -19.00 14.91 -31.35
N LYS B 410 -18.26 14.06 -30.65
CA LYS B 410 -18.71 12.69 -30.51
C LYS B 410 -19.91 12.63 -29.57
N PHE B 411 -19.95 13.52 -28.58
CA PHE B 411 -21.08 13.55 -27.67
C PHE B 411 -22.34 13.85 -28.48
N LYS B 412 -22.29 14.86 -29.34
CA LYS B 412 -23.45 15.23 -30.15
C LYS B 412 -23.97 14.05 -30.95
N ASP B 413 -23.08 13.43 -31.72
CA ASP B 413 -23.43 12.29 -32.54
C ASP B 413 -24.00 11.12 -31.73
N LEU B 414 -23.34 10.75 -30.63
CA LEU B 414 -23.75 9.62 -29.81
C LEU B 414 -24.87 9.79 -28.77
N LEU B 415 -24.79 10.84 -27.95
CA LEU B 415 -25.77 11.06 -26.89
C LEU B 415 -26.61 12.34 -26.96
N GLY B 416 -26.15 13.35 -27.70
CA GLY B 416 -26.91 14.58 -27.80
C GLY B 416 -27.95 14.51 -28.90
N VAL B 417 -28.87 13.56 -28.77
CA VAL B 417 -29.92 13.33 -29.77
C VAL B 417 -31.36 13.68 -29.32
N THR B 418 -32.23 13.89 -30.31
CA THR B 418 -33.64 14.20 -30.08
C THR B 418 -34.49 13.00 -30.48
N PRO B 419 -35.22 12.42 -29.51
CA PRO B 419 -36.07 11.26 -29.77
C PRO B 419 -37.27 11.61 -30.67
N VAL B 420 -37.34 11.01 -31.85
CA VAL B 420 -38.44 11.27 -32.78
C VAL B 420 -39.12 9.96 -33.19
N MET B 421 -40.42 9.84 -32.95
CA MET B 421 -41.14 8.62 -33.32
C MET B 421 -41.30 8.50 -34.82
N GLN B 422 -41.13 7.28 -35.33
CA GLN B 422 -41.24 6.99 -36.74
C GLN B 422 -41.96 5.66 -36.84
N THR B 423 -42.45 5.32 -38.03
CA THR B 423 -43.12 4.04 -38.22
C THR B 423 -42.33 3.20 -39.21
N ILE B 424 -41.79 2.10 -38.71
CA ILE B 424 -41.01 1.17 -39.53
C ILE B 424 -41.98 0.14 -40.09
N VAL B 425 -41.94 -0.07 -41.39
CA VAL B 425 -42.82 -1.04 -42.03
C VAL B 425 -42.02 -2.03 -42.88
N VAL B 426 -42.31 -3.31 -42.69
CA VAL B 426 -41.66 -4.37 -43.45
C VAL B 426 -42.74 -5.36 -43.86
N LYS B 427 -42.82 -5.62 -45.16
CA LYS B 427 -43.83 -6.53 -45.68
C LYS B 427 -43.21 -7.75 -46.37
N ASN B 428 -44.03 -8.79 -46.53
CA ASN B 428 -43.63 -10.05 -47.18
C ASN B 428 -42.78 -11.00 -46.34
N VAL B 429 -42.78 -10.81 -45.02
CA VAL B 429 -41.97 -11.69 -44.17
C VAL B 429 -42.64 -13.05 -43.98
N PRO B 430 -41.84 -14.13 -44.06
CA PRO B 430 -42.29 -15.51 -43.91
C PRO B 430 -42.59 -15.92 -42.46
N THR B 431 -43.46 -15.17 -41.79
CA THR B 431 -43.78 -15.50 -40.41
C THR B 431 -44.78 -16.63 -40.31
N THR B 432 -44.47 -17.60 -39.48
CA THR B 432 -45.33 -18.76 -39.28
C THR B 432 -45.80 -18.79 -37.84
N ILE B 433 -46.51 -19.85 -37.47
CA ILE B 433 -47.00 -19.99 -36.11
C ILE B 433 -45.83 -19.99 -35.14
N GLY B 434 -45.85 -19.01 -34.23
CA GLY B 434 -44.80 -18.89 -33.23
C GLY B 434 -43.69 -17.92 -33.61
N ASP B 435 -43.71 -17.44 -34.86
CA ASP B 435 -42.69 -16.51 -35.33
C ASP B 435 -42.97 -15.07 -34.94
N THR B 436 -41.94 -14.41 -34.39
CA THR B 436 -42.02 -13.01 -33.98
C THR B 436 -41.08 -12.21 -34.87
N VAL B 437 -41.41 -10.95 -35.15
CA VAL B 437 -40.54 -10.13 -35.99
C VAL B 437 -39.94 -9.00 -35.16
N TYR B 438 -38.64 -8.80 -35.34
CA TYR B 438 -37.90 -7.77 -34.62
C TYR B 438 -37.05 -6.98 -35.58
N ILE B 439 -36.38 -5.95 -35.05
CA ILE B 439 -35.47 -5.14 -35.82
C ILE B 439 -34.32 -4.76 -34.89
N THR B 440 -33.13 -4.61 -35.47
CA THR B 440 -31.95 -4.23 -34.70
C THR B 440 -31.07 -3.48 -35.70
N GLY B 441 -30.08 -2.75 -35.20
CA GLY B 441 -29.24 -1.99 -36.10
C GLY B 441 -27.97 -1.49 -35.47
N ASN B 442 -27.22 -0.71 -36.23
CA ASN B 442 -25.94 -0.18 -35.80
C ASN B 442 -25.87 0.71 -34.57
N ARG B 443 -26.79 1.65 -34.43
CA ARG B 443 -26.78 2.54 -33.29
C ARG B 443 -27.31 1.89 -32.01
N ALA B 444 -26.85 2.40 -30.88
CA ALA B 444 -27.26 1.93 -29.55
C ALA B 444 -28.77 2.05 -29.31
N GLU B 445 -29.40 2.96 -30.05
CA GLU B 445 -30.83 3.19 -29.97
C GLU B 445 -31.57 2.01 -30.59
N LEU B 446 -30.89 1.35 -31.54
CA LEU B 446 -31.45 0.19 -32.23
C LEU B 446 -30.94 -1.13 -31.66
N GLY B 447 -30.27 -1.07 -30.51
CA GLY B 447 -29.78 -2.27 -29.87
C GLY B 447 -28.40 -2.75 -30.31
N SER B 448 -27.72 -1.98 -31.14
CA SER B 448 -26.38 -2.34 -31.61
C SER B 448 -26.23 -3.78 -32.14
N TRP B 449 -27.12 -4.16 -33.05
CA TRP B 449 -27.10 -5.49 -33.67
C TRP B 449 -27.32 -6.68 -32.72
N ASP B 450 -27.81 -6.42 -31.51
CA ASP B 450 -28.06 -7.51 -30.58
C ASP B 450 -29.47 -8.04 -30.80
N THR B 451 -29.57 -9.35 -31.00
CA THR B 451 -30.85 -10.01 -31.21
C THR B 451 -31.24 -10.70 -29.91
N LYS B 452 -30.28 -10.81 -29.00
CA LYS B 452 -30.51 -11.47 -27.72
C LYS B 452 -31.47 -10.74 -26.77
N GLN B 453 -31.04 -9.59 -26.24
CA GLN B 453 -31.87 -8.84 -25.28
C GLN B 453 -32.26 -7.39 -25.59
N TYR B 454 -31.77 -6.84 -26.71
CA TYR B 454 -32.07 -5.44 -27.05
C TYR B 454 -32.87 -5.12 -28.33
N PRO B 455 -33.21 -6.12 -29.17
CA PRO B 455 -33.96 -5.78 -30.39
C PRO B 455 -35.33 -5.15 -30.16
N ILE B 456 -35.79 -4.34 -31.12
CA ILE B 456 -37.10 -3.68 -31.03
C ILE B 456 -38.13 -4.54 -31.75
N GLN B 457 -39.17 -4.91 -31.02
CA GLN B 457 -40.22 -5.78 -31.54
C GLN B 457 -41.30 -5.11 -32.40
N LEU B 458 -41.49 -5.63 -33.62
CA LEU B 458 -42.52 -5.11 -34.52
C LEU B 458 -43.79 -5.94 -34.32
N TYR B 459 -44.90 -5.45 -34.84
CA TYR B 459 -46.19 -6.13 -34.72
C TYR B 459 -46.86 -6.29 -36.07
N TYR B 460 -47.69 -7.33 -36.20
CA TYR B 460 -48.39 -7.63 -37.44
C TYR B 460 -49.71 -6.90 -37.65
N ASP B 461 -49.75 -6.00 -38.63
CA ASP B 461 -50.97 -5.26 -38.92
C ASP B 461 -51.80 -6.10 -39.91
N SER B 462 -52.70 -6.90 -39.35
CA SER B 462 -53.59 -7.75 -40.14
C SER B 462 -54.46 -6.95 -41.10
N HIS B 463 -54.82 -5.72 -40.69
CA HIS B 463 -55.65 -4.83 -41.51
C HIS B 463 -54.93 -4.34 -42.77
N SER B 464 -53.65 -4.67 -42.87
CA SER B 464 -52.83 -4.33 -44.02
C SER B 464 -51.86 -5.48 -44.26
N ASN B 465 -52.07 -6.54 -43.46
CA ASN B 465 -51.28 -7.77 -43.51
C ASN B 465 -49.78 -7.55 -43.72
N ASP B 466 -49.14 -6.98 -42.69
CA ASP B 466 -47.71 -6.70 -42.73
C ASP B 466 -47.15 -6.57 -41.32
N TRP B 467 -45.86 -6.26 -41.23
CA TRP B 467 -45.20 -6.07 -39.95
C TRP B 467 -44.73 -4.64 -39.86
N ARG B 468 -45.00 -4.00 -38.73
CA ARG B 468 -44.61 -2.62 -38.55
C ARG B 468 -44.58 -2.26 -37.08
N GLY B 469 -44.16 -1.04 -36.79
CA GLY B 469 -44.10 -0.61 -35.41
C GLY B 469 -43.71 0.84 -35.28
N ASN B 470 -44.05 1.43 -34.13
CA ASN B 470 -43.71 2.81 -33.85
C ASN B 470 -42.44 2.76 -33.03
N VAL B 471 -41.40 3.39 -33.56
CA VAL B 471 -40.11 3.38 -32.90
C VAL B 471 -39.55 4.79 -32.75
N VAL B 472 -38.97 5.05 -31.58
CA VAL B 472 -38.37 6.35 -31.31
C VAL B 472 -36.92 6.20 -31.76
N LEU B 473 -36.55 7.00 -32.76
CA LEU B 473 -35.21 6.99 -33.31
C LEU B 473 -34.52 8.31 -33.10
N PRO B 474 -33.18 8.33 -33.20
CA PRO B 474 -32.44 9.58 -33.03
C PRO B 474 -32.57 10.44 -34.29
N ALA B 475 -33.25 11.58 -34.15
CA ALA B 475 -33.45 12.48 -35.27
C ALA B 475 -32.15 12.98 -35.87
N GLU B 476 -32.14 13.12 -37.19
CA GLU B 476 -30.98 13.60 -37.93
C GLU B 476 -29.72 12.77 -37.79
N ARG B 477 -29.89 11.47 -37.61
CA ARG B 477 -28.76 10.55 -37.49
C ARG B 477 -28.87 9.51 -38.59
N ASN B 478 -27.73 9.03 -39.06
CA ASN B 478 -27.71 8.00 -40.11
C ASN B 478 -27.77 6.62 -39.47
N ILE B 479 -28.87 5.91 -39.70
CA ILE B 479 -29.04 4.58 -39.13
C ILE B 479 -29.08 3.48 -40.21
N GLU B 480 -28.73 2.26 -39.79
CA GLU B 480 -28.73 1.07 -40.65
C GLU B 480 -29.33 -0.04 -39.82
N PHE B 481 -30.19 -0.84 -40.43
CA PHE B 481 -30.87 -1.90 -39.69
C PHE B 481 -31.39 -3.00 -40.59
N LYS B 482 -31.99 -4.02 -39.96
CA LYS B 482 -32.55 -5.18 -40.64
C LYS B 482 -33.59 -5.84 -39.74
N ALA B 483 -34.59 -6.44 -40.36
CA ALA B 483 -35.62 -7.15 -39.62
C ALA B 483 -35.19 -8.61 -39.54
N PHE B 484 -35.63 -9.32 -38.51
CA PHE B 484 -35.28 -10.72 -38.38
C PHE B 484 -36.40 -11.43 -37.64
N ILE B 485 -36.57 -12.72 -37.92
CA ILE B 485 -37.61 -13.49 -37.29
C ILE B 485 -37.04 -14.28 -36.11
N LYS B 486 -37.84 -14.39 -35.06
CA LYS B 486 -37.45 -15.13 -33.88
C LYS B 486 -38.46 -16.24 -33.65
N SER B 487 -37.97 -17.47 -33.73
CA SER B 487 -38.80 -18.67 -33.53
C SER B 487 -39.24 -18.74 -32.07
N LYS B 488 -40.39 -19.40 -31.84
CA LYS B 488 -40.96 -19.56 -30.50
C LYS B 488 -39.99 -19.98 -29.41
N ASP B 489 -39.00 -20.79 -29.76
CA ASP B 489 -37.99 -21.25 -28.81
C ASP B 489 -37.00 -20.13 -28.47
N GLY B 490 -37.28 -18.93 -28.98
CA GLY B 490 -36.42 -17.79 -28.75
C GLY B 490 -35.15 -17.82 -29.57
N THR B 491 -35.21 -18.40 -30.76
CA THR B 491 -34.03 -18.49 -31.61
C THR B 491 -34.16 -17.74 -32.92
N VAL B 492 -33.05 -17.20 -33.40
CA VAL B 492 -33.03 -16.47 -34.66
C VAL B 492 -33.20 -17.45 -35.82
N LYS B 493 -34.26 -17.25 -36.58
CA LYS B 493 -34.59 -18.08 -37.73
C LYS B 493 -33.99 -17.52 -39.02
N SER B 494 -34.32 -16.27 -39.33
CA SER B 494 -33.82 -15.66 -40.56
C SER B 494 -33.78 -14.15 -40.48
N TRP B 495 -33.04 -13.55 -41.40
CA TRP B 495 -32.88 -12.10 -41.45
C TRP B 495 -33.48 -11.59 -42.75
N GLN B 496 -33.76 -10.29 -42.76
CA GLN B 496 -34.29 -9.62 -43.93
C GLN B 496 -33.16 -9.64 -44.96
N THR B 497 -33.50 -9.86 -46.21
CA THR B 497 -32.51 -9.96 -47.29
C THR B 497 -31.55 -8.77 -47.43
N ILE B 498 -32.13 -7.58 -47.52
CA ILE B 498 -31.34 -6.36 -47.69
C ILE B 498 -31.32 -5.47 -46.44
N GLN B 499 -30.12 -5.01 -46.10
CA GLN B 499 -29.94 -4.14 -44.94
C GLN B 499 -30.56 -2.78 -45.25
N GLN B 500 -31.52 -2.37 -44.44
CA GLN B 500 -32.20 -1.10 -44.61
C GLN B 500 -31.40 0.05 -44.01
N SER B 501 -31.73 1.26 -44.46
CA SER B 501 -31.05 2.47 -43.99
C SER B 501 -31.97 3.68 -44.00
N TRP B 502 -31.61 4.68 -43.19
CA TRP B 502 -32.34 5.93 -43.10
C TRP B 502 -31.21 6.93 -42.84
N ASN B 503 -30.80 7.62 -43.91
CA ASN B 503 -29.70 8.56 -43.82
C ASN B 503 -30.04 9.99 -44.23
N PRO B 504 -30.41 10.84 -43.26
CA PRO B 504 -30.56 10.50 -41.84
C PRO B 504 -32.03 10.25 -41.50
N VAL B 505 -32.30 10.05 -40.22
CA VAL B 505 -33.66 9.85 -39.76
C VAL B 505 -34.30 11.24 -39.76
N PRO B 506 -35.47 11.37 -40.39
CA PRO B 506 -36.21 12.64 -40.47
C PRO B 506 -36.74 13.16 -39.13
N LEU B 507 -36.81 14.47 -39.03
CA LEU B 507 -37.32 15.15 -37.84
C LEU B 507 -38.84 15.01 -37.85
N LYS B 508 -39.41 14.90 -39.04
CA LYS B 508 -40.84 14.75 -39.21
C LYS B 508 -41.21 13.27 -39.15
N THR B 509 -42.22 12.95 -38.35
CA THR B 509 -42.69 11.58 -38.21
C THR B 509 -43.25 11.09 -39.54
N THR B 510 -42.39 10.42 -40.31
CA THR B 510 -42.81 9.89 -41.59
C THR B 510 -43.06 8.38 -41.44
N SER B 511 -42.35 7.57 -42.20
CA SER B 511 -42.50 6.11 -42.15
C SER B 511 -41.50 5.51 -43.13
N HIS B 512 -40.86 4.43 -42.72
CA HIS B 512 -39.88 3.75 -43.57
C HIS B 512 -40.37 2.35 -43.86
N THR B 513 -40.90 2.17 -45.06
CA THR B 513 -41.43 0.88 -45.48
C THR B 513 -40.42 0.12 -46.36
N SER B 514 -40.40 -1.20 -46.20
CA SER B 514 -39.51 -2.07 -46.95
C SER B 514 -40.10 -3.47 -46.96
N SER B 515 -39.55 -4.33 -47.81
CA SER B 515 -40.01 -5.71 -47.92
C SER B 515 -38.91 -6.66 -47.43
N TRP B 516 -39.34 -7.84 -46.99
CA TRP B 516 -38.43 -8.87 -46.50
C TRP B 516 -37.52 -9.35 -47.63
N ALA C 1 38.76 8.27 18.39
CA ALA C 1 37.83 7.12 18.40
C ALA C 1 37.32 6.84 19.82
N VAL C 2 36.41 5.87 19.95
CA VAL C 2 35.82 5.53 21.24
C VAL C 2 36.84 5.05 22.30
N ASN C 3 36.68 5.57 23.52
CA ASN C 3 37.56 5.22 24.65
C ASN C 3 39.01 5.69 24.50
N GLY C 4 39.17 6.95 24.07
CA GLY C 4 40.48 7.53 23.90
C GLY C 4 41.38 7.01 22.79
N LYS C 5 40.92 6.00 22.05
CA LYS C 5 41.72 5.42 20.97
C LYS C 5 41.62 6.16 19.64
N GLY C 6 42.46 5.73 18.69
CA GLY C 6 42.47 6.30 17.35
C GLY C 6 41.89 5.29 16.37
N MET C 7 42.18 5.45 15.08
CA MET C 7 41.66 4.54 14.06
C MET C 7 42.42 3.19 14.12
N ASN C 8 41.83 2.14 13.55
CA ASN C 8 42.46 0.82 13.55
C ASN C 8 43.69 0.85 12.61
N PRO C 9 44.87 0.50 13.12
CA PRO C 9 46.11 0.48 12.32
C PRO C 9 46.08 -0.54 11.20
N ASP C 10 45.20 -1.52 11.32
CA ASP C 10 45.06 -2.56 10.30
C ASP C 10 44.04 -2.18 9.23
N TYR C 11 43.36 -1.07 9.40
CA TYR C 11 42.33 -0.65 8.44
C TYR C 11 42.72 -0.72 6.96
N LYS C 12 41.87 -1.40 6.19
CA LYS C 12 42.04 -1.56 4.75
C LYS C 12 40.68 -1.41 4.08
N ALA C 13 40.68 -0.93 2.85
CA ALA C 13 39.45 -0.74 2.08
C ALA C 13 39.37 -1.79 0.97
N TYR C 14 38.18 -2.33 0.74
CA TYR C 14 38.01 -3.34 -0.29
C TYR C 14 36.87 -2.93 -1.20
N LEU C 15 36.90 -3.40 -2.44
CA LEU C 15 35.85 -3.09 -3.39
C LEU C 15 35.10 -4.37 -3.73
N MET C 16 33.77 -4.30 -3.77
CA MET C 16 32.95 -5.45 -4.11
C MET C 16 32.93 -5.56 -5.62
N ALA C 17 33.18 -6.76 -6.14
CA ALA C 17 33.18 -7.01 -7.57
C ALA C 17 31.74 -7.22 -8.03
N PRO C 18 31.49 -7.19 -9.35
CA PRO C 18 30.15 -7.38 -9.91
C PRO C 18 29.52 -8.72 -9.49
N LEU C 19 28.21 -8.83 -9.64
CA LEU C 19 27.47 -10.06 -9.28
C LEU C 19 27.60 -11.08 -10.42
N LYS C 20 27.64 -10.59 -11.66
CA LYS C 20 27.81 -11.45 -12.83
C LYS C 20 29.30 -11.61 -13.15
N LYS C 21 29.66 -12.67 -13.88
CA LYS C 21 31.05 -12.91 -14.24
C LYS C 21 31.57 -11.70 -15.00
N ILE C 22 32.85 -11.39 -14.81
CA ILE C 22 33.47 -10.24 -15.48
C ILE C 22 33.22 -10.16 -16.99
N PRO C 23 33.41 -11.26 -17.73
CA PRO C 23 33.19 -11.20 -19.18
C PRO C 23 31.76 -10.83 -19.60
N GLU C 24 30.82 -10.87 -18.67
CA GLU C 24 29.42 -10.53 -18.96
C GLU C 24 29.20 -9.03 -18.73
N VAL C 25 30.14 -8.42 -18.01
CA VAL C 25 30.08 -7.00 -17.68
C VAL C 25 31.05 -6.18 -18.55
N THR C 26 32.27 -6.69 -18.70
CA THR C 26 33.31 -6.02 -19.45
C THR C 26 34.29 -7.07 -20.01
N ASN C 27 35.56 -6.73 -20.17
CA ASN C 27 36.54 -7.69 -20.68
C ASN C 27 37.71 -7.72 -19.70
N TRP C 28 38.48 -8.79 -19.75
CA TRP C 28 39.61 -8.97 -18.84
C TRP C 28 40.64 -7.85 -18.87
N GLU C 29 40.89 -7.29 -20.05
CA GLU C 29 41.86 -6.21 -20.22
C GLU C 29 41.41 -4.98 -19.46
N THR C 30 40.15 -4.59 -19.69
CA THR C 30 39.57 -3.44 -19.04
C THR C 30 39.51 -3.71 -17.54
N PHE C 31 39.09 -4.91 -17.16
CA PHE C 31 39.00 -5.28 -15.74
C PHE C 31 40.37 -5.10 -15.06
N GLU C 32 41.44 -5.48 -15.75
CA GLU C 32 42.79 -5.34 -15.20
C GLU C 32 43.17 -3.88 -15.01
N ASN C 33 42.77 -3.04 -15.95
CA ASN C 33 43.05 -1.62 -15.87
C ASN C 33 42.21 -0.99 -14.75
N ASP C 34 40.96 -1.41 -14.64
CA ASP C 34 40.06 -0.91 -13.60
C ASP C 34 40.65 -1.25 -12.24
N LEU C 35 41.24 -2.43 -12.13
CA LEU C 35 41.83 -2.87 -10.87
C LEU C 35 43.02 -1.99 -10.48
N ARG C 36 43.81 -1.58 -11.46
CA ARG C 36 44.94 -0.71 -11.16
C ARG C 36 44.42 0.67 -10.74
N TRP C 37 43.34 1.10 -11.37
CA TRP C 37 42.73 2.40 -11.05
C TRP C 37 42.28 2.36 -9.59
N ALA C 38 41.62 1.28 -9.20
CA ALA C 38 41.13 1.13 -7.83
C ALA C 38 42.27 1.09 -6.82
N LYS C 39 43.35 0.44 -7.19
CA LYS C 39 44.52 0.36 -6.31
C LYS C 39 45.05 1.77 -6.05
N GLN C 40 44.95 2.62 -7.08
CA GLN C 40 45.40 4.00 -6.99
C GLN C 40 44.56 4.82 -6.03
N ASN C 41 43.30 4.42 -5.86
CA ASN C 41 42.37 5.12 -4.99
C ASN C 41 42.23 4.58 -3.57
N GLY C 42 43.21 3.79 -3.13
CA GLY C 42 43.19 3.26 -1.78
C GLY C 42 42.59 1.87 -1.57
N PHE C 43 42.23 1.18 -2.64
CA PHE C 43 41.67 -0.17 -2.49
C PHE C 43 42.79 -1.20 -2.36
N TYR C 44 42.65 -2.06 -1.37
CA TYR C 44 43.64 -3.09 -1.09
C TYR C 44 43.31 -4.40 -1.79
N ALA C 45 42.04 -4.76 -1.80
CA ALA C 45 41.60 -6.00 -2.42
C ALA C 45 40.21 -5.88 -3.02
N ILE C 46 39.83 -6.90 -3.78
CA ILE C 46 38.51 -6.95 -4.40
C ILE C 46 37.81 -8.23 -3.93
N THR C 47 36.69 -8.08 -3.23
CA THR C 47 35.96 -9.26 -2.77
C THR C 47 35.09 -9.74 -3.93
N VAL C 48 34.88 -11.05 -4.02
CA VAL C 48 34.11 -11.59 -5.12
C VAL C 48 33.38 -12.86 -4.75
N ASP C 49 32.13 -12.95 -5.21
CA ASP C 49 31.28 -14.12 -4.99
C ASP C 49 31.66 -15.18 -6.02
N PHE C 50 31.99 -16.38 -5.55
CA PHE C 50 32.25 -17.50 -6.44
C PHE C 50 31.08 -18.40 -6.08
N TRP C 51 30.08 -18.40 -6.95
CA TRP C 51 28.85 -19.13 -6.76
C TRP C 51 28.94 -20.65 -6.80
N TRP C 52 28.31 -21.30 -5.82
CA TRP C 52 28.29 -22.75 -5.74
C TRP C 52 27.59 -23.28 -7.00
N GLY C 53 26.58 -22.55 -7.47
CA GLY C 53 25.86 -22.93 -8.67
C GLY C 53 26.72 -22.98 -9.92
N ASP C 54 27.88 -22.35 -9.91
CA ASP C 54 28.80 -22.35 -11.06
C ASP C 54 29.88 -23.42 -10.88
N MET C 55 30.40 -23.53 -9.65
CA MET C 55 31.50 -24.45 -9.33
C MET C 55 31.23 -25.94 -9.25
N GLU C 56 29.99 -26.34 -9.05
CA GLU C 56 29.64 -27.75 -8.95
C GLU C 56 28.21 -27.91 -9.45
N LYS C 57 27.95 -27.32 -10.62
CA LYS C 57 26.63 -27.33 -11.23
C LYS C 57 26.06 -28.66 -11.73
N ASN C 58 26.87 -29.41 -12.46
CA ASN C 58 26.44 -30.67 -13.08
C ASN C 58 26.29 -31.93 -12.26
N GLY C 59 26.85 -31.96 -11.06
CA GLY C 59 26.72 -33.15 -10.24
C GLY C 59 27.68 -33.13 -9.09
N ASP C 60 27.51 -34.06 -8.17
CA ASP C 60 28.35 -34.16 -6.99
C ASP C 60 29.80 -34.42 -7.42
N GLN C 61 30.71 -33.59 -6.91
CA GLN C 61 32.13 -33.70 -7.20
C GLN C 61 32.52 -33.37 -8.64
N GLN C 62 31.60 -32.76 -9.38
CA GLN C 62 31.87 -32.36 -10.76
C GLN C 62 32.17 -30.86 -10.74
N PHE C 63 33.35 -30.52 -10.21
CA PHE C 63 33.78 -29.14 -10.05
C PHE C 63 34.25 -28.38 -11.30
N ASP C 64 34.20 -27.06 -11.19
CA ASP C 64 34.66 -26.17 -12.26
C ASP C 64 35.11 -24.86 -11.63
N PHE C 65 36.42 -24.76 -11.40
CA PHE C 65 36.99 -23.56 -10.79
C PHE C 65 37.76 -22.73 -11.82
N SER C 66 37.58 -23.04 -13.10
CA SER C 66 38.26 -22.34 -14.17
C SER C 66 38.12 -20.82 -14.07
N TYR C 67 36.88 -20.35 -13.88
CA TYR C 67 36.63 -18.91 -13.77
C TYR C 67 37.33 -18.28 -12.55
N ALA C 68 37.37 -19.01 -11.44
CA ALA C 68 38.02 -18.54 -10.23
C ALA C 68 39.53 -18.36 -10.46
N GLN C 69 40.14 -19.34 -11.14
CA GLN C 69 41.57 -19.30 -11.43
C GLN C 69 41.90 -18.19 -12.45
N ARG C 70 41.03 -18.04 -13.46
CA ARG C 70 41.18 -17.00 -14.47
C ARG C 70 41.05 -15.62 -13.82
N PHE C 71 40.08 -15.49 -12.92
CA PHE C 71 39.85 -14.25 -12.19
C PHE C 71 41.09 -13.91 -11.36
N ALA C 72 41.58 -14.91 -10.64
CA ALA C 72 42.76 -14.75 -9.79
C ALA C 72 43.98 -14.33 -10.61
N GLN C 73 44.10 -14.86 -11.82
CA GLN C 73 45.23 -14.50 -12.67
C GLN C 73 45.20 -13.02 -12.98
N SER C 74 44.04 -12.49 -13.38
CA SER C 74 43.93 -11.06 -13.66
C SER C 74 44.23 -10.21 -12.44
N VAL C 75 43.76 -10.64 -11.27
CA VAL C 75 44.02 -9.88 -10.05
C VAL C 75 45.54 -9.81 -9.82
N LYS C 76 46.21 -10.94 -10.04
CA LYS C 76 47.66 -11.03 -9.88
C LYS C 76 48.35 -10.13 -10.91
N ASN C 77 47.85 -10.14 -12.14
CA ASN C 77 48.41 -9.33 -13.22
C ASN C 77 48.27 -7.83 -12.92
N ALA C 78 47.19 -7.49 -12.22
CA ALA C 78 46.91 -6.10 -11.86
C ALA C 78 47.63 -5.67 -10.59
N GLY C 79 48.38 -6.59 -10.00
CA GLY C 79 49.10 -6.28 -8.77
C GLY C 79 48.16 -6.04 -7.60
N MET C 80 47.01 -6.69 -7.65
CA MET C 80 46.00 -6.56 -6.60
C MET C 80 45.88 -7.82 -5.76
N LYS C 81 45.09 -7.70 -4.69
CA LYS C 81 44.80 -8.80 -3.78
C LYS C 81 43.30 -9.07 -3.93
N MET C 82 42.86 -10.25 -3.49
CA MET C 82 41.44 -10.59 -3.58
C MET C 82 40.95 -11.32 -2.36
N ILE C 83 39.64 -11.26 -2.15
CA ILE C 83 38.99 -11.91 -1.03
C ILE C 83 37.82 -12.72 -1.56
N PRO C 84 38.04 -14.02 -1.78
CA PRO C 84 36.96 -14.86 -2.30
C PRO C 84 35.86 -15.12 -1.29
N ILE C 85 34.62 -15.12 -1.79
CA ILE C 85 33.46 -15.43 -0.96
C ILE C 85 32.96 -16.73 -1.56
N ILE C 86 33.00 -17.80 -0.79
CA ILE C 86 32.53 -19.10 -1.27
C ILE C 86 31.01 -19.04 -1.09
N SER C 87 30.36 -18.49 -2.10
CA SER C 87 28.92 -18.30 -2.07
C SER C 87 28.06 -19.52 -2.29
N THR C 88 27.75 -20.19 -1.19
CA THR C 88 26.93 -21.38 -1.20
C THR C 88 25.44 -21.02 -1.10
N HIS C 89 25.11 -19.82 -1.58
CA HIS C 89 23.74 -19.32 -1.58
C HIS C 89 23.39 -18.85 -2.99
N GLN C 90 22.10 -18.68 -3.24
CA GLN C 90 21.60 -18.24 -4.55
C GLN C 90 21.80 -16.76 -4.87
N CYS C 91 22.07 -16.47 -6.13
CA CYS C 91 22.20 -15.10 -6.59
C CYS C 91 20.88 -14.83 -7.29
N GLY C 92 20.23 -13.74 -6.92
CA GLY C 92 18.94 -13.40 -7.49
C GLY C 92 17.86 -13.56 -6.43
N GLY C 93 16.90 -12.66 -6.41
CA GLY C 93 15.83 -12.73 -5.42
C GLY C 93 15.99 -11.77 -4.25
N ASN C 94 17.20 -11.28 -4.03
CA ASN C 94 17.48 -10.33 -2.94
C ASN C 94 17.62 -8.91 -3.47
N VAL C 95 17.45 -7.94 -2.58
CA VAL C 95 17.54 -6.54 -2.95
C VAL C 95 18.88 -6.19 -3.61
N GLY C 96 18.77 -5.67 -4.84
CA GLY C 96 19.96 -5.30 -5.59
C GLY C 96 20.52 -6.39 -6.46
N ASP C 97 19.97 -7.60 -6.36
CA ASP C 97 20.47 -8.71 -7.17
C ASP C 97 20.18 -8.54 -8.64
N ASP C 98 21.24 -8.62 -9.45
CA ASP C 98 21.14 -8.52 -10.89
C ASP C 98 21.92 -9.74 -11.38
N CYS C 99 21.32 -10.92 -11.17
CA CYS C 99 21.94 -12.17 -11.54
C CYS C 99 20.90 -13.27 -11.36
N ASN C 100 21.28 -14.49 -11.72
CA ASN C 100 20.43 -15.66 -11.54
C ASN C 100 21.31 -16.89 -11.47
N VAL C 101 21.77 -17.21 -10.26
CA VAL C 101 22.63 -18.36 -10.05
C VAL C 101 22.16 -19.12 -8.83
N PRO C 102 21.22 -20.06 -9.01
CA PRO C 102 20.72 -20.84 -7.88
C PRO C 102 21.76 -21.89 -7.48
N ILE C 103 21.62 -22.46 -6.29
CA ILE C 103 22.56 -23.49 -5.87
C ILE C 103 22.24 -24.71 -6.75
N PRO C 104 23.22 -25.62 -6.93
CA PRO C 104 23.03 -26.83 -7.76
C PRO C 104 21.74 -27.58 -7.47
N SER C 105 20.97 -27.87 -8.52
CA SER C 105 19.70 -28.57 -8.35
C SER C 105 19.80 -30.00 -7.83
N TRP C 106 20.90 -30.67 -8.14
CA TRP C 106 21.12 -32.05 -7.68
C TRP C 106 21.18 -32.16 -6.14
N VAL C 107 21.52 -31.06 -5.48
CA VAL C 107 21.64 -31.01 -4.02
C VAL C 107 20.34 -31.43 -3.32
N TRP C 108 19.23 -31.01 -3.90
CA TRP C 108 17.91 -31.29 -3.35
C TRP C 108 17.57 -32.77 -3.34
N ASN C 109 18.27 -33.53 -4.18
CA ASN C 109 18.04 -34.97 -4.28
C ASN C 109 18.62 -35.82 -3.16
N GLN C 110 19.52 -35.25 -2.36
CA GLN C 110 20.17 -35.98 -1.27
C GLN C 110 19.25 -36.44 -0.15
N LYS C 111 18.07 -35.81 -0.04
CA LYS C 111 17.12 -36.15 1.02
C LYS C 111 15.72 -36.30 0.46
N SER C 112 14.96 -37.22 1.03
CA SER C 112 13.58 -37.43 0.61
C SER C 112 12.62 -36.69 1.53
N ASP C 113 13.12 -36.22 2.67
CA ASP C 113 12.31 -35.45 3.62
C ASP C 113 12.39 -33.97 3.25
N ASP C 114 12.07 -33.09 4.19
CA ASP C 114 12.12 -31.66 3.92
C ASP C 114 13.19 -30.94 4.76
N SER C 115 14.23 -31.69 5.13
CA SER C 115 15.32 -31.17 5.95
C SER C 115 16.24 -30.13 5.31
N LEU C 116 16.25 -30.07 3.98
CA LEU C 116 17.16 -29.16 3.26
C LEU C 116 16.71 -27.72 3.02
N TYR C 117 15.40 -27.46 3.02
CA TYR C 117 14.90 -26.12 2.77
C TYR C 117 14.11 -25.52 3.94
N PHE C 118 13.57 -24.32 3.74
CA PHE C 118 12.80 -23.63 4.77
C PHE C 118 11.32 -23.51 4.41
N LYS C 119 10.49 -23.34 5.43
CA LYS C 119 9.05 -23.16 5.25
C LYS C 119 8.62 -22.15 6.34
N SER C 120 7.96 -21.08 5.92
CA SER C 120 7.51 -20.02 6.81
C SER C 120 6.23 -20.29 7.58
N GLU C 121 5.84 -19.33 8.42
CA GLU C 121 4.63 -19.42 9.24
C GLU C 121 3.40 -19.68 8.38
N THR C 122 3.38 -19.07 7.21
CA THR C 122 2.27 -19.22 6.29
C THR C 122 2.49 -20.28 5.22
N GLY C 123 3.58 -21.04 5.37
CA GLY C 123 3.88 -22.10 4.42
C GLY C 123 4.70 -21.75 3.18
N THR C 124 5.40 -20.63 3.20
CA THR C 124 6.21 -20.24 2.04
C THR C 124 7.54 -20.99 2.08
N VAL C 125 7.84 -21.71 1.00
CA VAL C 125 9.08 -22.49 0.89
C VAL C 125 10.23 -21.66 0.35
N ASN C 126 11.39 -21.78 0.97
CA ASN C 126 12.59 -21.05 0.52
C ASN C 126 13.73 -22.03 0.24
N LYS C 127 14.33 -21.92 -0.93
CA LYS C 127 15.42 -22.80 -1.32
C LYS C 127 16.65 -22.04 -1.83
N GLU C 128 16.91 -20.86 -1.26
CA GLU C 128 18.06 -20.10 -1.72
C GLU C 128 19.37 -20.45 -1.03
N THR C 129 19.30 -21.36 -0.08
CA THR C 129 20.47 -21.82 0.67
C THR C 129 19.99 -23.05 1.45
N LEU C 130 20.90 -23.93 1.84
CA LEU C 130 20.54 -25.12 2.60
C LEU C 130 20.20 -24.78 4.04
N ASN C 131 19.26 -25.51 4.60
CA ASN C 131 18.84 -25.29 5.97
C ASN C 131 19.93 -25.79 6.90
N PRO C 132 20.45 -24.91 7.78
CA PRO C 132 21.50 -25.25 8.74
C PRO C 132 21.24 -26.48 9.61
N LEU C 133 19.98 -26.90 9.68
CA LEU C 133 19.61 -28.08 10.45
C LEU C 133 20.12 -29.38 9.82
N ALA C 134 20.26 -29.39 8.49
CA ALA C 134 20.77 -30.55 7.77
C ALA C 134 22.30 -30.47 7.79
N SER C 135 22.88 -30.49 8.98
CA SER C 135 24.32 -30.38 9.16
C SER C 135 25.14 -31.55 8.64
N ASP C 136 24.51 -32.70 8.46
CA ASP C 136 25.19 -33.86 7.93
C ASP C 136 25.50 -33.57 6.46
N VAL C 137 24.53 -32.95 5.77
CA VAL C 137 24.70 -32.57 4.37
C VAL C 137 25.64 -31.36 4.25
N ILE C 138 25.53 -30.42 5.18
CA ILE C 138 26.39 -29.25 5.19
C ILE C 138 27.84 -29.74 5.32
N ARG C 139 28.13 -30.57 6.33
CA ARG C 139 29.49 -31.09 6.54
C ARG C 139 30.05 -31.77 5.29
N LYS C 140 29.25 -32.63 4.67
CA LYS C 140 29.71 -33.30 3.47
C LYS C 140 30.00 -32.33 2.33
N GLU C 141 28.97 -31.62 1.87
CA GLU C 141 29.11 -30.71 0.74
C GLU C 141 30.05 -29.52 0.91
N TYR C 142 29.97 -28.83 2.05
CA TYR C 142 30.86 -27.69 2.27
C TYR C 142 32.28 -28.19 2.49
N GLY C 143 32.40 -29.33 3.17
CA GLY C 143 33.71 -29.91 3.41
C GLY C 143 34.34 -30.25 2.07
N GLU C 144 33.55 -30.81 1.17
CA GLU C 144 34.03 -31.17 -0.15
C GLU C 144 34.37 -29.95 -1.00
N LEU C 145 33.48 -28.95 -0.97
CA LEU C 145 33.66 -27.74 -1.74
C LEU C 145 34.85 -26.89 -1.30
N TYR C 146 35.02 -26.75 0.01
CA TYR C 146 36.13 -25.97 0.58
C TYR C 146 37.47 -26.60 0.22
N THR C 147 37.56 -27.91 0.44
CA THR C 147 38.76 -28.66 0.13
C THR C 147 39.11 -28.53 -1.36
N ALA C 148 38.13 -28.80 -2.23
CA ALA C 148 38.34 -28.71 -3.67
C ALA C 148 38.74 -27.30 -4.08
N PHE C 149 38.13 -26.30 -3.44
CA PHE C 149 38.44 -24.91 -3.73
C PHE C 149 39.86 -24.57 -3.28
N ALA C 150 40.26 -25.06 -2.11
CA ALA C 150 41.59 -24.80 -1.58
C ALA C 150 42.70 -25.33 -2.51
N ALA C 151 42.49 -26.53 -3.06
CA ALA C 151 43.44 -27.15 -3.97
C ALA C 151 43.54 -26.42 -5.31
N ALA C 152 42.41 -25.94 -5.82
CA ALA C 152 42.39 -25.23 -7.08
C ALA C 152 43.00 -23.86 -6.97
N MET C 153 42.81 -23.19 -5.83
CA MET C 153 43.35 -21.85 -5.64
C MET C 153 44.77 -21.81 -5.10
N LYS C 154 45.30 -22.98 -4.73
CA LYS C 154 46.65 -23.10 -4.19
C LYS C 154 47.73 -22.34 -4.96
N PRO C 155 47.76 -22.47 -6.29
CA PRO C 155 48.80 -21.73 -7.03
C PRO C 155 48.67 -20.20 -6.99
N TYR C 156 47.56 -19.70 -6.47
CA TYR C 156 47.32 -18.25 -6.40
C TYR C 156 47.26 -17.76 -4.97
N LYS C 157 47.70 -18.61 -4.05
CA LYS C 157 47.68 -18.31 -2.63
C LYS C 157 48.29 -16.97 -2.27
N ASP C 158 49.19 -16.49 -3.12
CA ASP C 158 49.86 -15.22 -2.89
C ASP C 158 49.00 -13.95 -3.10
N VAL C 159 47.91 -14.05 -3.85
CA VAL C 159 47.04 -12.88 -4.05
C VAL C 159 45.74 -12.96 -3.25
N ILE C 160 45.65 -13.94 -2.36
CA ILE C 160 44.47 -14.15 -1.52
C ILE C 160 44.70 -13.62 -0.12
N ALA C 161 44.06 -12.49 0.18
CA ALA C 161 44.21 -11.82 1.49
C ALA C 161 43.35 -12.36 2.62
N LYS C 162 42.17 -12.85 2.29
CA LYS C 162 41.24 -13.37 3.30
C LYS C 162 40.17 -14.22 2.60
N ILE C 163 39.48 -15.05 3.37
CA ILE C 163 38.41 -15.88 2.81
C ILE C 163 37.08 -15.70 3.58
N TYR C 164 36.00 -15.52 2.83
CA TYR C 164 34.68 -15.34 3.42
C TYR C 164 33.83 -16.56 3.17
N LEU C 165 33.03 -16.93 4.17
CA LEU C 165 32.13 -18.06 4.04
C LEU C 165 30.70 -17.48 3.98
N SER C 166 29.78 -18.26 3.43
CA SER C 166 28.38 -17.83 3.34
C SER C 166 27.61 -18.62 4.38
N GLY C 167 27.09 -17.93 5.38
CA GLY C 167 26.33 -18.59 6.42
C GLY C 167 24.83 -18.67 6.16
N GLY C 168 24.39 -18.21 5.00
CA GLY C 168 22.98 -18.27 4.69
C GLY C 168 22.58 -17.41 3.51
N PRO C 169 21.31 -16.97 3.43
CA PRO C 169 20.74 -16.14 2.36
C PRO C 169 21.55 -14.84 2.17
N ALA C 170 21.87 -14.54 0.92
CA ALA C 170 22.65 -13.36 0.55
C ALA C 170 24.03 -13.38 1.22
N GLY C 171 24.48 -14.58 1.60
CA GLY C 171 25.77 -14.75 2.24
C GLY C 171 25.88 -14.32 3.69
N GLU C 172 24.73 -14.21 4.37
CA GLU C 172 24.71 -13.81 5.75
C GLU C 172 24.19 -14.90 6.66
N LEU C 173 24.74 -14.98 7.86
CA LEU C 173 24.28 -15.98 8.80
C LEU C 173 22.90 -15.58 9.34
N ARG C 174 21.85 -16.13 8.74
CA ARG C 174 20.48 -15.83 9.15
C ARG C 174 19.45 -16.72 8.46
N TYR C 175 18.20 -16.55 8.89
CA TYR C 175 17.06 -17.25 8.30
C TYR C 175 16.51 -16.29 7.25
N PRO C 176 15.96 -16.82 6.14
CA PRO C 176 15.41 -15.96 5.10
C PRO C 176 14.02 -15.47 5.50
N SER C 177 13.98 -14.68 6.57
CA SER C 177 12.76 -14.16 7.14
C SER C 177 12.12 -12.96 6.43
N TYR C 178 12.90 -12.27 5.60
CA TYR C 178 12.38 -11.11 4.87
C TYR C 178 12.49 -11.24 3.36
N THR C 179 11.45 -11.84 2.76
CA THR C 179 11.40 -12.02 1.32
C THR C 179 10.06 -11.49 0.79
N THR C 180 10.07 -11.00 -0.45
CA THR C 180 8.85 -10.45 -1.03
C THR C 180 7.74 -11.48 -1.24
N SER C 181 8.10 -12.68 -1.72
CA SER C 181 7.11 -13.73 -1.94
C SER C 181 6.44 -14.16 -0.65
N ASP C 182 7.15 -14.06 0.47
CA ASP C 182 6.58 -14.42 1.75
C ASP C 182 5.87 -13.19 2.32
N GLY C 183 6.01 -12.07 1.64
CA GLY C 183 5.39 -10.83 2.06
C GLY C 183 6.00 -10.25 3.31
N THR C 184 7.25 -10.61 3.59
CA THR C 184 7.94 -10.14 4.78
C THR C 184 9.02 -9.11 4.47
N GLY C 185 8.96 -8.53 3.28
CA GLY C 185 9.94 -7.53 2.88
C GLY C 185 9.91 -6.28 3.74
N TYR C 186 10.99 -5.50 3.67
CA TYR C 186 11.13 -4.25 4.43
C TYR C 186 9.97 -3.29 4.11
N PRO C 187 9.46 -2.57 5.12
CA PRO C 187 9.85 -2.58 6.53
C PRO C 187 8.99 -3.49 7.42
N SER C 188 8.36 -4.49 6.82
CA SER C 188 7.48 -5.42 7.55
C SER C 188 8.18 -6.29 8.57
N ARG C 189 7.41 -6.81 9.52
CA ARG C 189 7.96 -7.71 10.53
C ARG C 189 8.27 -8.98 9.74
N GLY C 190 9.15 -9.81 10.27
CA GLY C 190 9.47 -11.03 9.55
C GLY C 190 8.69 -12.20 10.08
N LYS C 191 8.76 -13.31 9.35
CA LYS C 191 8.09 -14.54 9.75
C LYS C 191 9.16 -15.56 10.11
N PHE C 192 8.87 -16.41 11.09
CA PHE C 192 9.79 -17.45 11.51
C PHE C 192 9.93 -18.47 10.38
N GLN C 193 11.10 -19.09 10.28
CA GLN C 193 11.35 -20.04 9.21
C GLN C 193 11.65 -21.45 9.70
N ALA C 194 10.90 -21.91 10.69
CA ALA C 194 11.08 -23.24 11.24
C ALA C 194 9.79 -24.06 11.17
N TYR C 195 9.13 -24.08 10.02
CA TYR C 195 7.87 -24.84 9.94
C TYR C 195 7.86 -26.09 9.09
N THR C 196 9.04 -26.53 8.67
CA THR C 196 9.13 -27.77 7.91
C THR C 196 8.91 -28.87 8.94
N GLU C 197 8.51 -30.04 8.48
CA GLU C 197 8.31 -31.16 9.38
C GLU C 197 9.60 -31.48 10.14
N PHE C 198 10.71 -31.40 9.43
CA PHE C 198 12.02 -31.67 10.02
C PHE C 198 12.34 -30.68 11.15
N ALA C 199 12.09 -29.40 10.90
CA ALA C 199 12.32 -28.35 11.89
C ALA C 199 11.45 -28.57 13.14
N LYS C 200 10.20 -28.96 12.92
CA LYS C 200 9.29 -29.24 14.04
C LYS C 200 9.80 -30.43 14.85
N SER C 201 10.37 -31.42 14.16
CA SER C 201 10.92 -32.61 14.80
C SER C 201 12.13 -32.31 15.65
N LYS C 202 13.03 -31.49 15.12
CA LYS C 202 14.24 -31.10 15.84
C LYS C 202 13.92 -30.30 17.11
N PHE C 203 13.04 -29.31 16.99
CA PHE C 203 12.68 -28.51 18.16
C PHE C 203 12.13 -29.43 19.25
N ARG C 204 11.22 -30.32 18.85
CA ARG C 204 10.58 -31.26 19.76
C ARG C 204 11.59 -32.12 20.52
N LEU C 205 12.58 -32.65 19.82
CA LEU C 205 13.61 -33.48 20.44
C LEU C 205 14.44 -32.65 21.41
N TRP C 206 14.75 -31.42 21.00
CA TRP C 206 15.54 -30.52 21.82
C TRP C 206 14.86 -30.29 23.17
N VAL C 207 13.55 -30.04 23.13
CA VAL C 207 12.75 -29.81 24.33
C VAL C 207 12.70 -31.07 25.20
N LEU C 208 12.36 -32.19 24.59
CA LEU C 208 12.29 -33.45 25.34
C LEU C 208 13.63 -33.88 25.90
N ASN C 209 14.70 -33.49 25.22
CA ASN C 209 16.04 -33.79 25.68
C ASN C 209 16.34 -32.93 26.93
N LYS C 210 15.81 -31.71 26.92
CA LYS C 210 16.00 -30.79 28.03
C LYS C 210 15.22 -31.15 29.29
N TYR C 211 13.95 -31.50 29.12
CA TYR C 211 13.05 -31.84 30.23
C TYR C 211 12.88 -33.31 30.58
N GLY C 212 13.17 -34.19 29.62
CA GLY C 212 13.06 -35.61 29.88
C GLY C 212 11.66 -36.21 29.72
N SER C 213 10.63 -35.46 30.09
CA SER C 213 9.26 -35.94 29.97
C SER C 213 8.29 -34.79 29.71
N LEU C 214 7.15 -35.13 29.14
CA LEU C 214 6.11 -34.16 28.83
C LEU C 214 5.61 -33.52 30.13
N ASN C 215 5.65 -34.29 31.21
CA ASN C 215 5.23 -33.82 32.54
C ASN C 215 6.09 -32.64 32.97
N GLU C 216 7.39 -32.77 32.75
CA GLU C 216 8.33 -31.71 33.10
C GLU C 216 8.20 -30.50 32.18
N VAL C 217 7.89 -30.74 30.90
CA VAL C 217 7.70 -29.67 29.93
C VAL C 217 6.52 -28.77 30.33
N ASN C 218 5.40 -29.40 30.68
CA ASN C 218 4.20 -28.69 31.07
C ASN C 218 4.43 -27.87 32.33
N LYS C 219 5.22 -28.39 33.25
CA LYS C 219 5.55 -27.68 34.49
C LYS C 219 6.34 -26.40 34.21
N ALA C 220 7.37 -26.53 33.38
CA ALA C 220 8.25 -25.42 33.02
C ALA C 220 7.55 -24.39 32.15
N TRP C 221 6.76 -24.86 31.20
CA TRP C 221 6.05 -23.98 30.29
C TRP C 221 4.73 -23.47 30.82
N GLY C 222 4.14 -24.20 31.76
CA GLY C 222 2.85 -23.82 32.31
C GLY C 222 1.78 -24.12 31.28
N THR C 223 1.83 -25.33 30.73
CA THR C 223 0.89 -25.75 29.70
C THR C 223 0.15 -27.03 30.07
N LYS C 224 -0.70 -27.48 29.15
CA LYS C 224 -1.50 -28.69 29.34
C LYS C 224 -1.38 -29.57 28.11
N LEU C 225 -0.18 -29.68 27.55
CA LEU C 225 0.01 -30.50 26.37
C LEU C 225 -0.33 -31.96 26.69
N ILE C 226 -1.17 -32.54 25.84
CA ILE C 226 -1.61 -33.92 26.02
C ILE C 226 -0.69 -34.88 25.27
N SER C 227 -0.08 -34.40 24.20
CA SER C 227 0.82 -35.23 23.39
C SER C 227 2.12 -34.49 23.10
N GLU C 228 3.16 -35.25 22.79
CA GLU C 228 4.47 -34.67 22.46
C GLU C 228 4.40 -34.00 21.08
N LEU C 229 3.42 -34.42 20.28
CA LEU C 229 3.23 -33.86 18.94
C LEU C 229 2.64 -32.46 19.02
N ALA C 230 2.26 -32.05 20.23
CA ALA C 230 1.69 -30.73 20.48
C ALA C 230 2.81 -29.71 20.70
N ILE C 231 4.04 -30.20 20.87
CA ILE C 231 5.19 -29.33 21.06
C ILE C 231 5.52 -28.83 19.66
N LEU C 232 5.29 -27.55 19.44
CA LEU C 232 5.49 -26.93 18.12
C LEU C 232 6.03 -25.51 18.22
N PRO C 233 6.50 -24.96 17.08
CA PRO C 233 7.00 -23.59 17.10
C PRO C 233 5.76 -22.68 17.23
N PRO C 234 5.95 -21.36 17.44
CA PRO C 234 4.81 -20.46 17.57
C PRO C 234 3.75 -20.52 16.46
N SER C 235 2.49 -20.62 16.85
CA SER C 235 1.38 -20.68 15.89
C SER C 235 1.01 -19.31 15.32
N ASP C 236 1.26 -18.26 16.09
CA ASP C 236 0.97 -16.90 15.65
C ASP C 236 2.22 -16.07 15.90
N GLY C 237 2.95 -15.80 14.83
CA GLY C 237 4.19 -15.04 14.93
C GLY C 237 4.04 -13.63 15.48
N GLU C 238 2.98 -12.93 15.08
CA GLU C 238 2.77 -11.58 15.56
C GLU C 238 2.48 -11.57 17.06
N GLN C 239 1.64 -12.51 17.48
CA GLN C 239 1.30 -12.62 18.89
C GLN C 239 2.55 -13.01 19.67
N PHE C 240 3.35 -13.89 19.08
CA PHE C 240 4.58 -14.33 19.74
C PHE C 240 5.56 -13.17 19.87
N LEU C 241 5.61 -12.33 18.85
CA LEU C 241 6.50 -11.17 18.87
C LEU C 241 6.00 -10.07 19.81
N MET C 242 4.72 -10.10 20.16
CA MET C 242 4.15 -9.12 21.08
C MET C 242 4.41 -9.47 22.54
N ASN C 243 4.06 -10.69 22.93
CA ASN C 243 4.26 -11.12 24.31
C ASN C 243 4.66 -12.59 24.46
N GLY C 244 4.58 -13.35 23.37
CA GLY C 244 4.94 -14.77 23.42
C GLY C 244 6.39 -15.01 23.80
N TYR C 245 7.27 -14.18 23.28
CA TYR C 245 8.69 -14.29 23.55
C TYR C 245 9.07 -14.17 25.02
N LEU C 246 8.20 -13.55 25.82
CA LEU C 246 8.44 -13.34 27.25
C LEU C 246 8.26 -14.58 28.13
N SER C 247 7.50 -15.55 27.64
CA SER C 247 7.24 -16.78 28.40
C SER C 247 8.41 -17.77 28.38
N MET C 248 8.33 -18.79 29.23
CA MET C 248 9.38 -19.79 29.30
C MET C 248 9.41 -20.54 27.97
N TYR C 249 8.25 -20.79 27.40
CA TYR C 249 8.16 -21.45 26.11
C TYR C 249 8.89 -20.60 25.05
N GLY C 250 8.62 -19.29 25.07
CA GLY C 250 9.25 -18.39 24.11
C GLY C 250 10.75 -18.36 24.27
N LYS C 251 11.21 -18.33 25.52
CA LYS C 251 12.62 -18.33 25.85
C LYS C 251 13.29 -19.56 25.24
N ASP C 252 12.69 -20.73 25.47
CA ASP C 252 13.21 -21.98 24.94
C ASP C 252 13.23 -22.04 23.42
N TYR C 253 12.14 -21.62 22.80
CA TYR C 253 12.05 -21.62 21.34
C TYR C 253 13.11 -20.73 20.70
N LEU C 254 13.31 -19.53 21.25
CA LEU C 254 14.30 -18.61 20.71
C LEU C 254 15.73 -19.10 20.99
N GLU C 255 15.94 -19.80 22.11
CA GLU C 255 17.25 -20.34 22.43
C GLU C 255 17.59 -21.35 21.32
N TRP C 256 16.66 -22.27 21.08
CA TRP C 256 16.80 -23.27 20.05
C TRP C 256 16.93 -22.65 18.65
N TYR C 257 16.03 -21.73 18.32
CA TYR C 257 16.03 -21.06 17.02
C TYR C 257 17.37 -20.40 16.71
N GLN C 258 17.87 -19.56 17.60
CA GLN C 258 19.16 -18.91 17.39
C GLN C 258 20.29 -19.92 17.53
N GLY C 259 20.10 -20.92 18.38
CA GLY C 259 21.12 -21.93 18.60
C GLY C 259 21.52 -22.66 17.33
N ILE C 260 20.59 -22.81 16.39
CA ILE C 260 20.86 -23.49 15.14
C ILE C 260 21.92 -22.72 14.35
N LEU C 261 21.80 -21.40 14.34
CA LEU C 261 22.75 -20.55 13.63
C LEU C 261 24.11 -20.52 14.34
N GLU C 262 24.12 -20.73 15.65
CA GLU C 262 25.37 -20.76 16.42
C GLU C 262 26.14 -22.05 16.10
N ASN C 263 25.42 -23.17 16.06
CA ASN C 263 26.02 -24.45 15.74
C ASN C 263 26.55 -24.42 14.31
N HIS C 264 25.79 -23.79 13.41
CA HIS C 264 26.17 -23.68 12.02
C HIS C 264 27.49 -22.91 11.89
N THR C 265 27.63 -21.82 12.65
CA THR C 265 28.83 -20.98 12.66
C THR C 265 30.06 -21.78 13.08
N LYS C 266 29.90 -22.61 14.10
CA LYS C 266 31.01 -23.45 14.59
C LYS C 266 31.36 -24.55 13.58
N LEU C 267 30.36 -25.04 12.86
CA LEU C 267 30.57 -26.09 11.86
C LEU C 267 31.36 -25.56 10.68
N ILE C 268 30.82 -24.56 10.00
CA ILE C 268 31.50 -24.00 8.83
C ILE C 268 32.88 -23.45 9.18
N GLY C 269 33.04 -23.04 10.44
CA GLY C 269 34.30 -22.51 10.91
C GLY C 269 35.32 -23.64 10.96
N GLU C 270 34.89 -24.79 11.47
CA GLU C 270 35.72 -25.97 11.57
C GLU C 270 36.18 -26.38 10.17
N LEU C 271 35.21 -26.57 9.28
CA LEU C 271 35.47 -26.98 7.91
C LEU C 271 36.42 -26.02 7.19
N ALA C 272 36.17 -24.73 7.33
CA ALA C 272 37.00 -23.71 6.70
C ALA C 272 38.43 -23.75 7.23
N HIS C 273 38.58 -23.84 8.54
CA HIS C 273 39.90 -23.89 9.13
C HIS C 273 40.64 -25.19 8.79
N ASN C 274 39.90 -26.28 8.62
CA ASN C 274 40.52 -27.55 8.27
C ASN C 274 41.05 -27.50 6.84
N ALA C 275 40.34 -26.83 5.95
CA ALA C 275 40.76 -26.74 4.54
C ALA C 275 41.74 -25.65 4.14
N PHE C 276 41.66 -24.48 4.78
CA PHE C 276 42.48 -23.33 4.39
C PHE C 276 43.67 -22.91 5.24
N ASP C 277 43.70 -23.33 6.50
CA ASP C 277 44.77 -22.89 7.38
C ASP C 277 46.20 -23.19 7.00
N THR C 278 46.52 -24.46 6.81
CA THR C 278 47.89 -24.86 6.46
C THR C 278 48.33 -24.33 5.09
N THR C 279 47.38 -24.26 4.15
CA THR C 279 47.67 -23.79 2.81
C THR C 279 47.77 -22.27 2.71
N PHE C 280 46.67 -21.59 3.02
CA PHE C 280 46.60 -20.15 2.88
C PHE C 280 47.00 -19.31 4.07
N GLN C 281 46.74 -19.80 5.28
CA GLN C 281 47.10 -19.06 6.50
C GLN C 281 46.54 -17.63 6.48
N VAL C 282 45.32 -17.48 5.98
CA VAL C 282 44.67 -16.16 5.93
C VAL C 282 43.48 -16.12 6.89
N PRO C 283 42.99 -14.92 7.18
CA PRO C 283 41.85 -14.78 8.08
C PRO C 283 40.61 -15.28 7.36
N ILE C 284 39.68 -15.86 8.12
CA ILE C 284 38.44 -16.39 7.57
C ILE C 284 37.29 -15.69 8.30
N GLY C 285 36.35 -15.12 7.53
CA GLY C 285 35.23 -14.44 8.14
C GLY C 285 33.86 -14.80 7.60
N ALA C 286 32.83 -14.33 8.31
CA ALA C 286 31.43 -14.54 7.94
C ALA C 286 30.66 -13.24 8.22
N LYS C 287 29.49 -13.11 7.62
CA LYS C 287 28.67 -11.90 7.75
C LYS C 287 27.39 -12.00 8.55
N ILE C 288 27.10 -10.94 9.30
CA ILE C 288 25.86 -10.84 10.07
C ILE C 288 25.05 -9.77 9.34
N ALA C 289 23.75 -10.02 9.14
CA ALA C 289 22.91 -9.05 8.44
C ALA C 289 22.40 -7.93 9.35
N GLY C 290 22.32 -6.72 8.80
CA GLY C 290 21.82 -5.57 9.55
C GLY C 290 20.31 -5.43 9.36
N VAL C 291 19.53 -6.05 10.23
CA VAL C 291 18.07 -6.00 10.16
C VAL C 291 17.62 -4.84 11.03
N HIS C 292 17.79 -3.64 10.49
CA HIS C 292 17.50 -2.39 11.16
C HIS C 292 16.04 -1.96 11.35
N TRP C 293 15.12 -2.54 10.58
CA TRP C 293 13.71 -2.14 10.71
C TRP C 293 12.99 -2.86 11.86
N GLN C 294 11.95 -2.20 12.38
CA GLN C 294 11.14 -2.71 13.49
C GLN C 294 11.98 -2.91 14.74
N TYR C 295 13.14 -2.25 14.76
CA TYR C 295 14.05 -2.33 15.89
C TYR C 295 13.37 -1.81 17.16
N ASN C 296 12.80 -0.62 17.07
CA ASN C 296 12.13 -0.01 18.21
C ASN C 296 10.61 0.09 18.12
N ASN C 297 9.96 -0.85 17.44
CA ASN C 297 8.51 -0.83 17.36
C ASN C 297 8.03 -1.11 18.78
N PRO C 298 7.09 -0.29 19.29
CA PRO C 298 6.54 -0.43 20.65
C PRO C 298 5.79 -1.71 20.97
N THR C 299 4.95 -2.17 20.05
CA THR C 299 4.17 -3.38 20.27
C THR C 299 4.97 -4.67 19.97
N ILE C 300 5.68 -4.69 18.84
CA ILE C 300 6.49 -5.83 18.42
C ILE C 300 7.98 -5.43 18.32
N PRO C 301 8.66 -5.38 19.47
CA PRO C 301 10.07 -4.99 19.51
C PRO C 301 10.97 -5.95 18.76
N HIS C 302 11.87 -5.40 17.95
CA HIS C 302 12.81 -6.21 17.18
C HIS C 302 12.05 -7.27 16.38
N GLY C 303 10.92 -6.85 15.81
CA GLY C 303 10.07 -7.74 15.05
C GLY C 303 10.62 -8.30 13.76
N ALA C 304 11.74 -7.74 13.30
CA ALA C 304 12.38 -8.22 12.07
C ALA C 304 13.65 -9.00 12.41
N GLU C 305 14.31 -8.64 13.50
CA GLU C 305 15.53 -9.31 13.94
C GLU C 305 15.33 -10.71 14.49
N LYS C 306 14.34 -10.90 15.37
CA LYS C 306 14.10 -12.21 15.95
C LYS C 306 13.80 -13.31 14.92
N PRO C 307 12.90 -13.04 13.94
CA PRO C 307 12.60 -14.07 12.93
C PRO C 307 13.83 -14.42 12.07
N ALA C 308 14.74 -13.47 11.92
CA ALA C 308 15.95 -13.67 11.14
C ALA C 308 16.91 -14.58 11.91
N GLY C 309 16.68 -14.72 13.21
CA GLY C 309 17.52 -15.56 14.04
C GLY C 309 18.31 -14.76 15.06
N TYR C 310 18.19 -13.43 15.01
CA TYR C 310 18.93 -12.57 15.94
C TYR C 310 18.20 -12.18 17.22
N ASN C 311 18.25 -13.04 18.22
CA ASN C 311 17.60 -12.77 19.50
C ASN C 311 18.59 -12.30 20.59
N ASP C 312 19.85 -12.72 20.51
CA ASP C 312 20.86 -12.35 21.49
C ASP C 312 22.23 -12.22 20.80
N TYR C 313 22.58 -10.99 20.43
CA TYR C 313 23.83 -10.70 19.73
C TYR C 313 25.09 -11.08 20.49
N SER C 314 25.06 -10.97 21.81
CA SER C 314 26.23 -11.33 22.60
C SER C 314 26.47 -12.82 22.45
N HIS C 315 25.48 -13.61 22.82
CA HIS C 315 25.61 -15.05 22.72
C HIS C 315 25.97 -15.44 21.29
N LEU C 316 25.45 -14.70 20.31
CA LEU C 316 25.73 -14.98 18.91
C LEU C 316 27.20 -14.72 18.54
N LEU C 317 27.74 -13.58 18.96
CA LEU C 317 29.12 -13.24 18.66
C LEU C 317 30.12 -14.19 19.34
N ASP C 318 29.66 -14.84 20.41
CA ASP C 318 30.49 -15.79 21.14
C ASP C 318 30.87 -16.96 20.24
N ALA C 319 29.91 -17.42 19.42
CA ALA C 319 30.14 -18.54 18.50
C ALA C 319 31.19 -18.16 17.47
N PHE C 320 31.19 -16.89 17.06
CA PHE C 320 32.16 -16.39 16.09
C PHE C 320 33.56 -16.41 16.68
N LYS C 321 33.65 -16.13 17.98
CA LYS C 321 34.94 -16.13 18.66
C LYS C 321 35.44 -17.57 18.81
N SER C 322 34.53 -18.48 19.14
CA SER C 322 34.86 -19.90 19.30
C SER C 322 35.28 -20.58 18.00
N ALA C 323 34.67 -20.16 16.89
CA ALA C 323 34.98 -20.73 15.58
C ALA C 323 36.18 -20.04 14.95
N LYS C 324 36.70 -19.04 15.64
CA LYS C 324 37.83 -18.28 15.14
C LYS C 324 37.48 -17.69 13.79
N LEU C 325 36.35 -16.99 13.76
CA LEU C 325 35.86 -16.35 12.54
C LEU C 325 35.70 -14.84 12.79
N ASP C 326 36.15 -14.03 11.83
CA ASP C 326 36.04 -12.57 11.91
C ASP C 326 34.61 -12.22 11.51
N VAL C 327 34.11 -11.12 12.03
CA VAL C 327 32.73 -10.73 11.72
C VAL C 327 32.61 -9.45 10.89
N THR C 328 31.70 -9.50 9.92
CA THR C 328 31.40 -8.36 9.06
C THR C 328 29.95 -7.95 9.30
N PHE C 329 29.73 -6.65 9.46
CA PHE C 329 28.40 -6.10 9.69
C PHE C 329 28.12 -5.02 8.66
N THR C 330 26.86 -4.84 8.31
CA THR C 330 26.47 -3.85 7.30
C THR C 330 25.85 -2.55 7.85
N CYS C 331 25.26 -1.74 6.96
CA CYS C 331 24.58 -0.48 7.32
C CYS C 331 25.43 0.63 7.92
N LEU C 332 26.70 0.74 7.55
CA LEU C 332 27.56 1.77 8.11
C LEU C 332 27.21 3.21 7.68
N GLU C 333 26.64 3.36 6.49
CA GLU C 333 26.27 4.67 5.95
C GLU C 333 24.91 5.20 6.38
N MET C 334 24.17 4.38 7.14
CA MET C 334 22.82 4.73 7.59
C MET C 334 22.76 5.52 8.89
N THR C 335 21.70 6.31 9.04
CA THR C 335 21.47 7.11 10.24
C THR C 335 20.26 6.56 10.97
N ASP C 336 20.03 7.00 12.20
CA ASP C 336 18.86 6.54 12.94
C ASP C 336 17.62 7.29 12.48
N LYS C 337 16.49 6.60 12.53
CA LYS C 337 15.21 7.21 12.17
C LYS C 337 14.28 6.89 13.36
N GLY C 338 14.06 5.60 13.59
CA GLY C 338 13.25 5.13 14.71
C GLY C 338 11.81 5.60 14.79
N SER C 339 11.23 5.98 13.65
CA SER C 339 9.85 6.46 13.60
C SER C 339 8.91 5.51 12.86
N TYR C 340 7.64 5.57 13.22
CA TYR C 340 6.61 4.76 12.60
C TYR C 340 6.52 5.09 11.10
N PRO C 341 6.24 4.08 10.26
CA PRO C 341 6.04 2.66 10.55
C PRO C 341 7.28 1.75 10.45
N GLU C 342 8.38 2.24 9.86
CA GLU C 342 9.59 1.44 9.71
C GLU C 342 10.33 1.14 11.00
N TYR C 343 10.48 2.16 11.85
CA TYR C 343 11.18 2.04 13.13
C TYR C 343 12.63 1.59 12.91
N SER C 344 13.32 2.29 12.02
CA SER C 344 14.72 1.98 11.70
C SER C 344 15.75 2.60 12.64
N MET C 345 16.53 1.75 13.30
CA MET C 345 17.59 2.23 14.20
C MET C 345 18.91 1.58 13.74
N PRO C 346 19.35 1.86 12.49
CA PRO C 346 20.58 1.32 11.91
C PRO C 346 21.86 1.68 12.67
N LYS C 347 22.09 2.98 12.84
CA LYS C 347 23.28 3.46 13.53
C LYS C 347 23.42 2.91 14.95
N THR C 348 22.31 2.83 15.69
CA THR C 348 22.34 2.29 17.05
C THR C 348 22.75 0.83 17.00
N LEU C 349 22.20 0.10 16.04
CA LEU C 349 22.50 -1.31 15.85
C LEU C 349 24.00 -1.50 15.65
N VAL C 350 24.56 -0.80 14.67
CA VAL C 350 25.99 -0.88 14.34
C VAL C 350 26.85 -0.62 15.57
N GLN C 351 26.51 0.40 16.34
CA GLN C 351 27.25 0.72 17.55
C GLN C 351 27.20 -0.40 18.58
N ASN C 352 26.03 -1.02 18.72
CA ASN C 352 25.85 -2.10 19.67
C ASN C 352 26.71 -3.31 19.29
N ILE C 353 26.64 -3.69 18.02
CA ILE C 353 27.42 -4.81 17.51
C ILE C 353 28.91 -4.49 17.68
N ALA C 354 29.31 -3.29 17.27
CA ALA C 354 30.71 -2.87 17.39
C ALA C 354 31.24 -2.98 18.81
N THR C 355 30.44 -2.55 19.78
CA THR C 355 30.83 -2.61 21.18
C THR C 355 31.08 -4.04 21.65
N LEU C 356 30.17 -4.94 21.31
CA LEU C 356 30.30 -6.34 21.69
C LEU C 356 31.53 -7.00 21.07
N ALA C 357 31.74 -6.77 19.78
CA ALA C 357 32.90 -7.32 19.09
C ALA C 357 34.20 -6.89 19.77
N ASN C 358 34.30 -5.60 20.08
CA ASN C 358 35.48 -5.06 20.73
C ASN C 358 35.75 -5.64 22.12
N GLU C 359 34.68 -5.81 22.91
CA GLU C 359 34.83 -6.38 24.25
C GLU C 359 35.27 -7.84 24.20
N LYS C 360 34.88 -8.52 23.13
CA LYS C 360 35.22 -9.93 22.96
C LYS C 360 36.54 -10.12 22.22
N GLY C 361 37.06 -9.04 21.64
CA GLY C 361 38.30 -9.13 20.90
C GLY C 361 38.12 -9.77 19.55
N ILE C 362 36.97 -9.51 18.93
CA ILE C 362 36.65 -10.06 17.61
C ILE C 362 36.96 -9.02 16.53
N VAL C 363 37.69 -9.42 15.49
CA VAL C 363 38.03 -8.50 14.39
C VAL C 363 36.72 -8.13 13.72
N LEU C 364 36.50 -6.83 13.61
CA LEU C 364 35.28 -6.26 13.05
C LEU C 364 35.46 -5.59 11.70
N ASN C 365 34.61 -5.95 10.75
CA ASN C 365 34.63 -5.37 9.41
C ASN C 365 33.23 -4.88 9.12
N GLY C 366 33.10 -3.98 8.15
CA GLY C 366 31.79 -3.48 7.81
C GLY C 366 31.64 -3.21 6.32
N GLU C 367 30.40 -2.98 5.89
CA GLU C 367 30.11 -2.68 4.50
C GLU C 367 28.81 -1.89 4.42
N ASN C 368 28.64 -1.12 3.33
CA ASN C 368 27.44 -0.34 3.16
C ASN C 368 26.29 -1.25 2.74
N ALA C 369 25.07 -0.84 3.11
CA ALA C 369 23.86 -1.60 2.80
C ALA C 369 23.48 -1.50 1.32
N LEU C 370 23.35 -0.27 0.84
CA LEU C 370 22.97 -0.04 -0.56
C LEU C 370 23.95 0.90 -1.21
N SER C 371 23.85 1.03 -2.53
CA SER C 371 24.73 1.91 -3.31
C SER C 371 24.79 3.34 -2.78
N ILE C 372 25.99 3.89 -2.75
CA ILE C 372 26.24 5.24 -2.27
C ILE C 372 26.36 6.18 -3.46
N GLY C 373 25.53 7.22 -3.47
CA GLY C 373 25.58 8.18 -4.56
C GLY C 373 26.02 9.57 -4.12
N ASN C 374 26.23 9.75 -2.81
CA ASN C 374 26.63 11.05 -2.30
C ASN C 374 27.76 10.96 -1.28
N GLU C 375 28.70 11.90 -1.37
CA GLU C 375 29.84 11.97 -0.47
C GLU C 375 29.44 12.07 1.00
N GLU C 376 28.22 12.55 1.26
CA GLU C 376 27.71 12.67 2.63
C GLU C 376 27.60 11.28 3.27
N GLU C 377 27.23 10.29 2.47
CA GLU C 377 27.11 8.92 2.96
C GLU C 377 28.50 8.39 3.31
N TYR C 378 29.51 8.81 2.55
CA TYR C 378 30.89 8.43 2.79
C TYR C 378 31.33 8.96 4.15
N LYS C 379 30.90 10.19 4.46
CA LYS C 379 31.24 10.82 5.73
C LYS C 379 30.66 10.03 6.90
N ARG C 380 29.47 9.45 6.71
CA ARG C 380 28.87 8.66 7.77
C ARG C 380 29.60 7.33 7.92
N VAL C 381 29.91 6.71 6.78
CA VAL C 381 30.63 5.45 6.76
C VAL C 381 31.96 5.59 7.49
N ALA C 382 32.68 6.67 7.20
CA ALA C 382 33.98 6.94 7.82
C ALA C 382 33.90 7.15 9.31
N GLU C 383 32.86 7.88 9.73
CA GLU C 383 32.64 8.19 11.14
C GLU C 383 32.55 6.91 11.93
N MET C 384 31.71 5.99 11.47
CA MET C 384 31.52 4.72 12.15
C MET C 384 32.77 3.85 12.08
N ALA C 385 33.41 3.84 10.91
CA ALA C 385 34.60 3.03 10.68
C ALA C 385 35.81 3.45 11.50
N PHE C 386 36.12 4.74 11.50
CA PHE C 386 37.29 5.26 12.20
C PHE C 386 37.10 5.61 13.68
N ASN C 387 35.93 5.32 14.23
CA ASN C 387 35.66 5.59 15.65
C ASN C 387 35.22 4.35 16.43
N TYR C 388 34.83 3.30 15.72
CA TYR C 388 34.40 2.05 16.36
C TYR C 388 35.32 0.85 16.08
N ASN C 389 36.56 1.17 15.75
CA ASN C 389 37.61 0.18 15.50
C ASN C 389 37.38 -0.85 14.40
N PHE C 390 36.85 -0.41 13.26
CA PHE C 390 36.63 -1.32 12.16
C PHE C 390 37.96 -1.54 11.45
N ALA C 391 38.31 -2.81 11.26
CA ALA C 391 39.54 -3.21 10.61
C ALA C 391 39.43 -3.17 9.08
N GLY C 392 38.22 -3.01 8.55
CA GLY C 392 38.07 -2.96 7.11
C GLY C 392 36.68 -2.49 6.71
N PHE C 393 36.55 -2.02 5.47
CA PHE C 393 35.27 -1.57 4.95
C PHE C 393 35.15 -1.99 3.49
N THR C 394 34.11 -2.73 3.16
CA THR C 394 33.94 -3.16 1.77
C THR C 394 32.90 -2.29 1.08
N LEU C 395 33.27 -1.69 -0.04
CA LEU C 395 32.35 -0.84 -0.77
C LEU C 395 31.53 -1.60 -1.79
N LEU C 396 30.22 -1.57 -1.57
CA LEU C 396 29.26 -2.19 -2.47
C LEU C 396 28.79 -1.03 -3.37
N ARG C 397 29.19 -1.01 -4.65
CA ARG C 397 30.05 -2.01 -5.29
C ARG C 397 30.67 -1.46 -6.58
N TYR C 398 31.64 -2.21 -7.11
CA TYR C 398 32.41 -1.93 -8.33
C TYR C 398 31.95 -0.80 -9.29
N GLN C 399 30.94 -1.10 -10.09
CA GLN C 399 30.40 -0.15 -11.08
C GLN C 399 30.03 1.25 -10.57
N ASP C 400 29.64 1.36 -9.31
CA ASP C 400 29.26 2.65 -8.72
C ASP C 400 30.40 3.68 -8.73
N VAL C 401 31.62 3.22 -8.45
CA VAL C 401 32.78 4.12 -8.41
C VAL C 401 33.64 4.06 -9.68
N MET C 402 33.78 2.86 -10.23
CA MET C 402 34.58 2.63 -11.42
C MET C 402 34.11 3.51 -12.58
N TYR C 403 32.80 3.69 -12.66
CA TYR C 403 32.23 4.50 -13.73
C TYR C 403 31.78 5.87 -13.24
N ASN C 404 32.49 6.38 -12.24
CA ASN C 404 32.20 7.70 -11.67
C ASN C 404 33.45 8.21 -10.97
N ASN C 405 34.25 8.97 -11.70
CA ASN C 405 35.49 9.53 -11.17
C ASN C 405 35.29 10.56 -10.07
N SER C 406 34.07 11.07 -9.96
CA SER C 406 33.73 12.06 -8.94
C SER C 406 33.63 11.37 -7.57
N LEU C 407 32.74 10.38 -7.48
CA LEU C 407 32.57 9.61 -6.25
C LEU C 407 33.85 8.89 -5.90
N MET C 408 34.57 8.45 -6.93
CA MET C 408 35.84 7.76 -6.75
C MET C 408 36.81 8.69 -6.01
N GLY C 409 36.80 9.96 -6.37
CA GLY C 409 37.66 10.95 -5.74
C GLY C 409 37.30 11.21 -4.29
N LYS C 410 36.00 11.23 -4.00
CA LYS C 410 35.51 11.46 -2.63
C LYS C 410 35.87 10.25 -1.77
N PHE C 411 35.73 9.06 -2.35
CA PHE C 411 36.04 7.84 -1.62
C PHE C 411 37.51 7.78 -1.27
N LYS C 412 38.38 8.00 -2.26
CA LYS C 412 39.82 7.95 -2.01
C LYS C 412 40.17 8.85 -0.83
N ASP C 413 39.72 10.09 -0.91
CA ASP C 413 39.96 11.10 0.11
C ASP C 413 39.45 10.73 1.50
N LEU C 414 38.20 10.29 1.57
CA LEU C 414 37.58 9.95 2.85
C LEU C 414 37.81 8.55 3.42
N LEU C 415 37.83 7.55 2.55
CA LEU C 415 37.97 6.16 2.99
C LEU C 415 39.16 5.34 2.47
N GLY C 416 39.65 5.69 1.28
CA GLY C 416 40.78 4.97 0.71
C GLY C 416 42.10 5.40 1.33
N VAL C 417 42.12 5.51 2.66
CA VAL C 417 43.30 5.96 3.39
C VAL C 417 44.18 4.86 3.98
N THR C 418 45.42 5.23 4.27
CA THR C 418 46.41 4.34 4.86
C THR C 418 46.78 4.76 6.29
N PRO C 419 46.46 3.92 7.28
CA PRO C 419 46.78 4.25 8.67
C PRO C 419 48.30 4.40 8.77
N VAL C 420 48.77 5.40 9.51
CA VAL C 420 50.19 5.63 9.68
C VAL C 420 50.43 6.14 11.10
N MET C 421 51.31 5.46 11.84
CA MET C 421 51.62 5.84 13.21
C MET C 421 52.43 7.13 13.25
N GLN C 422 52.02 8.04 14.13
CA GLN C 422 52.68 9.33 14.29
C GLN C 422 52.73 9.66 15.78
N THR C 423 53.59 10.58 16.17
CA THR C 423 53.66 10.95 17.57
C THR C 423 53.33 12.43 17.71
N ILE C 424 52.25 12.71 18.42
CA ILE C 424 51.81 14.09 18.63
C ILE C 424 52.22 14.55 20.02
N VAL C 425 52.90 15.69 20.05
CA VAL C 425 53.41 16.27 21.28
C VAL C 425 52.89 17.69 21.51
N VAL C 426 52.44 17.94 22.74
CA VAL C 426 51.93 19.25 23.14
C VAL C 426 52.75 19.69 24.35
N LYS C 427 53.35 20.87 24.25
CA LYS C 427 54.17 21.43 25.34
C LYS C 427 53.44 22.58 26.03
N ASN C 428 53.93 22.93 27.22
CA ASN C 428 53.38 24.03 28.02
C ASN C 428 51.88 23.95 28.26
N VAL C 429 51.41 22.77 28.64
CA VAL C 429 49.98 22.57 28.90
C VAL C 429 49.66 22.76 30.38
N PRO C 430 48.77 23.72 30.69
CA PRO C 430 48.32 24.07 32.05
C PRO C 430 47.40 23.04 32.70
N THR C 431 47.87 21.79 32.77
CA THR C 431 47.13 20.69 33.37
C THR C 431 47.13 20.87 34.89
N THR C 432 46.29 20.11 35.58
CA THR C 432 46.21 20.16 37.03
C THR C 432 45.77 18.78 37.50
N ILE C 433 45.87 18.50 38.79
CA ILE C 433 45.45 17.20 39.30
C ILE C 433 44.03 16.84 38.86
N GLY C 434 43.90 15.70 38.21
CA GLY C 434 42.62 15.25 37.73
C GLY C 434 42.42 15.56 36.25
N ASP C 435 43.15 16.57 35.76
CA ASP C 435 43.07 16.98 34.36
C ASP C 435 43.71 16.00 33.39
N THR C 436 42.94 15.61 32.37
CA THR C 436 43.40 14.71 31.32
C THR C 436 43.44 15.51 30.03
N VAL C 437 44.47 15.29 29.21
CA VAL C 437 44.63 16.00 27.95
C VAL C 437 44.24 15.12 26.76
N TYR C 438 43.57 15.71 25.78
CA TYR C 438 43.12 15.00 24.58
C TYR C 438 43.35 15.86 23.35
N ILE C 439 43.12 15.28 22.18
CA ILE C 439 43.22 15.99 20.90
C ILE C 439 42.01 15.57 20.06
N THR C 440 41.57 16.45 19.17
CA THR C 440 40.42 16.18 18.31
C THR C 440 40.58 17.07 17.08
N GLY C 441 39.97 16.70 15.96
CA GLY C 441 40.11 17.49 14.75
C GLY C 441 39.03 17.29 13.70
N ASN C 442 39.22 17.93 12.55
CA ASN C 442 38.26 17.89 11.46
C ASN C 442 37.89 16.53 10.89
N ARG C 443 38.89 15.73 10.54
CA ARG C 443 38.65 14.41 9.96
C ARG C 443 37.96 13.44 10.93
N ALA C 444 37.26 12.45 10.38
CA ALA C 444 36.55 11.44 11.17
C ALA C 444 37.56 10.63 11.99
N GLU C 445 38.77 10.46 11.44
CA GLU C 445 39.86 9.73 12.10
C GLU C 445 40.23 10.43 13.40
N LEU C 446 40.07 11.75 13.41
CA LEU C 446 40.37 12.57 14.58
C LEU C 446 39.17 12.83 15.47
N GLY C 447 38.04 12.19 15.17
CA GLY C 447 36.85 12.37 15.99
C GLY C 447 35.89 13.47 15.55
N SER C 448 36.20 14.14 14.44
CA SER C 448 35.38 15.22 13.90
C SER C 448 34.98 16.28 14.92
N TRP C 449 35.99 16.80 15.62
CA TRP C 449 35.81 17.83 16.63
C TRP C 449 35.00 17.43 17.86
N ASP C 450 34.53 16.19 17.91
CA ASP C 450 33.77 15.72 19.07
C ASP C 450 34.69 15.65 20.30
N THR C 451 34.16 16.00 21.46
CA THR C 451 34.91 15.96 22.71
C THR C 451 34.22 15.09 23.74
N LYS C 452 33.05 14.59 23.40
CA LYS C 452 32.25 13.76 24.30
C LYS C 452 32.67 12.28 24.32
N GLN C 453 32.81 11.66 23.16
CA GLN C 453 33.19 10.24 23.15
C GLN C 453 34.24 9.79 22.13
N TYR C 454 34.51 10.62 21.13
CA TYR C 454 35.49 10.28 20.10
C TYR C 454 36.91 10.87 20.27
N PRO C 455 37.15 11.71 21.31
CA PRO C 455 38.51 12.25 21.42
C PRO C 455 39.63 11.24 21.68
N ILE C 456 40.79 11.54 21.13
CA ILE C 456 41.98 10.71 21.27
C ILE C 456 42.80 11.23 22.44
N GLN C 457 42.94 10.40 23.47
CA GLN C 457 43.67 10.77 24.68
C GLN C 457 45.18 10.82 24.54
N LEU C 458 45.79 11.76 25.25
CA LEU C 458 47.23 11.91 25.25
C LEU C 458 47.67 11.53 26.64
N TYR C 459 48.94 11.21 26.80
CA TYR C 459 49.45 10.85 28.11
C TYR C 459 50.63 11.72 28.50
N TYR C 460 50.77 11.95 29.81
CA TYR C 460 51.83 12.78 30.35
C TYR C 460 53.18 12.06 30.45
N ASP C 461 54.18 12.63 29.80
CA ASP C 461 55.53 12.10 29.86
C ASP C 461 56.25 12.87 30.96
N SER C 462 56.28 12.28 32.15
CA SER C 462 56.93 12.89 33.32
C SER C 462 58.37 13.31 33.00
N HIS C 463 59.11 12.38 32.40
CA HIS C 463 60.49 12.62 32.04
C HIS C 463 60.64 13.89 31.18
N SER C 464 60.07 13.89 29.98
CA SER C 464 60.16 15.05 29.11
C SER C 464 59.24 16.18 29.58
N ASN C 465 58.44 15.90 30.61
CA ASN C 465 57.51 16.86 31.18
C ASN C 465 56.62 17.50 30.11
N ASP C 466 55.83 16.67 29.45
CA ASP C 466 54.92 17.13 28.41
C ASP C 466 53.81 16.11 28.18
N TRP C 467 52.91 16.43 27.26
CA TRP C 467 51.80 15.53 26.94
C TRP C 467 51.97 15.10 25.50
N ARG C 468 52.09 13.78 25.30
CA ARG C 468 52.28 13.24 23.96
C ARG C 468 51.58 11.90 23.80
N GLY C 469 51.53 11.44 22.55
CA GLY C 469 50.89 10.17 22.27
C GLY C 469 51.17 9.67 20.86
N ASN C 470 51.07 8.36 20.69
CA ASN C 470 51.28 7.72 19.39
C ASN C 470 49.90 7.53 18.80
N VAL C 471 49.55 8.38 17.85
CA VAL C 471 48.24 8.30 17.22
C VAL C 471 48.36 7.79 15.80
N VAL C 472 47.40 6.96 15.39
CA VAL C 472 47.38 6.44 14.03
C VAL C 472 46.58 7.48 13.24
N LEU C 473 47.20 8.02 12.19
CA LEU C 473 46.56 9.02 11.37
C LEU C 473 46.49 8.61 9.91
N PRO C 474 45.64 9.28 9.11
CA PRO C 474 45.52 8.96 7.69
C PRO C 474 46.69 9.57 6.90
N ALA C 475 47.56 8.73 6.36
CA ALA C 475 48.72 9.19 5.60
C ALA C 475 48.35 10.09 4.42
N GLU C 476 49.23 11.06 4.17
CA GLU C 476 49.06 11.99 3.07
C GLU C 476 47.70 12.69 2.97
N ARG C 477 47.07 12.91 4.12
CA ARG C 477 45.79 13.62 4.14
C ARG C 477 45.98 14.89 4.94
N ASN C 478 45.23 15.93 4.59
CA ASN C 478 45.30 17.22 5.31
C ASN C 478 44.47 17.14 6.59
N ILE C 479 45.08 17.49 7.72
CA ILE C 479 44.36 17.46 9.01
C ILE C 479 44.49 18.77 9.78
N GLU C 480 43.54 19.01 10.66
CA GLU C 480 43.53 20.18 11.53
C GLU C 480 43.05 19.67 12.87
N PHE C 481 43.75 20.06 13.94
CA PHE C 481 43.40 19.58 15.26
C PHE C 481 43.78 20.57 16.34
N LYS C 482 43.40 20.24 17.57
CA LYS C 482 43.69 21.09 18.70
C LYS C 482 43.53 20.25 19.96
N ALA C 483 44.37 20.53 20.95
CA ALA C 483 44.28 19.82 22.20
C ALA C 483 43.30 20.55 23.10
N PHE C 484 42.82 19.85 24.12
CA PHE C 484 41.92 20.46 25.10
C PHE C 484 42.08 19.63 26.35
N ILE C 485 41.80 20.24 27.50
CA ILE C 485 41.92 19.54 28.76
C ILE C 485 40.51 19.20 29.23
N LYS C 486 40.38 18.12 29.99
CA LYS C 486 39.11 17.72 30.54
C LYS C 486 39.33 17.49 32.02
N SER C 487 38.49 18.14 32.83
CA SER C 487 38.58 18.06 34.28
C SER C 487 38.24 16.68 34.81
N LYS C 488 38.55 16.45 36.09
CA LYS C 488 38.28 15.19 36.78
C LYS C 488 36.89 14.63 36.46
N ASP C 489 35.87 15.47 36.62
CA ASP C 489 34.49 15.07 36.34
C ASP C 489 34.31 14.69 34.88
N GLY C 490 35.12 15.29 34.00
CA GLY C 490 35.04 14.99 32.58
C GLY C 490 34.42 16.05 31.70
N THR C 491 34.78 17.32 31.91
CA THR C 491 34.26 18.40 31.08
C THR C 491 35.42 19.19 30.51
N VAL C 492 35.25 19.73 29.30
CA VAL C 492 36.30 20.53 28.68
C VAL C 492 36.62 21.74 29.56
N LYS C 493 37.85 21.78 30.06
CA LYS C 493 38.30 22.87 30.91
C LYS C 493 38.78 24.02 30.04
N SER C 494 39.61 23.71 29.05
CA SER C 494 40.14 24.73 28.16
C SER C 494 40.68 24.17 26.84
N TRP C 495 40.83 25.04 25.86
CA TRP C 495 41.34 24.65 24.54
C TRP C 495 42.70 25.25 24.24
N GLN C 496 43.46 24.55 23.40
CA GLN C 496 44.78 24.98 22.96
C GLN C 496 44.54 26.28 22.20
N THR C 497 45.30 27.32 22.51
CA THR C 497 45.15 28.63 21.88
C THR C 497 45.07 28.64 20.35
N ILE C 498 46.14 28.20 19.68
CA ILE C 498 46.17 28.16 18.22
C ILE C 498 45.78 26.79 17.65
N GLN C 499 45.05 26.80 16.53
CA GLN C 499 44.63 25.54 15.91
C GLN C 499 45.80 24.93 15.15
N GLN C 500 45.98 23.63 15.34
CA GLN C 500 47.07 22.91 14.68
C GLN C 500 46.69 22.29 13.34
N SER C 501 47.71 21.86 12.61
CA SER C 501 47.51 21.24 11.31
C SER C 501 48.72 20.43 10.85
N TRP C 502 48.50 19.58 9.85
CA TRP C 502 49.54 18.75 9.27
C TRP C 502 49.08 18.57 7.83
N ASN C 503 49.60 19.42 6.95
CA ASN C 503 49.20 19.38 5.55
C ASN C 503 50.31 19.02 4.57
N PRO C 504 50.37 17.75 4.15
CA PRO C 504 49.48 16.69 4.62
C PRO C 504 50.19 15.90 5.72
N VAL C 505 49.59 14.80 6.16
CA VAL C 505 50.21 13.96 7.18
C VAL C 505 51.32 13.18 6.46
N PRO C 506 52.50 13.06 7.07
CA PRO C 506 53.64 12.34 6.49
C PRO C 506 53.36 10.85 6.30
N LEU C 507 53.77 10.34 5.15
CA LEU C 507 53.61 8.92 4.82
C LEU C 507 54.54 8.08 5.70
N LYS C 508 55.59 8.72 6.20
CA LYS C 508 56.57 8.08 7.08
C LYS C 508 56.36 8.59 8.51
N THR C 509 56.65 7.76 9.49
CA THR C 509 56.48 8.15 10.89
C THR C 509 57.44 9.28 11.31
N THR C 510 56.87 10.28 11.97
CA THR C 510 57.61 11.45 12.45
C THR C 510 56.87 11.91 13.71
N SER C 511 57.08 13.16 14.08
CA SER C 511 56.41 13.72 15.25
C SER C 511 55.94 15.15 14.97
N HIS C 512 54.79 15.51 15.51
CA HIS C 512 54.27 16.85 15.36
C HIS C 512 54.31 17.41 16.76
N THR C 513 54.99 18.53 16.93
CA THR C 513 55.08 19.14 18.26
C THR C 513 54.63 20.58 18.23
N SER C 514 53.91 20.98 19.27
CA SER C 514 53.40 22.34 19.41
C SER C 514 53.26 22.67 20.89
N SER C 515 52.85 23.90 21.18
CA SER C 515 52.65 24.34 22.56
C SER C 515 51.20 24.77 22.71
N TRP C 516 50.72 24.70 23.96
CA TRP C 516 49.36 25.09 24.30
C TRP C 516 48.99 26.50 23.82
N ALA D 1 -15.19 -27.69 -5.97
CA ALA D 1 -15.49 -27.82 -7.43
C ALA D 1 -16.98 -27.73 -7.70
N VAL D 2 -17.32 -27.55 -8.97
CA VAL D 2 -18.72 -27.43 -9.38
C VAL D 2 -19.47 -28.72 -9.01
N ASN D 3 -20.74 -28.58 -8.64
CA ASN D 3 -21.59 -29.71 -8.25
C ASN D 3 -21.28 -30.26 -6.85
N GLY D 4 -20.84 -29.38 -5.96
CA GLY D 4 -20.53 -29.77 -4.60
C GLY D 4 -19.41 -30.78 -4.43
N LYS D 5 -18.60 -30.97 -5.47
CA LYS D 5 -17.50 -31.92 -5.40
C LYS D 5 -16.13 -31.23 -5.23
N GLY D 6 -15.07 -32.04 -5.12
CA GLY D 6 -13.73 -31.50 -4.95
C GLY D 6 -12.84 -31.66 -6.19
N MET D 7 -11.53 -31.62 -5.97
CA MET D 7 -10.58 -31.76 -7.08
C MET D 7 -10.49 -33.22 -7.52
N ASN D 8 -10.06 -33.42 -8.76
CA ASN D 8 -9.91 -34.74 -9.34
C ASN D 8 -8.77 -35.46 -8.62
N PRO D 9 -9.03 -36.64 -8.02
CA PRO D 9 -8.00 -37.40 -7.30
C PRO D 9 -6.94 -37.98 -8.23
N ASP D 10 -7.20 -37.92 -9.53
CA ASP D 10 -6.26 -38.43 -10.51
C ASP D 10 -5.45 -37.29 -11.12
N TYR D 11 -5.60 -36.10 -10.54
CA TYR D 11 -4.89 -34.92 -11.04
C TYR D 11 -3.38 -35.09 -11.06
N LYS D 12 -2.79 -34.70 -12.18
CA LYS D 12 -1.34 -34.77 -12.39
C LYS D 12 -0.93 -33.54 -13.18
N ALA D 13 0.31 -33.10 -12.98
CA ALA D 13 0.82 -31.95 -13.71
C ALA D 13 1.91 -32.46 -14.66
N TYR D 14 1.96 -31.90 -15.87
CA TYR D 14 2.94 -32.31 -16.88
C TYR D 14 3.66 -31.10 -17.44
N LEU D 15 4.89 -31.33 -17.89
CA LEU D 15 5.71 -30.28 -18.47
C LEU D 15 5.92 -30.53 -19.96
N MET D 16 5.84 -29.48 -20.78
CA MET D 16 6.05 -29.61 -22.22
C MET D 16 7.53 -29.47 -22.51
N ALA D 17 8.07 -30.41 -23.28
CA ALA D 17 9.48 -30.39 -23.66
C ALA D 17 9.71 -29.34 -24.72
N PRO D 18 10.97 -28.96 -24.97
CA PRO D 18 11.24 -27.96 -26.00
C PRO D 18 10.75 -28.46 -27.35
N LEU D 19 10.66 -27.55 -28.32
CA LEU D 19 10.22 -27.88 -29.66
C LEU D 19 11.35 -28.57 -30.45
N LYS D 20 12.58 -28.10 -30.23
CA LYS D 20 13.78 -28.66 -30.88
C LYS D 20 14.25 -29.89 -30.11
N LYS D 21 15.20 -30.62 -30.69
CA LYS D 21 15.75 -31.80 -30.01
C LYS D 21 16.55 -31.37 -28.79
N ILE D 22 16.49 -32.17 -27.73
CA ILE D 22 17.19 -31.88 -26.49
C ILE D 22 18.66 -31.54 -26.70
N PRO D 23 19.39 -32.38 -27.46
CA PRO D 23 20.82 -32.11 -27.68
C PRO D 23 21.12 -30.79 -28.40
N GLU D 24 20.09 -30.18 -28.99
CA GLU D 24 20.30 -28.91 -29.65
C GLU D 24 19.66 -27.76 -28.85
N VAL D 25 19.46 -28.02 -27.56
CA VAL D 25 18.88 -27.06 -26.62
C VAL D 25 19.66 -27.13 -25.30
N THR D 26 20.30 -28.28 -25.06
CA THR D 26 21.09 -28.54 -23.86
C THR D 26 21.81 -29.88 -24.12
N ASN D 27 22.03 -30.68 -23.09
CA ASN D 27 22.69 -31.97 -23.29
C ASN D 27 21.97 -33.03 -22.48
N TRP D 28 22.19 -34.30 -22.79
CA TRP D 28 21.54 -35.38 -22.09
C TRP D 28 21.76 -35.42 -20.58
N GLU D 29 22.97 -35.10 -20.14
CA GLU D 29 23.29 -35.12 -18.70
C GLU D 29 22.55 -34.01 -17.94
N THR D 30 22.52 -32.81 -18.51
CA THR D 30 21.84 -31.67 -17.92
C THR D 30 20.34 -31.95 -17.91
N PHE D 31 19.84 -32.47 -19.02
CA PHE D 31 18.44 -32.81 -19.18
C PHE D 31 17.97 -33.70 -18.03
N GLU D 32 18.76 -34.71 -17.69
CA GLU D 32 18.39 -35.63 -16.61
C GLU D 32 18.30 -34.94 -15.27
N ASN D 33 19.22 -34.01 -15.02
CA ASN D 33 19.20 -33.26 -13.77
C ASN D 33 17.94 -32.41 -13.80
N ASP D 34 17.67 -31.82 -14.96
CA ASP D 34 16.50 -30.99 -15.14
C ASP D 34 15.23 -31.80 -14.86
N LEU D 35 15.18 -33.04 -15.34
CA LEU D 35 14.02 -33.87 -15.12
C LEU D 35 13.79 -34.17 -13.65
N ARG D 36 14.88 -34.38 -12.91
CA ARG D 36 14.81 -34.65 -11.47
C ARG D 36 14.31 -33.43 -10.70
N TRP D 37 14.74 -32.24 -11.15
CA TRP D 37 14.32 -30.98 -10.54
C TRP D 37 12.82 -30.81 -10.76
N ALA D 38 12.35 -31.12 -11.97
CA ALA D 38 10.93 -31.02 -12.31
C ALA D 38 10.12 -31.95 -11.41
N LYS D 39 10.61 -33.18 -11.26
CA LYS D 39 9.94 -34.16 -10.41
C LYS D 39 9.83 -33.62 -8.97
N GLN D 40 10.89 -32.95 -8.54
CA GLN D 40 10.97 -32.34 -7.21
C GLN D 40 9.95 -31.20 -7.05
N ASN D 41 9.46 -30.66 -8.17
CA ASN D 41 8.49 -29.58 -8.15
C ASN D 41 7.09 -29.99 -8.51
N GLY D 42 6.81 -31.28 -8.39
CA GLY D 42 5.47 -31.77 -8.67
C GLY D 42 5.10 -32.26 -10.04
N PHE D 43 6.04 -32.30 -10.98
CA PHE D 43 5.71 -32.80 -12.31
C PHE D 43 5.80 -34.33 -12.36
N TYR D 44 4.79 -34.94 -12.95
CA TYR D 44 4.72 -36.38 -13.07
C TYR D 44 5.37 -36.92 -14.34
N ALA D 45 5.23 -36.19 -15.42
CA ALA D 45 5.77 -36.62 -16.69
C ALA D 45 6.08 -35.45 -17.57
N ILE D 46 6.82 -35.72 -18.63
CA ILE D 46 7.18 -34.70 -19.60
C ILE D 46 6.56 -35.09 -20.94
N THR D 47 5.83 -34.18 -21.56
CA THR D 47 5.21 -34.44 -22.86
C THR D 47 6.20 -33.95 -23.88
N VAL D 48 6.31 -34.66 -24.99
CA VAL D 48 7.28 -34.29 -26.00
C VAL D 48 6.79 -34.64 -27.38
N ASP D 49 7.08 -33.74 -28.33
CA ASP D 49 6.71 -33.92 -29.74
C ASP D 49 7.71 -34.82 -30.46
N PHE D 50 7.21 -35.84 -31.12
CA PHE D 50 8.06 -36.70 -31.93
C PHE D 50 7.49 -36.43 -33.32
N TRP D 51 8.27 -35.66 -34.08
CA TRP D 51 7.92 -35.23 -35.42
C TRP D 51 7.97 -36.26 -36.53
N TRP D 52 6.88 -36.36 -37.29
CA TRP D 52 6.82 -37.31 -38.40
C TRP D 52 7.92 -36.99 -39.41
N GLY D 53 8.26 -35.71 -39.51
CA GLY D 53 9.32 -35.28 -40.42
C GLY D 53 10.68 -35.82 -40.01
N ASP D 54 10.79 -36.33 -38.79
CA ASP D 54 12.03 -36.91 -38.30
C ASP D 54 12.02 -38.43 -38.41
N MET D 55 10.91 -39.03 -38.01
CA MET D 55 10.75 -40.46 -37.96
C MET D 55 10.60 -41.24 -39.25
N GLU D 56 10.21 -40.56 -40.33
CA GLU D 56 10.02 -41.20 -41.62
C GLU D 56 10.34 -40.18 -42.69
N LYS D 57 11.50 -39.56 -42.53
CA LYS D 57 11.99 -38.50 -43.40
C LYS D 57 12.35 -38.82 -44.86
N ASN D 58 13.25 -39.78 -45.04
CA ASN D 58 13.72 -40.15 -46.38
C ASN D 58 12.76 -40.85 -47.33
N GLY D 59 11.82 -41.62 -46.81
CA GLY D 59 10.89 -42.30 -47.68
C GLY D 59 9.96 -43.20 -46.91
N ASP D 60 8.99 -43.75 -47.62
CA ASP D 60 8.00 -44.64 -47.04
C ASP D 60 8.65 -45.84 -46.35
N GLN D 61 8.31 -46.03 -45.09
CA GLN D 61 8.82 -47.11 -44.24
C GLN D 61 10.32 -46.99 -43.91
N GLN D 62 10.91 -45.84 -44.21
CA GLN D 62 12.32 -45.62 -43.88
C GLN D 62 12.32 -44.87 -42.55
N PHE D 63 12.09 -45.63 -41.48
CA PHE D 63 12.00 -45.11 -40.13
C PHE D 63 13.29 -44.86 -39.37
N ASP D 64 13.22 -43.89 -38.46
CA ASP D 64 14.33 -43.54 -37.59
C ASP D 64 13.77 -43.13 -36.23
N PHE D 65 13.70 -44.09 -35.33
CA PHE D 65 13.18 -43.84 -33.99
C PHE D 65 14.32 -43.69 -32.97
N SER D 66 15.53 -43.43 -33.46
CA SER D 66 16.70 -43.30 -32.58
C SER D 66 16.61 -42.24 -31.50
N TYR D 67 16.20 -41.03 -31.87
CA TYR D 67 16.07 -39.93 -30.92
C TYR D 67 15.03 -40.27 -29.86
N ALA D 68 13.90 -40.81 -30.31
CA ALA D 68 12.81 -41.18 -29.42
C ALA D 68 13.25 -42.18 -28.37
N GLN D 69 14.06 -43.15 -28.78
CA GLN D 69 14.55 -44.18 -27.85
C GLN D 69 15.57 -43.64 -26.87
N ARG D 70 16.40 -42.70 -27.36
CA ARG D 70 17.43 -42.07 -26.55
C ARG D 70 16.76 -41.14 -25.55
N PHE D 71 15.77 -40.40 -26.01
CA PHE D 71 15.02 -39.47 -25.16
C PHE D 71 14.45 -40.31 -24.04
N ALA D 72 13.83 -41.42 -24.41
CA ALA D 72 13.24 -42.35 -23.44
C ALA D 72 14.23 -42.91 -22.42
N GLN D 73 15.45 -43.17 -22.84
CA GLN D 73 16.46 -43.71 -21.92
C GLN D 73 16.76 -42.70 -20.83
N SER D 74 16.91 -41.43 -21.20
CA SER D 74 17.18 -40.39 -20.22
C SER D 74 16.01 -40.19 -19.25
N VAL D 75 14.78 -40.34 -19.74
CA VAL D 75 13.61 -40.20 -18.88
C VAL D 75 13.62 -41.34 -17.86
N LYS D 76 14.07 -42.51 -18.31
CA LYS D 76 14.18 -43.70 -17.46
C LYS D 76 15.28 -43.47 -16.41
N ASN D 77 16.37 -42.85 -16.84
CA ASN D 77 17.48 -42.56 -15.93
C ASN D 77 17.05 -41.53 -14.88
N ALA D 78 16.35 -40.49 -15.32
CA ALA D 78 15.88 -39.44 -14.43
C ALA D 78 14.78 -39.89 -13.49
N GLY D 79 14.27 -41.10 -13.70
CA GLY D 79 13.21 -41.63 -12.85
C GLY D 79 11.85 -41.01 -13.11
N MET D 80 11.68 -40.46 -14.31
CA MET D 80 10.43 -39.82 -14.69
C MET D 80 9.59 -40.68 -15.61
N LYS D 81 8.52 -40.08 -16.11
CA LYS D 81 7.60 -40.70 -17.04
C LYS D 81 7.51 -39.74 -18.21
N MET D 82 7.01 -40.22 -19.34
CA MET D 82 6.87 -39.40 -20.51
C MET D 82 5.55 -39.67 -21.23
N ILE D 83 5.09 -38.66 -21.94
CA ILE D 83 3.87 -38.73 -22.73
C ILE D 83 4.24 -38.23 -24.12
N PRO D 84 4.47 -39.16 -25.06
CA PRO D 84 4.82 -38.70 -26.40
C PRO D 84 3.62 -38.28 -27.25
N ILE D 85 3.85 -37.33 -28.15
CA ILE D 85 2.84 -36.86 -29.07
C ILE D 85 3.34 -37.31 -30.45
N ILE D 86 2.55 -38.11 -31.16
CA ILE D 86 2.96 -38.54 -32.49
C ILE D 86 2.60 -37.38 -33.40
N SER D 87 3.51 -36.41 -33.47
CA SER D 87 3.27 -35.22 -34.25
C SER D 87 3.35 -35.36 -35.77
N THR D 88 2.20 -35.71 -36.35
CA THR D 88 2.07 -35.86 -37.80
C THR D 88 1.77 -34.51 -38.48
N HIS D 89 2.19 -33.41 -37.83
CA HIS D 89 1.98 -32.06 -38.34
C HIS D 89 3.32 -31.30 -38.37
N GLN D 90 3.35 -30.18 -39.09
CA GLN D 90 4.57 -29.41 -39.23
C GLN D 90 4.90 -28.55 -38.02
N CYS D 91 6.19 -28.44 -37.74
CA CYS D 91 6.68 -27.60 -36.65
C CYS D 91 7.18 -26.36 -37.35
N GLY D 92 6.58 -25.22 -37.01
CA GLY D 92 6.96 -23.96 -37.63
C GLY D 92 5.71 -23.32 -38.21
N GLY D 93 5.65 -21.99 -38.14
CA GLY D 93 4.51 -21.26 -38.67
C GLY D 93 3.45 -20.89 -37.66
N ASN D 94 3.29 -21.70 -36.63
CA ASN D 94 2.29 -21.42 -35.61
C ASN D 94 2.84 -20.50 -34.53
N VAL D 95 1.94 -19.91 -33.76
CA VAL D 95 2.33 -18.99 -32.69
C VAL D 95 3.24 -19.65 -31.67
N GLY D 96 4.41 -19.04 -31.47
CA GLY D 96 5.38 -19.55 -30.53
C GLY D 96 6.28 -20.65 -31.08
N ASP D 97 6.16 -20.93 -32.38
CA ASP D 97 6.97 -21.97 -33.00
C ASP D 97 8.42 -21.60 -33.29
N ASP D 98 9.32 -22.24 -32.56
CA ASP D 98 10.76 -22.03 -32.71
C ASP D 98 11.32 -23.38 -33.18
N CYS D 99 11.16 -23.66 -34.47
CA CYS D 99 11.58 -24.92 -35.08
C CYS D 99 11.22 -24.89 -36.57
N ASN D 100 11.61 -25.93 -37.30
CA ASN D 100 11.29 -26.02 -38.72
C ASN D 100 11.34 -27.50 -39.11
N VAL D 101 10.29 -28.23 -38.75
CA VAL D 101 10.20 -29.66 -39.06
C VAL D 101 8.94 -29.96 -39.87
N PRO D 102 9.00 -29.80 -41.21
CA PRO D 102 7.86 -30.07 -42.08
C PRO D 102 7.61 -31.57 -42.12
N ILE D 103 6.44 -32.00 -42.58
CA ILE D 103 6.17 -33.43 -42.66
C ILE D 103 6.96 -33.92 -43.87
N PRO D 104 7.23 -35.23 -43.96
CA PRO D 104 7.99 -35.79 -45.08
C PRO D 104 7.53 -35.28 -46.44
N SER D 105 8.45 -34.67 -47.18
CA SER D 105 8.17 -34.13 -48.51
C SER D 105 7.70 -35.17 -49.53
N TRP D 106 8.07 -36.43 -49.32
CA TRP D 106 7.65 -37.48 -50.24
C TRP D 106 6.15 -37.75 -50.16
N VAL D 107 5.53 -37.37 -49.05
CA VAL D 107 4.10 -37.59 -48.85
C VAL D 107 3.26 -36.79 -49.85
N TRP D 108 3.78 -35.64 -50.25
CA TRP D 108 3.08 -34.78 -51.19
C TRP D 108 3.06 -35.35 -52.61
N ASN D 109 4.13 -36.07 -52.97
CA ASN D 109 4.23 -36.68 -54.31
C ASN D 109 3.39 -37.95 -54.40
N GLN D 110 2.47 -38.13 -53.46
CA GLN D 110 1.61 -39.29 -53.44
C GLN D 110 0.40 -39.11 -54.37
N LYS D 111 -0.01 -37.86 -54.55
CA LYS D 111 -1.16 -37.54 -55.40
C LYS D 111 -0.87 -36.39 -56.35
N SER D 112 -1.50 -36.42 -57.52
CA SER D 112 -1.36 -35.36 -58.51
C SER D 112 -2.58 -34.41 -58.44
N ASP D 113 -3.61 -34.81 -57.71
CA ASP D 113 -4.78 -33.94 -57.53
C ASP D 113 -4.55 -33.07 -56.28
N ASP D 114 -5.59 -32.43 -55.76
CA ASP D 114 -5.44 -31.59 -54.57
C ASP D 114 -6.12 -32.14 -53.32
N SER D 115 -6.14 -33.46 -53.19
CA SER D 115 -6.78 -34.11 -52.05
C SER D 115 -5.97 -34.12 -50.74
N LEU D 116 -4.69 -33.78 -50.82
CA LEU D 116 -3.83 -33.83 -49.64
C LEU D 116 -3.68 -32.55 -48.80
N TYR D 117 -3.94 -31.41 -49.39
CA TYR D 117 -3.80 -30.14 -48.67
C TYR D 117 -5.09 -29.32 -48.60
N PHE D 118 -4.96 -28.06 -48.16
CA PHE D 118 -6.12 -27.17 -48.03
C PHE D 118 -6.02 -25.95 -48.92
N LYS D 119 -7.16 -25.32 -49.16
CA LYS D 119 -7.23 -24.09 -49.93
C LYS D 119 -8.38 -23.28 -49.34
N SER D 120 -8.09 -22.04 -48.98
CA SER D 120 -9.07 -21.14 -48.38
C SER D 120 -10.06 -20.55 -49.39
N GLU D 121 -10.89 -19.65 -48.89
CA GLU D 121 -11.88 -18.94 -49.71
C GLU D 121 -11.12 -18.09 -50.72
N THR D 122 -10.01 -17.51 -50.27
CA THR D 122 -9.20 -16.65 -51.13
C THR D 122 -8.15 -17.40 -51.95
N GLY D 123 -8.16 -18.73 -51.87
CA GLY D 123 -7.22 -19.53 -52.63
C GLY D 123 -5.87 -19.80 -51.98
N THR D 124 -5.75 -19.52 -50.69
CA THR D 124 -4.50 -19.76 -49.97
C THR D 124 -4.35 -21.26 -49.70
N VAL D 125 -3.28 -21.84 -50.21
CA VAL D 125 -3.01 -23.28 -50.03
C VAL D 125 -2.30 -23.54 -48.72
N ASN D 126 -2.75 -24.56 -47.99
CA ASN D 126 -2.12 -24.93 -46.70
C ASN D 126 -1.57 -26.36 -46.72
N LYS D 127 -0.35 -26.51 -46.24
CA LYS D 127 0.28 -27.82 -46.22
C LYS D 127 1.05 -28.12 -44.92
N GLU D 128 0.50 -27.74 -43.77
CA GLU D 128 1.22 -28.03 -42.53
C GLU D 128 0.79 -29.35 -41.91
N THR D 129 -0.19 -29.99 -42.54
CA THR D 129 -0.72 -31.28 -42.09
C THR D 129 -1.56 -31.82 -43.26
N LEU D 130 -1.85 -33.12 -43.21
CA LEU D 130 -2.64 -33.76 -44.26
C LEU D 130 -4.12 -33.50 -44.12
N ASN D 131 -4.75 -33.15 -45.24
CA ASN D 131 -6.18 -32.89 -45.28
C ASN D 131 -6.90 -34.18 -44.87
N PRO D 132 -7.73 -34.12 -43.81
CA PRO D 132 -8.47 -35.28 -43.30
C PRO D 132 -9.33 -35.96 -44.36
N LEU D 133 -9.55 -35.29 -45.49
CA LEU D 133 -10.33 -35.84 -46.59
C LEU D 133 -9.64 -37.00 -47.29
N ALA D 134 -8.30 -37.03 -47.18
CA ALA D 134 -7.48 -38.07 -47.77
C ALA D 134 -7.39 -39.27 -46.83
N SER D 135 -8.53 -39.85 -46.49
CA SER D 135 -8.60 -40.99 -45.58
C SER D 135 -7.78 -42.22 -45.98
N ASP D 136 -7.57 -42.40 -47.27
CA ASP D 136 -6.80 -43.53 -47.77
C ASP D 136 -5.31 -43.40 -47.42
N VAL D 137 -4.77 -42.21 -47.62
CA VAL D 137 -3.38 -41.92 -47.32
C VAL D 137 -3.21 -41.97 -45.81
N ILE D 138 -4.06 -41.23 -45.11
CA ILE D 138 -3.99 -41.16 -43.66
C ILE D 138 -4.03 -42.54 -43.02
N ARG D 139 -4.96 -43.38 -43.46
CA ARG D 139 -5.10 -44.72 -42.92
C ARG D 139 -3.81 -45.53 -43.08
N LYS D 140 -3.17 -45.38 -44.23
CA LYS D 140 -1.93 -46.09 -44.52
C LYS D 140 -0.76 -45.55 -43.71
N GLU D 141 -0.36 -44.32 -43.99
CA GLU D 141 0.76 -43.71 -43.31
C GLU D 141 0.67 -43.64 -41.79
N TYR D 142 -0.51 -43.30 -41.24
CA TYR D 142 -0.65 -43.22 -39.78
C TYR D 142 -0.67 -44.63 -39.19
N GLY D 143 -1.29 -45.57 -39.90
CA GLY D 143 -1.33 -46.94 -39.42
C GLY D 143 0.07 -47.52 -39.34
N GLU D 144 0.86 -47.30 -40.38
CA GLU D 144 2.23 -47.77 -40.43
C GLU D 144 3.06 -47.09 -39.37
N LEU D 145 2.94 -45.77 -39.27
CA LEU D 145 3.69 -44.99 -38.29
C LEU D 145 3.39 -45.41 -36.85
N TYR D 146 2.11 -45.54 -36.51
CA TYR D 146 1.73 -45.94 -35.15
C TYR D 146 2.28 -47.32 -34.79
N THR D 147 2.20 -48.25 -35.73
CA THR D 147 2.67 -49.63 -35.52
C THR D 147 4.19 -49.70 -35.39
N ALA D 148 4.89 -48.95 -36.22
CA ALA D 148 6.34 -48.93 -36.19
C ALA D 148 6.80 -48.27 -34.90
N PHE D 149 6.09 -47.22 -34.49
CA PHE D 149 6.44 -46.50 -33.27
C PHE D 149 6.27 -47.36 -32.02
N ALA D 150 5.13 -48.06 -31.93
CA ALA D 150 4.84 -48.93 -30.79
C ALA D 150 5.93 -49.98 -30.59
N ALA D 151 6.43 -50.52 -31.69
CA ALA D 151 7.46 -51.54 -31.70
C ALA D 151 8.79 -51.00 -31.17
N ALA D 152 9.17 -49.83 -31.67
CA ALA D 152 10.41 -49.21 -31.23
C ALA D 152 10.39 -48.84 -29.75
N MET D 153 9.23 -48.44 -29.26
CA MET D 153 9.10 -48.02 -27.87
C MET D 153 8.73 -49.16 -26.92
N LYS D 154 8.48 -50.34 -27.47
CA LYS D 154 8.13 -51.48 -26.64
C LYS D 154 9.05 -51.67 -25.43
N PRO D 155 10.39 -51.59 -25.61
CA PRO D 155 11.26 -51.77 -24.45
C PRO D 155 11.22 -50.68 -23.36
N TYR D 156 10.49 -49.59 -23.61
CA TYR D 156 10.38 -48.47 -22.66
C TYR D 156 8.94 -48.27 -22.16
N LYS D 157 8.10 -49.28 -22.34
CA LYS D 157 6.70 -49.19 -21.92
C LYS D 157 6.53 -48.76 -20.47
N ASP D 158 7.50 -49.09 -19.63
CA ASP D 158 7.40 -48.74 -18.22
C ASP D 158 7.53 -47.25 -17.90
N VAL D 159 8.07 -46.47 -18.84
CA VAL D 159 8.22 -45.03 -18.62
C VAL D 159 7.19 -44.19 -19.38
N ILE D 160 6.35 -44.83 -20.18
CA ILE D 160 5.34 -44.13 -20.97
C ILE D 160 4.00 -44.08 -20.22
N ALA D 161 3.57 -42.88 -19.86
CA ALA D 161 2.33 -42.69 -19.10
C ALA D 161 1.06 -42.50 -19.91
N LYS D 162 1.19 -42.00 -21.14
CA LYS D 162 0.05 -41.75 -22.00
C LYS D 162 0.57 -41.42 -23.40
N ILE D 163 -0.30 -41.49 -24.41
CA ILE D 163 0.12 -41.16 -25.77
C ILE D 163 -0.86 -40.17 -26.38
N TYR D 164 -0.32 -39.16 -27.04
CA TYR D 164 -1.11 -38.12 -27.69
C TYR D 164 -1.07 -38.27 -29.21
N LEU D 165 -2.20 -38.05 -29.85
CA LEU D 165 -2.29 -38.13 -31.31
C LEU D 165 -2.49 -36.72 -31.82
N SER D 166 -1.91 -36.42 -32.98
CA SER D 166 -2.04 -35.11 -33.61
C SER D 166 -3.20 -35.19 -34.60
N GLY D 167 -4.24 -34.37 -34.35
CA GLY D 167 -5.41 -34.36 -35.20
C GLY D 167 -5.39 -33.29 -36.28
N GLY D 168 -4.33 -32.51 -36.35
CA GLY D 168 -4.27 -31.48 -37.38
C GLY D 168 -3.21 -30.42 -37.10
N PRO D 169 -3.43 -29.18 -37.56
CA PRO D 169 -2.49 -28.07 -37.37
C PRO D 169 -2.09 -27.89 -35.90
N ALA D 170 -0.80 -27.73 -35.65
CA ALA D 170 -0.27 -27.57 -34.31
C ALA D 170 -0.72 -28.67 -33.37
N GLY D 171 -1.01 -29.85 -33.91
CA GLY D 171 -1.42 -30.97 -33.11
C GLY D 171 -2.85 -30.96 -32.61
N GLU D 172 -3.68 -30.10 -33.20
CA GLU D 172 -5.07 -30.00 -32.80
C GLU D 172 -6.05 -30.38 -33.90
N LEU D 173 -7.15 -30.99 -33.52
CA LEU D 173 -8.17 -31.38 -34.47
C LEU D 173 -8.96 -30.13 -34.90
N ARG D 174 -8.52 -29.54 -36.00
CA ARG D 174 -9.16 -28.33 -36.52
C ARG D 174 -8.68 -28.11 -37.96
N TYR D 175 -9.14 -27.02 -38.56
CA TYR D 175 -8.74 -26.66 -39.91
C TYR D 175 -7.74 -25.51 -39.74
N PRO D 176 -6.80 -25.38 -40.69
CA PRO D 176 -5.81 -24.29 -40.62
C PRO D 176 -6.50 -22.99 -41.07
N SER D 177 -7.58 -22.64 -40.37
CA SER D 177 -8.37 -21.45 -40.69
C SER D 177 -7.77 -20.12 -40.28
N TYR D 178 -6.92 -20.13 -39.26
CA TYR D 178 -6.31 -18.89 -38.80
C TYR D 178 -4.79 -18.82 -39.00
N THR D 179 -4.39 -18.28 -40.14
CA THR D 179 -2.97 -18.15 -40.48
C THR D 179 -2.65 -16.75 -40.99
N THR D 180 -1.41 -16.33 -40.78
CA THR D 180 -0.93 -15.02 -41.19
C THR D 180 -1.03 -14.85 -42.70
N SER D 181 -0.58 -15.85 -43.45
CA SER D 181 -0.61 -15.81 -44.90
C SER D 181 -2.03 -15.68 -45.45
N ASP D 182 -2.97 -16.41 -44.87
CA ASP D 182 -4.36 -16.36 -45.31
C ASP D 182 -5.03 -15.12 -44.72
N GLY D 183 -4.28 -14.39 -43.90
CA GLY D 183 -4.81 -13.18 -43.27
C GLY D 183 -6.00 -13.49 -42.37
N THR D 184 -5.88 -14.56 -41.59
CA THR D 184 -6.96 -14.98 -40.71
C THR D 184 -6.49 -15.12 -39.25
N GLY D 185 -5.36 -14.52 -38.94
CA GLY D 185 -4.84 -14.59 -37.58
C GLY D 185 -5.63 -13.80 -36.57
N TYR D 186 -5.36 -14.06 -35.29
CA TYR D 186 -6.04 -13.36 -34.20
C TYR D 186 -5.85 -11.84 -34.38
N PRO D 187 -6.92 -11.05 -34.14
CA PRO D 187 -8.27 -11.45 -33.74
C PRO D 187 -9.29 -11.54 -34.88
N SER D 188 -8.82 -11.71 -36.11
CA SER D 188 -9.69 -11.78 -37.28
C SER D 188 -10.56 -13.02 -37.39
N ARG D 189 -11.59 -12.94 -38.22
CA ARG D 189 -12.49 -14.08 -38.44
C ARG D 189 -11.71 -15.07 -39.30
N GLY D 190 -12.12 -16.33 -39.28
CA GLY D 190 -11.43 -17.32 -40.08
C GLY D 190 -12.06 -17.59 -41.43
N LYS D 191 -11.27 -18.19 -42.32
CA LYS D 191 -11.78 -18.53 -43.64
C LYS D 191 -11.98 -20.05 -43.70
N PHE D 192 -13.00 -20.47 -44.44
CA PHE D 192 -13.30 -21.89 -44.62
C PHE D 192 -12.19 -22.49 -45.49
N GLN D 193 -11.77 -23.69 -45.13
CA GLN D 193 -10.68 -24.37 -45.83
C GLN D 193 -11.22 -25.59 -46.56
N ALA D 194 -12.12 -25.35 -47.51
CA ALA D 194 -12.72 -26.44 -48.27
C ALA D 194 -12.93 -26.05 -49.72
N TYR D 195 -11.94 -25.40 -50.30
CA TYR D 195 -12.04 -24.95 -51.68
C TYR D 195 -11.15 -25.67 -52.70
N THR D 196 -10.59 -26.80 -52.31
CA THR D 196 -9.79 -27.59 -53.26
C THR D 196 -10.85 -28.31 -54.09
N GLU D 197 -10.52 -28.66 -55.32
CA GLU D 197 -11.47 -29.38 -56.15
C GLU D 197 -11.92 -30.66 -55.48
N PHE D 198 -11.02 -31.28 -54.73
CA PHE D 198 -11.32 -32.51 -54.02
C PHE D 198 -12.37 -32.28 -52.93
N ALA D 199 -12.27 -31.14 -52.25
CA ALA D 199 -13.22 -30.82 -51.19
C ALA D 199 -14.60 -30.51 -51.76
N LYS D 200 -14.62 -29.77 -52.88
CA LYS D 200 -15.88 -29.41 -53.53
C LYS D 200 -16.62 -30.66 -53.97
N SER D 201 -15.89 -31.61 -54.54
CA SER D 201 -16.48 -32.86 -55.00
C SER D 201 -17.01 -33.69 -53.84
N LYS D 202 -16.23 -33.76 -52.76
CA LYS D 202 -16.65 -34.53 -51.60
C LYS D 202 -17.92 -33.96 -51.01
N PHE D 203 -18.00 -32.64 -50.90
CA PHE D 203 -19.19 -31.98 -50.36
C PHE D 203 -20.36 -32.31 -51.27
N ARG D 204 -20.16 -32.05 -52.56
CA ARG D 204 -21.16 -32.32 -53.58
C ARG D 204 -21.67 -33.77 -53.51
N LEU D 205 -20.76 -34.71 -53.29
CA LEU D 205 -21.15 -36.12 -53.20
C LEU D 205 -21.93 -36.39 -51.93
N TRP D 206 -21.52 -35.79 -50.82
CA TRP D 206 -22.21 -35.97 -49.55
C TRP D 206 -23.64 -35.43 -49.67
N VAL D 207 -23.77 -34.28 -50.33
CA VAL D 207 -25.05 -33.62 -50.56
C VAL D 207 -25.97 -34.48 -51.43
N LEU D 208 -25.51 -34.76 -52.64
CA LEU D 208 -26.27 -35.57 -53.59
C LEU D 208 -26.59 -36.94 -53.01
N ASN D 209 -25.69 -37.44 -52.19
CA ASN D 209 -25.88 -38.74 -51.56
C ASN D 209 -26.99 -38.61 -50.50
N LYS D 210 -26.95 -37.52 -49.75
CA LYS D 210 -27.95 -37.28 -48.72
C LYS D 210 -29.35 -37.06 -49.29
N TYR D 211 -29.43 -36.30 -50.38
CA TYR D 211 -30.71 -36.00 -51.00
C TYR D 211 -31.10 -36.84 -52.22
N GLY D 212 -30.19 -37.70 -52.67
CA GLY D 212 -30.48 -38.57 -53.80
C GLY D 212 -30.54 -37.89 -55.16
N SER D 213 -31.32 -36.82 -55.27
CA SER D 213 -31.47 -36.12 -56.53
C SER D 213 -31.34 -34.62 -56.40
N LEU D 214 -30.98 -33.94 -57.49
CA LEU D 214 -30.87 -32.48 -57.48
C LEU D 214 -32.26 -31.96 -57.10
N ASN D 215 -33.27 -32.79 -57.32
CA ASN D 215 -34.66 -32.47 -56.99
C ASN D 215 -34.76 -32.25 -55.50
N GLU D 216 -34.51 -33.31 -54.73
CA GLU D 216 -34.58 -33.23 -53.28
C GLU D 216 -33.62 -32.18 -52.73
N VAL D 217 -32.51 -31.96 -53.41
CA VAL D 217 -31.52 -30.95 -53.00
C VAL D 217 -32.15 -29.56 -53.11
N ASN D 218 -32.77 -29.29 -54.26
CA ASN D 218 -33.43 -28.01 -54.50
C ASN D 218 -34.65 -27.83 -53.62
N LYS D 219 -35.35 -28.92 -53.35
CA LYS D 219 -36.53 -28.88 -52.49
C LYS D 219 -36.09 -28.47 -51.09
N ALA D 220 -35.23 -29.31 -50.49
CA ALA D 220 -34.71 -29.10 -49.15
C ALA D 220 -34.04 -27.74 -48.97
N TRP D 221 -33.36 -27.27 -50.01
CA TRP D 221 -32.69 -25.98 -49.93
C TRP D 221 -33.54 -24.82 -50.40
N GLY D 222 -34.69 -25.14 -51.00
CA GLY D 222 -35.58 -24.11 -51.51
C GLY D 222 -34.88 -23.26 -52.55
N THR D 223 -33.91 -23.88 -53.22
CA THR D 223 -33.13 -23.19 -54.23
C THR D 223 -33.47 -23.73 -55.61
N LYS D 224 -32.91 -23.11 -56.64
CA LYS D 224 -33.16 -23.50 -58.02
C LYS D 224 -31.83 -23.84 -58.71
N LEU D 225 -31.12 -24.83 -58.17
CA LEU D 225 -29.86 -25.25 -58.74
C LEU D 225 -30.05 -25.96 -60.07
N ILE D 226 -29.43 -25.43 -61.11
CA ILE D 226 -29.53 -25.98 -62.47
C ILE D 226 -28.78 -27.32 -62.63
N SER D 227 -27.53 -27.36 -62.17
CA SER D 227 -26.72 -28.57 -62.27
C SER D 227 -26.18 -29.03 -60.92
N GLU D 228 -25.88 -30.32 -60.81
CA GLU D 228 -25.34 -30.89 -59.57
C GLU D 228 -23.98 -30.26 -59.26
N LEU D 229 -23.38 -29.65 -60.28
CA LEU D 229 -22.09 -28.99 -60.15
C LEU D 229 -22.22 -27.57 -59.59
N ALA D 230 -23.46 -27.13 -59.42
CA ALA D 230 -23.73 -25.80 -58.87
C ALA D 230 -23.63 -25.93 -57.35
N ILE D 231 -23.71 -27.17 -56.87
CA ILE D 231 -23.60 -27.46 -55.44
C ILE D 231 -22.17 -27.14 -55.05
N LEU D 232 -21.99 -26.15 -54.17
CA LEU D 232 -20.67 -25.73 -53.75
C LEU D 232 -20.65 -25.14 -52.34
N PRO D 233 -19.44 -24.92 -51.78
CA PRO D 233 -19.32 -24.34 -50.44
C PRO D 233 -19.54 -22.81 -50.57
N PRO D 234 -19.72 -22.11 -49.44
CA PRO D 234 -19.95 -20.66 -49.41
C PRO D 234 -18.99 -19.83 -50.26
N SER D 235 -19.53 -18.93 -51.06
CA SER D 235 -18.72 -18.05 -51.89
C SER D 235 -18.14 -16.95 -50.99
N ASP D 236 -19.02 -16.30 -50.25
CA ASP D 236 -18.63 -15.24 -49.34
C ASP D 236 -18.74 -15.79 -47.91
N GLY D 237 -17.59 -16.01 -47.29
CA GLY D 237 -17.58 -16.53 -45.93
C GLY D 237 -18.18 -15.55 -44.94
N GLU D 238 -18.01 -14.25 -45.18
CA GLU D 238 -18.56 -13.23 -44.30
C GLU D 238 -20.08 -13.32 -44.25
N GLN D 239 -20.70 -13.19 -45.42
CA GLN D 239 -22.16 -13.28 -45.49
C GLN D 239 -22.72 -14.60 -44.98
N PHE D 240 -21.95 -15.68 -45.14
CA PHE D 240 -22.38 -16.99 -44.67
C PHE D 240 -22.41 -16.99 -43.15
N LEU D 241 -21.41 -16.33 -42.55
CA LEU D 241 -21.30 -16.24 -41.11
C LEU D 241 -22.28 -15.22 -40.55
N MET D 242 -22.71 -14.28 -41.39
CA MET D 242 -23.67 -13.26 -40.95
C MET D 242 -25.06 -13.87 -40.86
N ASN D 243 -25.47 -14.60 -41.90
CA ASN D 243 -26.80 -15.22 -41.91
C ASN D 243 -26.90 -16.49 -42.74
N GLY D 244 -25.95 -16.69 -43.65
CA GLY D 244 -25.98 -17.88 -44.50
C GLY D 244 -26.09 -19.19 -43.75
N TYR D 245 -25.43 -19.30 -42.60
CA TYR D 245 -25.46 -20.52 -41.82
C TYR D 245 -26.86 -20.89 -41.32
N LEU D 246 -27.77 -19.91 -41.37
CA LEU D 246 -29.14 -20.12 -40.92
C LEU D 246 -29.95 -20.93 -41.92
N SER D 247 -29.58 -20.87 -43.19
CA SER D 247 -30.31 -21.58 -44.23
C SER D 247 -30.11 -23.09 -44.12
N MET D 248 -31.02 -23.86 -44.72
CA MET D 248 -30.92 -25.31 -44.71
C MET D 248 -29.61 -25.75 -45.39
N TYR D 249 -29.14 -24.95 -46.35
CA TYR D 249 -27.89 -25.20 -47.04
C TYR D 249 -26.74 -24.99 -46.05
N GLY D 250 -26.82 -23.90 -45.30
CA GLY D 250 -25.81 -23.57 -44.31
C GLY D 250 -25.71 -24.64 -43.24
N LYS D 251 -26.87 -25.16 -42.84
CA LYS D 251 -26.89 -26.22 -41.84
C LYS D 251 -26.24 -27.48 -42.39
N ASP D 252 -26.45 -27.75 -43.68
CA ASP D 252 -25.85 -28.93 -44.31
C ASP D 252 -24.35 -28.81 -44.48
N TYR D 253 -23.90 -27.66 -44.96
CA TYR D 253 -22.48 -27.42 -45.16
C TYR D 253 -21.71 -27.59 -43.84
N LEU D 254 -22.20 -26.96 -42.77
CA LEU D 254 -21.51 -27.05 -41.49
C LEU D 254 -21.54 -28.46 -40.90
N GLU D 255 -22.54 -29.27 -41.25
CA GLU D 255 -22.60 -30.64 -40.76
C GLU D 255 -21.52 -31.48 -41.47
N TRP D 256 -21.31 -31.20 -42.75
CA TRP D 256 -20.31 -31.90 -43.55
C TRP D 256 -18.92 -31.46 -43.09
N TYR D 257 -18.74 -30.15 -43.04
CA TYR D 257 -17.48 -29.53 -42.64
C TYR D 257 -16.97 -30.07 -41.30
N GLN D 258 -17.79 -30.02 -40.26
CA GLN D 258 -17.40 -30.51 -38.94
C GLN D 258 -17.32 -32.04 -38.97
N GLY D 259 -18.17 -32.64 -39.81
CA GLY D 259 -18.21 -34.09 -39.95
C GLY D 259 -16.89 -34.71 -40.35
N ILE D 260 -16.10 -33.98 -41.15
CA ILE D 260 -14.80 -34.46 -41.60
C ILE D 260 -13.87 -34.70 -40.40
N LEU D 261 -13.86 -33.74 -39.47
CA LEU D 261 -13.04 -33.83 -38.27
C LEU D 261 -13.53 -34.97 -37.37
N GLU D 262 -14.84 -35.15 -37.30
CA GLU D 262 -15.39 -36.22 -36.46
C GLU D 262 -15.01 -37.59 -37.00
N ASN D 263 -15.02 -37.76 -38.32
CA ASN D 263 -14.65 -39.04 -38.92
C ASN D 263 -13.16 -39.30 -38.75
N HIS D 264 -12.36 -38.24 -38.87
CA HIS D 264 -10.91 -38.31 -38.71
C HIS D 264 -10.61 -38.82 -37.30
N THR D 265 -11.26 -38.20 -36.33
CA THR D 265 -11.12 -38.58 -34.93
C THR D 265 -11.42 -40.05 -34.73
N LYS D 266 -12.44 -40.55 -35.42
CA LYS D 266 -12.82 -41.94 -35.31
C LYS D 266 -11.81 -42.87 -35.98
N LEU D 267 -11.20 -42.40 -37.07
CA LEU D 267 -10.19 -43.17 -37.81
C LEU D 267 -8.88 -43.30 -37.06
N ILE D 268 -8.29 -42.16 -36.68
CA ILE D 268 -7.01 -42.19 -35.98
C ILE D 268 -7.12 -42.78 -34.58
N GLY D 269 -8.31 -42.71 -33.99
CA GLY D 269 -8.51 -43.29 -32.67
C GLY D 269 -8.48 -44.80 -32.79
N GLU D 270 -9.02 -45.30 -33.90
CA GLU D 270 -9.06 -46.73 -34.18
C GLU D 270 -7.64 -47.25 -34.38
N LEU D 271 -6.91 -46.58 -35.26
CA LEU D 271 -5.53 -46.94 -35.57
C LEU D 271 -4.69 -46.98 -34.31
N ALA D 272 -4.74 -45.89 -33.54
CA ALA D 272 -3.99 -45.77 -32.31
C ALA D 272 -4.27 -46.88 -31.30
N HIS D 273 -5.54 -47.26 -31.13
CA HIS D 273 -5.86 -48.33 -30.18
C HIS D 273 -5.32 -49.69 -30.62
N ASN D 274 -5.39 -49.98 -31.91
CA ASN D 274 -4.88 -51.25 -32.40
C ASN D 274 -3.38 -51.33 -32.16
N ALA D 275 -2.68 -50.27 -32.48
CA ALA D 275 -1.23 -50.23 -32.32
C ALA D 275 -0.68 -50.22 -30.89
N PHE D 276 -1.35 -49.53 -29.98
CA PHE D 276 -0.84 -49.41 -28.60
C PHE D 276 -1.52 -50.11 -27.44
N ASP D 277 -2.77 -50.53 -27.60
CA ASP D 277 -3.48 -51.17 -26.49
C ASP D 277 -2.94 -52.44 -25.87
N THR D 278 -2.67 -53.47 -26.68
CA THR D 278 -2.16 -54.71 -26.14
C THR D 278 -0.75 -54.57 -25.55
N THR D 279 0.04 -53.66 -26.11
CA THR D 279 1.40 -53.44 -25.63
C THR D 279 1.54 -52.46 -24.45
N PHE D 280 1.14 -51.21 -24.65
CA PHE D 280 1.27 -50.18 -23.63
C PHE D 280 0.20 -50.09 -22.57
N GLN D 281 -1.06 -50.31 -22.96
CA GLN D 281 -2.19 -50.26 -22.02
C GLN D 281 -2.27 -48.94 -21.25
N VAL D 282 -2.11 -47.84 -21.97
CA VAL D 282 -2.17 -46.49 -21.39
C VAL D 282 -3.24 -45.67 -22.11
N PRO D 283 -3.69 -44.55 -21.49
CA PRO D 283 -4.70 -43.71 -22.12
C PRO D 283 -4.14 -43.11 -23.41
N ILE D 284 -5.04 -42.81 -24.34
CA ILE D 284 -4.64 -42.20 -25.61
C ILE D 284 -5.48 -40.92 -25.73
N GLY D 285 -4.84 -39.80 -26.03
CA GLY D 285 -5.57 -38.56 -26.13
C GLY D 285 -5.38 -37.76 -27.40
N ALA D 286 -6.11 -36.65 -27.48
CA ALA D 286 -6.05 -35.72 -28.60
C ALA D 286 -6.44 -34.33 -28.07
N LYS D 287 -6.18 -33.30 -28.86
CA LYS D 287 -6.44 -31.94 -28.44
C LYS D 287 -7.44 -31.15 -29.28
N ILE D 288 -8.14 -30.23 -28.63
CA ILE D 288 -9.11 -29.35 -29.29
C ILE D 288 -8.62 -27.93 -28.97
N ALA D 289 -8.50 -27.13 -30.01
CA ALA D 289 -8.01 -25.76 -29.86
C ALA D 289 -9.04 -24.80 -29.25
N GLY D 290 -8.56 -23.85 -28.46
CA GLY D 290 -9.42 -22.87 -27.85
C GLY D 290 -9.45 -21.65 -28.77
N VAL D 291 -10.42 -21.63 -29.68
CA VAL D 291 -10.56 -20.52 -30.63
C VAL D 291 -11.59 -19.59 -29.99
N HIS D 292 -11.13 -18.87 -28.96
CA HIS D 292 -11.96 -17.94 -28.19
C HIS D 292 -12.44 -16.63 -28.82
N TRP D 293 -11.72 -16.09 -29.80
CA TRP D 293 -12.11 -14.82 -30.41
C TRP D 293 -13.30 -14.88 -31.36
N GLN D 294 -13.96 -13.73 -31.52
CA GLN D 294 -15.15 -13.57 -32.37
C GLN D 294 -16.31 -14.41 -31.84
N TYR D 295 -16.20 -14.80 -30.57
CA TYR D 295 -17.18 -15.63 -29.89
C TYR D 295 -18.54 -14.95 -29.87
N ASN D 296 -18.58 -13.78 -29.24
CA ASN D 296 -19.82 -13.02 -29.12
C ASN D 296 -19.90 -11.83 -30.08
N ASN D 297 -19.42 -12.00 -31.30
CA ASN D 297 -19.50 -10.93 -32.27
C ASN D 297 -20.96 -10.92 -32.73
N PRO D 298 -21.64 -9.77 -32.64
CA PRO D 298 -23.05 -9.59 -33.02
C PRO D 298 -23.38 -9.91 -34.48
N THR D 299 -22.57 -9.42 -35.41
CA THR D 299 -22.80 -9.65 -36.83
C THR D 299 -22.31 -11.02 -37.31
N ILE D 300 -21.14 -11.45 -36.85
CA ILE D 300 -20.59 -12.76 -37.23
C ILE D 300 -20.36 -13.60 -35.97
N PRO D 301 -21.43 -14.21 -35.43
CA PRO D 301 -21.33 -15.04 -34.23
C PRO D 301 -20.38 -16.23 -34.40
N HIS D 302 -19.38 -16.30 -33.52
CA HIS D 302 -18.41 -17.38 -33.59
C HIS D 302 -17.69 -17.37 -34.93
N GLY D 303 -17.34 -16.16 -35.37
CA GLY D 303 -16.65 -16.00 -36.65
C GLY D 303 -15.29 -16.67 -36.77
N ALA D 304 -14.78 -17.19 -35.65
CA ALA D 304 -13.48 -17.87 -35.65
C ALA D 304 -13.58 -19.40 -35.45
N GLU D 305 -14.54 -19.82 -34.62
CA GLU D 305 -14.74 -21.24 -34.35
C GLU D 305 -15.26 -22.05 -35.53
N LYS D 306 -16.27 -21.51 -36.21
CA LYS D 306 -16.87 -22.20 -37.35
C LYS D 306 -15.88 -22.49 -38.48
N PRO D 307 -15.10 -21.48 -38.91
CA PRO D 307 -14.13 -21.76 -39.99
C PRO D 307 -13.10 -22.80 -39.54
N ALA D 308 -12.89 -22.90 -38.22
CA ALA D 308 -11.94 -23.85 -37.65
C ALA D 308 -12.55 -25.24 -37.56
N GLY D 309 -13.83 -25.35 -37.91
CA GLY D 309 -14.51 -26.63 -37.88
C GLY D 309 -15.34 -26.87 -36.64
N TYR D 310 -15.36 -25.89 -35.74
CA TYR D 310 -16.12 -26.04 -34.50
C TYR D 310 -17.49 -25.37 -34.56
N ASN D 311 -18.49 -26.11 -35.00
CA ASN D 311 -19.85 -25.59 -35.07
C ASN D 311 -20.71 -26.13 -33.94
N ASP D 312 -20.39 -27.33 -33.46
CA ASP D 312 -21.15 -27.96 -32.38
C ASP D 312 -20.25 -28.85 -31.52
N TYR D 313 -19.77 -28.28 -30.43
CA TYR D 313 -18.88 -28.99 -29.51
C TYR D 313 -19.50 -30.25 -28.95
N SER D 314 -20.77 -30.19 -28.58
CA SER D 314 -21.42 -31.36 -28.01
C SER D 314 -21.30 -32.55 -28.96
N HIS D 315 -21.47 -32.29 -30.24
CA HIS D 315 -21.39 -33.34 -31.25
C HIS D 315 -19.94 -33.75 -31.49
N LEU D 316 -19.04 -32.78 -31.39
CA LEU D 316 -17.61 -33.05 -31.60
C LEU D 316 -17.09 -33.98 -30.52
N LEU D 317 -17.51 -33.76 -29.27
CA LEU D 317 -17.05 -34.58 -28.15
C LEU D 317 -17.61 -35.99 -28.14
N ASP D 318 -18.73 -36.19 -28.81
CA ASP D 318 -19.32 -37.52 -28.90
C ASP D 318 -18.38 -38.41 -29.73
N ALA D 319 -17.67 -37.79 -30.66
CA ALA D 319 -16.72 -38.51 -31.52
C ALA D 319 -15.55 -39.04 -30.69
N PHE D 320 -15.10 -38.24 -29.71
CA PHE D 320 -14.00 -38.64 -28.84
C PHE D 320 -14.44 -39.80 -27.97
N LYS D 321 -15.62 -39.66 -27.37
CA LYS D 321 -16.18 -40.70 -26.53
C LYS D 321 -16.21 -42.03 -27.30
N SER D 322 -16.78 -42.01 -28.50
CA SER D 322 -16.85 -43.21 -29.33
C SER D 322 -15.50 -43.70 -29.81
N ALA D 323 -14.56 -42.79 -30.03
CA ALA D 323 -13.21 -43.14 -30.46
C ALA D 323 -12.37 -43.58 -29.26
N LYS D 324 -12.93 -43.42 -28.06
CA LYS D 324 -12.25 -43.79 -26.83
C LYS D 324 -10.97 -42.99 -26.61
N LEU D 325 -11.03 -41.69 -26.92
CA LEU D 325 -9.91 -40.78 -26.75
C LEU D 325 -10.21 -39.79 -25.64
N ASP D 326 -9.18 -39.42 -24.89
CA ASP D 326 -9.30 -38.42 -23.83
C ASP D 326 -9.10 -37.08 -24.54
N VAL D 327 -9.68 -36.02 -24.00
CA VAL D 327 -9.56 -34.73 -24.65
C VAL D 327 -8.73 -33.72 -23.86
N THR D 328 -8.06 -32.84 -24.59
CA THR D 328 -7.25 -31.80 -23.98
C THR D 328 -7.75 -30.48 -24.55
N PHE D 329 -7.86 -29.47 -23.69
CA PHE D 329 -8.31 -28.15 -24.10
C PHE D 329 -7.31 -27.10 -23.61
N THR D 330 -7.29 -25.97 -24.30
CA THR D 330 -6.38 -24.87 -23.99
C THR D 330 -7.04 -23.66 -23.33
N CYS D 331 -6.29 -22.56 -23.22
CA CYS D 331 -6.76 -21.29 -22.64
C CYS D 331 -7.15 -21.26 -21.16
N LEU D 332 -6.69 -22.21 -20.35
CA LEU D 332 -7.06 -22.22 -18.93
C LEU D 332 -6.62 -20.99 -18.13
N GLU D 333 -5.56 -20.34 -18.59
CA GLU D 333 -4.99 -19.16 -17.91
C GLU D 333 -5.58 -17.81 -18.32
N MET D 334 -6.66 -17.83 -19.09
CA MET D 334 -7.28 -16.59 -19.55
C MET D 334 -8.65 -16.28 -18.95
N THR D 335 -9.05 -15.02 -19.09
CA THR D 335 -10.33 -14.51 -18.60
C THR D 335 -11.15 -13.90 -19.73
N ASP D 336 -12.47 -13.81 -19.54
CA ASP D 336 -13.37 -13.26 -20.55
C ASP D 336 -13.19 -11.78 -20.86
N LYS D 337 -13.55 -11.40 -22.08
CA LYS D 337 -13.46 -10.03 -22.56
C LYS D 337 -14.81 -9.67 -23.22
N GLY D 338 -15.14 -10.37 -24.30
CA GLY D 338 -16.38 -10.14 -25.01
C GLY D 338 -16.56 -8.73 -25.57
N SER D 339 -15.46 -8.00 -25.70
CA SER D 339 -15.48 -6.64 -26.20
C SER D 339 -14.92 -6.48 -27.60
N TYR D 340 -15.36 -5.43 -28.27
CA TYR D 340 -14.92 -5.10 -29.62
C TYR D 340 -13.44 -4.73 -29.58
N PRO D 341 -12.69 -5.12 -30.62
CA PRO D 341 -13.12 -5.90 -31.79
C PRO D 341 -12.87 -7.42 -31.71
N GLU D 342 -12.17 -7.89 -30.68
CA GLU D 342 -11.85 -9.31 -30.55
C GLU D 342 -12.99 -10.21 -30.09
N TYR D 343 -13.82 -9.72 -29.18
CA TYR D 343 -14.94 -10.49 -28.63
C TYR D 343 -14.46 -11.83 -28.09
N SER D 344 -13.40 -11.77 -27.26
CA SER D 344 -12.80 -12.95 -26.66
C SER D 344 -13.49 -13.45 -25.40
N MET D 345 -13.99 -14.68 -25.47
CA MET D 345 -14.67 -15.30 -24.32
C MET D 345 -14.01 -16.65 -24.00
N PRO D 346 -12.70 -16.65 -23.69
CA PRO D 346 -11.98 -17.89 -23.38
C PRO D 346 -12.46 -18.64 -22.14
N LYS D 347 -12.71 -17.94 -21.04
CA LYS D 347 -13.17 -18.59 -19.81
C LYS D 347 -14.56 -19.20 -19.99
N THR D 348 -15.39 -18.56 -20.79
CA THR D 348 -16.74 -19.06 -21.06
C THR D 348 -16.67 -20.33 -21.88
N LEU D 349 -15.74 -20.34 -22.83
CA LEU D 349 -15.54 -21.50 -23.68
C LEU D 349 -15.09 -22.70 -22.83
N VAL D 350 -14.07 -22.49 -21.98
CA VAL D 350 -13.54 -23.55 -21.12
C VAL D 350 -14.61 -24.16 -20.23
N GLN D 351 -15.37 -23.32 -19.55
CA GLN D 351 -16.44 -23.78 -18.67
C GLN D 351 -17.45 -24.56 -19.48
N ASN D 352 -17.71 -24.09 -20.69
CA ASN D 352 -18.66 -24.76 -21.59
C ASN D 352 -18.15 -26.17 -21.94
N ILE D 353 -16.95 -26.25 -22.47
CA ILE D 353 -16.33 -27.51 -22.85
C ILE D 353 -16.23 -28.46 -21.66
N ALA D 354 -15.69 -27.98 -20.55
CA ALA D 354 -15.53 -28.77 -19.34
C ALA D 354 -16.84 -29.41 -18.91
N THR D 355 -17.91 -28.64 -18.94
CA THR D 355 -19.23 -29.15 -18.55
C THR D 355 -19.66 -30.31 -19.47
N LEU D 356 -19.56 -30.09 -20.78
CA LEU D 356 -19.95 -31.12 -21.74
C LEU D 356 -19.13 -32.40 -21.56
N ALA D 357 -17.84 -32.23 -21.28
CA ALA D 357 -16.93 -33.35 -21.09
C ALA D 357 -17.27 -34.17 -19.86
N ASN D 358 -17.46 -33.50 -18.73
CA ASN D 358 -17.79 -34.20 -17.49
C ASN D 358 -19.14 -34.88 -17.64
N GLU D 359 -20.03 -34.22 -18.39
CA GLU D 359 -21.38 -34.72 -18.64
C GLU D 359 -21.33 -36.01 -19.44
N LYS D 360 -20.36 -36.12 -20.36
CA LYS D 360 -20.22 -37.30 -21.20
C LYS D 360 -19.28 -38.37 -20.65
N GLY D 361 -18.62 -38.07 -19.53
CA GLY D 361 -17.70 -39.03 -18.95
C GLY D 361 -16.37 -39.08 -19.67
N ILE D 362 -16.00 -37.97 -20.32
CA ILE D 362 -14.76 -37.88 -21.06
C ILE D 362 -13.67 -37.27 -20.17
N VAL D 363 -12.59 -38.01 -19.94
CA VAL D 363 -11.49 -37.52 -19.13
C VAL D 363 -10.97 -36.24 -19.76
N LEU D 364 -10.93 -35.18 -18.96
CA LEU D 364 -10.52 -33.88 -19.45
C LEU D 364 -9.16 -33.42 -18.93
N ASN D 365 -8.34 -32.90 -19.84
CA ASN D 365 -7.02 -32.40 -19.49
C ASN D 365 -6.92 -31.00 -20.06
N GLY D 366 -6.01 -30.19 -19.52
CA GLY D 366 -5.87 -28.84 -20.02
C GLY D 366 -4.45 -28.33 -20.08
N GLU D 367 -4.21 -27.36 -20.95
CA GLU D 367 -2.89 -26.76 -21.08
C GLU D 367 -3.03 -25.25 -21.34
N ASN D 368 -1.97 -24.50 -21.08
CA ASN D 368 -2.00 -23.06 -21.29
C ASN D 368 -1.74 -22.70 -22.74
N ALA D 369 -2.48 -21.70 -23.22
CA ALA D 369 -2.36 -21.25 -24.60
C ALA D 369 -1.00 -20.63 -24.89
N LEU D 370 -0.60 -19.69 -24.05
CA LEU D 370 0.66 -18.97 -24.22
C LEU D 370 1.49 -19.10 -22.95
N SER D 371 2.78 -18.80 -23.07
CA SER D 371 3.70 -18.89 -21.93
C SER D 371 3.23 -18.03 -20.76
N ILE D 372 3.40 -18.55 -19.55
CA ILE D 372 2.99 -17.82 -18.36
C ILE D 372 4.18 -17.23 -17.63
N GLY D 373 4.20 -15.91 -17.51
CA GLY D 373 5.28 -15.25 -16.81
C GLY D 373 4.80 -14.54 -15.56
N ASN D 374 3.62 -14.90 -15.07
CA ASN D 374 3.04 -14.26 -13.88
C ASN D 374 2.28 -15.26 -12.99
N GLU D 375 2.46 -15.14 -11.68
CA GLU D 375 1.80 -16.05 -10.73
C GLU D 375 0.28 -15.95 -10.72
N GLU D 376 -0.26 -14.80 -11.12
CA GLU D 376 -1.71 -14.66 -11.14
C GLU D 376 -2.32 -15.56 -12.21
N GLU D 377 -1.58 -15.73 -13.30
CA GLU D 377 -2.01 -16.60 -14.39
C GLU D 377 -2.09 -18.04 -13.89
N TYR D 378 -1.19 -18.38 -12.97
CA TYR D 378 -1.19 -19.71 -12.37
C TYR D 378 -2.44 -19.82 -11.52
N LYS D 379 -2.81 -18.73 -10.84
CA LYS D 379 -4.01 -18.73 -9.99
C LYS D 379 -5.26 -18.90 -10.83
N ARG D 380 -5.20 -18.40 -12.06
CA ARG D 380 -6.30 -18.51 -13.00
C ARG D 380 -6.46 -19.98 -13.38
N VAL D 381 -5.33 -20.64 -13.70
CA VAL D 381 -5.32 -22.06 -14.08
C VAL D 381 -5.82 -22.94 -12.94
N ALA D 382 -5.38 -22.63 -11.72
CA ALA D 382 -5.79 -23.40 -10.54
C ALA D 382 -7.31 -23.42 -10.38
N GLU D 383 -7.95 -22.26 -10.47
CA GLU D 383 -9.40 -22.16 -10.31
C GLU D 383 -10.10 -23.10 -11.30
N MET D 384 -9.68 -23.05 -12.57
CA MET D 384 -10.31 -23.87 -13.61
C MET D 384 -10.01 -25.36 -13.48
N ALA D 385 -8.73 -25.69 -13.38
CA ALA D 385 -8.31 -27.07 -13.24
C ALA D 385 -8.96 -27.78 -12.06
N PHE D 386 -8.88 -27.16 -10.88
CA PHE D 386 -9.41 -27.76 -9.67
C PHE D 386 -10.90 -27.65 -9.42
N ASN D 387 -11.58 -26.77 -10.13
CA ASN D 387 -13.01 -26.61 -9.95
C ASN D 387 -13.87 -27.18 -11.05
N TYR D 388 -13.22 -27.52 -12.17
CA TYR D 388 -13.91 -28.08 -13.32
C TYR D 388 -13.53 -29.54 -13.64
N ASN D 389 -13.01 -30.25 -12.64
CA ASN D 389 -12.65 -31.67 -12.77
C ASN D 389 -11.53 -32.07 -13.75
N PHE D 390 -10.57 -31.18 -13.96
CA PHE D 390 -9.48 -31.51 -14.85
C PHE D 390 -8.63 -32.61 -14.24
N ALA D 391 -8.35 -33.63 -15.05
CA ALA D 391 -7.54 -34.78 -14.65
C ALA D 391 -6.05 -34.50 -14.78
N GLY D 392 -5.71 -33.48 -15.55
CA GLY D 392 -4.33 -33.13 -15.72
C GLY D 392 -4.15 -31.76 -16.31
N PHE D 393 -2.99 -31.17 -16.05
CA PHE D 393 -2.63 -29.87 -16.60
C PHE D 393 -1.21 -29.94 -17.12
N THR D 394 -1.02 -29.53 -18.37
CA THR D 394 0.29 -29.54 -19.01
C THR D 394 0.80 -28.11 -19.23
N LEU D 395 1.91 -27.79 -18.59
CA LEU D 395 2.52 -26.48 -18.72
C LEU D 395 3.42 -26.33 -19.95
N LEU D 396 3.17 -25.27 -20.70
CA LEU D 396 3.95 -24.91 -21.87
C LEU D 396 4.70 -23.69 -21.32
N ARG D 397 6.03 -23.70 -21.29
CA ARG D 397 6.85 -24.79 -21.79
C ARG D 397 8.17 -24.86 -21.00
N TYR D 398 8.78 -26.05 -21.00
CA TYR D 398 10.04 -26.38 -20.34
C TYR D 398 10.91 -25.21 -19.83
N GLN D 399 11.56 -24.52 -20.77
CA GLN D 399 12.44 -23.40 -20.43
C GLN D 399 11.87 -22.29 -19.56
N ASP D 400 10.56 -22.07 -19.61
CA ASP D 400 9.91 -21.01 -18.82
C ASP D 400 10.15 -21.16 -17.31
N VAL D 401 9.98 -22.38 -16.80
CA VAL D 401 10.17 -22.65 -15.38
C VAL D 401 11.55 -23.21 -15.08
N MET D 402 12.11 -23.92 -16.05
CA MET D 402 13.40 -24.54 -15.86
C MET D 402 14.48 -23.50 -15.55
N TYR D 403 14.44 -22.38 -16.25
CA TYR D 403 15.44 -21.33 -16.06
C TYR D 403 14.96 -20.15 -15.21
N ASN D 404 13.89 -20.36 -14.45
CA ASN D 404 13.34 -19.34 -13.57
C ASN D 404 12.79 -20.03 -12.32
N ASN D 405 13.62 -20.07 -11.29
CA ASN D 405 13.27 -20.71 -10.04
C ASN D 405 12.14 -20.06 -9.24
N SER D 406 11.94 -18.75 -9.40
CA SER D 406 10.86 -18.08 -8.66
C SER D 406 9.52 -18.57 -9.21
N LEU D 407 9.40 -18.57 -10.54
CA LEU D 407 8.19 -19.02 -11.21
C LEU D 407 7.97 -20.50 -10.92
N MET D 408 9.06 -21.27 -10.92
CA MET D 408 9.01 -22.70 -10.65
C MET D 408 8.45 -22.97 -9.27
N GLY D 409 8.87 -22.16 -8.30
CA GLY D 409 8.39 -22.31 -6.93
C GLY D 409 6.91 -22.02 -6.80
N LYS D 410 6.45 -21.04 -7.57
CA LYS D 410 5.03 -20.67 -7.55
C LYS D 410 4.19 -21.74 -8.23
N PHE D 411 4.76 -22.42 -9.21
CA PHE D 411 4.05 -23.48 -9.90
C PHE D 411 3.93 -24.67 -8.93
N LYS D 412 4.99 -24.92 -8.18
CA LYS D 412 5.00 -26.03 -7.23
C LYS D 412 3.86 -25.85 -6.22
N ASP D 413 3.83 -24.69 -5.60
CA ASP D 413 2.80 -24.36 -4.62
C ASP D 413 1.38 -24.46 -5.15
N LEU D 414 1.09 -23.76 -6.22
CA LEU D 414 -0.24 -23.71 -6.80
C LEU D 414 -0.73 -24.92 -7.61
N LEU D 415 0.08 -25.37 -8.57
CA LEU D 415 -0.29 -26.46 -9.46
C LEU D 415 0.43 -27.81 -9.35
N GLY D 416 1.61 -27.83 -8.73
CA GLY D 416 2.34 -29.09 -8.61
C GLY D 416 1.97 -29.84 -7.35
N VAL D 417 0.67 -30.00 -7.15
CA VAL D 417 0.15 -30.66 -5.96
C VAL D 417 -0.17 -32.14 -6.16
N THR D 418 -0.21 -32.86 -5.04
CA THR D 418 -0.52 -34.28 -5.01
C THR D 418 -1.84 -34.43 -4.26
N PRO D 419 -2.91 -34.86 -4.94
CA PRO D 419 -4.22 -35.04 -4.32
C PRO D 419 -4.21 -36.12 -3.25
N VAL D 420 -4.71 -35.81 -2.06
CA VAL D 420 -4.79 -36.78 -0.98
C VAL D 420 -6.17 -36.71 -0.34
N MET D 421 -6.79 -37.87 -0.19
CA MET D 421 -8.12 -37.94 0.39
C MET D 421 -8.03 -37.87 1.91
N GLN D 422 -8.83 -36.98 2.49
CA GLN D 422 -8.87 -36.77 3.94
C GLN D 422 -10.34 -36.72 4.37
N THR D 423 -10.62 -37.11 5.60
CA THR D 423 -11.99 -37.05 6.09
C THR D 423 -12.18 -35.79 6.93
N ILE D 424 -13.15 -34.96 6.54
CA ILE D 424 -13.45 -33.73 7.27
C ILE D 424 -14.68 -33.97 8.13
N VAL D 425 -14.58 -33.67 9.42
CA VAL D 425 -15.68 -33.87 10.37
C VAL D 425 -16.01 -32.58 11.15
N VAL D 426 -17.27 -32.15 11.09
CA VAL D 426 -17.72 -30.95 11.81
C VAL D 426 -18.80 -31.41 12.78
N LYS D 427 -18.63 -31.12 14.06
CA LYS D 427 -19.59 -31.49 15.08
C LYS D 427 -20.48 -30.30 15.46
N ASN D 428 -21.55 -30.60 16.21
CA ASN D 428 -22.49 -29.58 16.71
C ASN D 428 -23.07 -28.59 15.69
N VAL D 429 -23.36 -29.05 14.49
CA VAL D 429 -23.93 -28.17 13.47
C VAL D 429 -25.44 -28.06 13.68
N PRO D 430 -25.93 -26.82 13.89
CA PRO D 430 -27.35 -26.57 14.11
C PRO D 430 -28.17 -26.50 12.81
N THR D 431 -28.52 -27.66 12.26
CA THR D 431 -29.29 -27.71 11.03
C THR D 431 -30.78 -27.97 11.26
N THR D 432 -31.58 -27.73 10.23
CA THR D 432 -33.01 -27.97 10.27
C THR D 432 -33.32 -28.65 8.95
N ILE D 433 -34.49 -29.28 8.83
CA ILE D 433 -34.86 -29.97 7.58
C ILE D 433 -34.65 -29.07 6.37
N GLY D 434 -33.99 -29.61 5.36
CA GLY D 434 -33.71 -28.85 4.16
C GLY D 434 -32.30 -28.27 4.14
N ASP D 435 -31.70 -28.14 5.32
CA ASP D 435 -30.35 -27.59 5.45
C ASP D 435 -29.25 -28.58 5.05
N THR D 436 -28.30 -28.08 4.27
CA THR D 436 -27.17 -28.87 3.84
C THR D 436 -25.89 -28.15 4.27
N VAL D 437 -24.88 -28.92 4.64
CA VAL D 437 -23.61 -28.38 5.08
C VAL D 437 -22.54 -28.47 3.99
N TYR D 438 -21.75 -27.42 3.86
CA TYR D 438 -20.68 -27.35 2.87
C TYR D 438 -19.46 -26.77 3.56
N ILE D 439 -18.33 -26.82 2.86
CA ILE D 439 -17.09 -26.24 3.34
C ILE D 439 -16.47 -25.51 2.15
N THR D 440 -15.77 -24.44 2.45
CA THR D 440 -15.08 -23.66 1.42
C THR D 440 -13.83 -23.12 2.09
N GLY D 441 -12.81 -22.82 1.28
CA GLY D 441 -11.56 -22.35 1.85
C GLY D 441 -10.77 -21.44 0.94
N ASN D 442 -9.57 -21.07 1.40
CA ASN D 442 -8.71 -20.14 0.67
C ASN D 442 -8.15 -20.61 -0.66
N ARG D 443 -7.70 -21.86 -0.72
CA ARG D 443 -7.14 -22.37 -1.97
C ARG D 443 -8.15 -22.72 -3.05
N ALA D 444 -7.73 -22.66 -4.30
CA ALA D 444 -8.60 -22.97 -5.44
C ALA D 444 -9.16 -24.38 -5.36
N GLU D 445 -8.44 -25.27 -4.67
CA GLU D 445 -8.88 -26.65 -4.49
C GLU D 445 -10.10 -26.70 -3.57
N LEU D 446 -10.26 -25.65 -2.77
CA LEU D 446 -11.35 -25.54 -1.81
C LEU D 446 -12.45 -24.54 -2.24
N GLY D 447 -12.34 -24.02 -3.46
CA GLY D 447 -13.34 -23.10 -3.96
C GLY D 447 -13.05 -21.62 -3.80
N SER D 448 -11.91 -21.29 -3.21
CA SER D 448 -11.51 -19.89 -3.00
C SER D 448 -12.56 -19.04 -2.30
N TRP D 449 -13.14 -19.59 -1.24
CA TRP D 449 -14.17 -18.93 -0.43
C TRP D 449 -15.54 -18.77 -1.09
N ASP D 450 -15.72 -19.35 -2.27
CA ASP D 450 -17.00 -19.26 -2.95
C ASP D 450 -18.06 -20.16 -2.30
N THR D 451 -19.28 -19.63 -2.23
CA THR D 451 -20.38 -20.37 -1.63
C THR D 451 -21.51 -20.65 -2.61
N LYS D 452 -21.42 -20.05 -3.80
CA LYS D 452 -22.45 -20.20 -4.83
C LYS D 452 -22.30 -21.43 -5.72
N GLN D 453 -21.15 -21.55 -6.39
CA GLN D 453 -20.93 -22.68 -7.30
C GLN D 453 -19.80 -23.67 -7.05
N TYR D 454 -18.82 -23.30 -6.22
CA TYR D 454 -17.67 -24.19 -5.94
C TYR D 454 -17.54 -24.91 -4.58
N PRO D 455 -18.40 -24.59 -3.59
CA PRO D 455 -18.27 -25.26 -2.29
C PRO D 455 -18.36 -26.79 -2.34
N ILE D 456 -17.83 -27.44 -1.32
CA ILE D 456 -17.82 -28.91 -1.21
C ILE D 456 -18.82 -29.35 -0.15
N GLN D 457 -19.69 -30.28 -0.53
CA GLN D 457 -20.74 -30.77 0.33
C GLN D 457 -20.35 -31.84 1.34
N LEU D 458 -20.87 -31.72 2.56
CA LEU D 458 -20.62 -32.70 3.60
C LEU D 458 -21.93 -33.44 3.79
N TYR D 459 -21.87 -34.60 4.42
CA TYR D 459 -23.06 -35.43 4.64
C TYR D 459 -23.25 -35.77 6.09
N TYR D 460 -24.51 -35.90 6.50
CA TYR D 460 -24.81 -36.24 7.88
C TYR D 460 -24.45 -37.70 8.15
N ASP D 461 -23.99 -37.96 9.38
CA ASP D 461 -23.61 -39.29 9.81
C ASP D 461 -24.55 -39.61 10.95
N SER D 462 -25.57 -40.43 10.69
CA SER D 462 -26.54 -40.80 11.70
C SER D 462 -25.94 -41.55 12.88
N HIS D 463 -24.88 -42.30 12.63
CA HIS D 463 -24.22 -43.07 13.69
C HIS D 463 -23.37 -42.22 14.62
N SER D 464 -22.65 -41.26 14.04
CA SER D 464 -21.79 -40.37 14.81
C SER D 464 -22.51 -39.08 15.18
N ASN D 465 -23.66 -38.86 14.54
CA ASN D 465 -24.45 -37.67 14.79
C ASN D 465 -23.70 -36.38 14.46
N ASP D 466 -23.00 -36.38 13.32
CA ASP D 466 -22.26 -35.22 12.89
C ASP D 466 -22.23 -35.11 11.38
N TRP D 467 -21.58 -34.06 10.89
CA TRP D 467 -21.45 -33.84 9.45
C TRP D 467 -20.01 -34.08 9.01
N ARG D 468 -19.84 -34.94 8.02
CA ARG D 468 -18.52 -35.26 7.53
C ARG D 468 -18.51 -35.63 6.05
N GLY D 469 -17.32 -35.76 5.49
CA GLY D 469 -17.19 -36.12 4.10
C GLY D 469 -15.74 -36.36 3.74
N ASN D 470 -15.50 -37.20 2.74
CA ASN D 470 -14.15 -37.50 2.29
C ASN D 470 -13.79 -36.49 1.22
N VAL D 471 -12.87 -35.60 1.54
CA VAL D 471 -12.44 -34.54 0.61
C VAL D 471 -11.03 -34.78 0.09
N VAL D 472 -10.80 -34.43 -1.17
CA VAL D 472 -9.47 -34.58 -1.77
C VAL D 472 -8.80 -33.21 -1.66
N LEU D 473 -7.78 -33.13 -0.80
CA LEU D 473 -7.04 -31.89 -0.59
C LEU D 473 -5.62 -31.99 -1.13
N PRO D 474 -4.96 -30.83 -1.36
CA PRO D 474 -3.58 -30.85 -1.88
C PRO D 474 -2.62 -31.21 -0.74
N ALA D 475 -1.97 -32.36 -0.86
CA ALA D 475 -1.03 -32.81 0.17
C ALA D 475 0.06 -31.79 0.45
N GLU D 476 0.43 -31.69 1.71
CA GLU D 476 1.49 -30.79 2.18
C GLU D 476 1.33 -29.29 1.94
N ARG D 477 0.10 -28.81 1.81
CA ARG D 477 -0.15 -27.40 1.62
C ARG D 477 -0.92 -26.89 2.84
N ASN D 478 -0.72 -25.61 3.18
CA ASN D 478 -1.42 -25.00 4.29
C ASN D 478 -2.80 -24.57 3.80
N ILE D 479 -3.84 -24.95 4.53
CA ILE D 479 -5.18 -24.57 4.11
C ILE D 479 -6.01 -23.89 5.19
N GLU D 480 -6.93 -23.03 4.77
CA GLU D 480 -7.83 -22.33 5.68
C GLU D 480 -9.21 -22.71 5.17
N PHE D 481 -10.11 -23.10 6.06
CA PHE D 481 -11.45 -23.45 5.61
C PHE D 481 -12.45 -23.24 6.73
N LYS D 482 -13.71 -23.15 6.33
CA LYS D 482 -14.78 -22.92 7.28
C LYS D 482 -16.04 -23.58 6.73
N ALA D 483 -16.83 -24.20 7.59
CA ALA D 483 -18.07 -24.84 7.19
C ALA D 483 -19.19 -23.79 7.19
N PHE D 484 -20.26 -24.08 6.47
CA PHE D 484 -21.40 -23.17 6.43
C PHE D 484 -22.67 -23.95 6.06
N ILE D 485 -23.80 -23.44 6.51
CA ILE D 485 -25.09 -24.09 6.25
C ILE D 485 -25.85 -23.38 5.14
N LYS D 486 -26.40 -24.17 4.22
CA LYS D 486 -27.18 -23.64 3.12
C LYS D 486 -28.64 -24.01 3.37
N SER D 487 -29.53 -23.04 3.25
CA SER D 487 -30.94 -23.28 3.47
C SER D 487 -31.50 -24.12 2.32
N LYS D 488 -32.76 -24.51 2.44
CA LYS D 488 -33.42 -25.31 1.43
C LYS D 488 -33.51 -24.63 0.06
N ASP D 489 -33.42 -23.29 0.05
CA ASP D 489 -33.50 -22.53 -1.19
C ASP D 489 -32.15 -22.07 -1.74
N GLY D 490 -31.06 -22.57 -1.16
CA GLY D 490 -29.75 -22.22 -1.64
C GLY D 490 -29.11 -20.96 -1.08
N THR D 491 -29.69 -20.37 -0.05
CA THR D 491 -29.09 -19.18 0.53
C THR D 491 -28.25 -19.55 1.74
N VAL D 492 -27.14 -18.83 1.93
CA VAL D 492 -26.25 -19.08 3.07
C VAL D 492 -26.95 -18.68 4.34
N LYS D 493 -27.17 -19.66 5.20
CA LYS D 493 -27.84 -19.47 6.46
C LYS D 493 -26.89 -19.00 7.56
N SER D 494 -25.73 -19.66 7.67
CA SER D 494 -24.75 -19.28 8.70
C SER D 494 -23.38 -19.92 8.48
N TRP D 495 -22.38 -19.41 9.20
CA TRP D 495 -21.00 -19.87 9.11
C TRP D 495 -20.47 -20.46 10.41
N GLN D 496 -19.47 -21.33 10.29
CA GLN D 496 -18.81 -21.93 11.45
C GLN D 496 -18.16 -20.76 12.19
N THR D 497 -18.23 -20.75 13.51
CA THR D 497 -17.67 -19.65 14.29
C THR D 497 -16.18 -19.38 14.08
N ILE D 498 -15.38 -20.42 14.23
CA ILE D 498 -13.94 -20.30 14.10
C ILE D 498 -13.42 -20.85 12.78
N GLN D 499 -12.51 -20.10 12.16
CA GLN D 499 -11.90 -20.51 10.89
C GLN D 499 -10.92 -21.64 11.20
N GLN D 500 -11.03 -22.72 10.44
CA GLN D 500 -10.19 -23.87 10.64
C GLN D 500 -8.99 -23.86 9.70
N SER D 501 -8.00 -24.70 10.01
CA SER D 501 -6.82 -24.80 9.17
C SER D 501 -6.09 -26.12 9.35
N TRP D 502 -5.31 -26.51 8.34
CA TRP D 502 -4.50 -27.71 8.38
C TRP D 502 -3.15 -27.24 7.86
N ASN D 503 -2.20 -27.11 8.77
CA ASN D 503 -0.86 -26.64 8.44
C ASN D 503 0.26 -27.65 8.67
N PRO D 504 0.56 -28.47 7.65
CA PRO D 504 -0.12 -28.49 6.36
C PRO D 504 -1.06 -29.71 6.31
N VAL D 505 -1.63 -29.97 5.14
CA VAL D 505 -2.48 -31.14 4.98
C VAL D 505 -1.49 -32.32 4.99
N PRO D 506 -1.72 -33.30 5.86
CA PRO D 506 -0.82 -34.46 5.93
C PRO D 506 -0.84 -35.30 4.67
N LEU D 507 0.30 -35.91 4.36
CA LEU D 507 0.44 -36.75 3.16
C LEU D 507 -0.33 -38.06 3.30
N LYS D 508 -0.60 -38.45 4.55
CA LYS D 508 -1.34 -39.67 4.82
C LYS D 508 -2.78 -39.36 5.23
N THR D 509 -3.70 -40.20 4.77
CA THR D 509 -5.11 -40.06 5.07
C THR D 509 -5.37 -40.12 6.57
N THR D 510 -6.06 -39.10 7.08
CA THR D 510 -6.40 -38.99 8.48
C THR D 510 -7.80 -38.33 8.51
N SER D 511 -8.08 -37.52 9.52
CA SER D 511 -9.37 -36.83 9.63
C SER D 511 -9.20 -35.51 10.38
N HIS D 512 -10.01 -34.52 10.04
CA HIS D 512 -9.95 -33.22 10.69
C HIS D 512 -11.27 -33.02 11.41
N THR D 513 -11.22 -32.97 12.73
CA THR D 513 -12.43 -32.79 13.53
C THR D 513 -12.49 -31.41 14.16
N SER D 514 -13.62 -30.74 13.95
CA SER D 514 -13.84 -29.42 14.52
C SER D 514 -15.32 -29.29 14.93
N SER D 515 -15.61 -28.31 15.77
CA SER D 515 -16.97 -28.08 16.22
C SER D 515 -17.45 -26.79 15.59
N TRP D 516 -18.75 -26.70 15.36
CA TRP D 516 -19.37 -25.51 14.76
C TRP D 516 -19.01 -24.24 15.55
C1 EBG E . 4.56 35.89 16.37
O1 EBG E . 5.67 35.30 16.98
C2 EBG E . 4.77 37.36 16.09
O2 EBG E . 6.03 37.57 15.47
C3 EBG E . 4.71 38.13 17.43
O3 EBG E . 4.87 39.53 17.20
C4 EBG E . 3.38 37.87 18.12
O4 EBG E . 3.41 38.47 19.40
C5 EBG E . 3.10 36.37 18.28
O5 EBG E . 3.30 35.66 17.03
C6 EBG E . 1.68 36.07 18.71
O6 EBG E . 0.75 36.41 17.68
C7 EBG E . 6.11 34.07 16.48
C8 EBG E . 5.75 32.93 17.44
C9 EBG E . 6.34 33.13 18.87
C10 EBG E . 7.73 33.79 18.81
O9 EBG E . 5.45 33.94 19.66
CA CA F . 3.34 56.40 29.16
C1 EBG G . -20.01 15.68 -7.30
O1 EBG G . -18.98 14.86 -7.76
C2 EBG G . -19.54 16.59 -6.19
O2 EBG G . -18.73 15.86 -5.26
C3 EBG G . -20.83 17.07 -5.55
O3 EBG G . -20.54 17.91 -4.44
C4 EBG G . -21.70 17.81 -6.60
O4 EBG G . -22.99 18.03 -6.03
C5 EBG G . -21.86 17.02 -7.91
O5 EBG G . -20.61 16.46 -8.31
C6 EBG G . -22.39 17.81 -9.08
O6 EBG G . -21.42 18.73 -9.57
C7 EBG G . -19.24 13.49 -7.65
C8 EBG G . -20.49 13.13 -8.44
C9 EBG G . -21.13 11.84 -7.91
C10 EBG G . -21.62 12.04 -6.48
O9 EBG G . -22.23 11.49 -8.75
CA CA H . -32.60 28.94 8.10
C1 EBG I . 24.73 -9.14 -1.65
O1 EBG I . 24.01 -7.96 -1.57
C2 EBG I . 24.08 -10.15 -2.56
O2 EBG I . 22.67 -10.18 -2.34
C3 EBG I . 24.74 -11.48 -2.16
O3 EBG I . 24.23 -12.54 -2.95
C4 EBG I . 26.29 -11.42 -2.29
O4 EBG I . 26.84 -12.53 -1.62
C5 EBG I . 26.87 -10.12 -1.66
O5 EBG I . 26.07 -8.97 -2.03
C6 EBG I . 28.31 -9.81 -2.00
O6 EBG I . 28.43 -9.48 -3.36
C7 EBG I . 24.36 -7.16 -0.47
C8 EBG I . 23.74 -7.72 0.81
C9 EBG I . 24.78 -7.71 1.95
C10 EBG I . 24.14 -8.15 3.27
O9 EBG I . 25.85 -8.60 1.62
CA CA J . 30.15 -32.50 -3.27
C1 EBG K . 2.37 -26.13 -30.15
O1 EBG K . 2.35 -24.79 -29.79
C2 EBG K . 3.11 -26.32 -31.46
O2 EBG K . 2.65 -25.37 -32.41
C3 EBG K . 2.77 -27.74 -31.91
O3 EBG K . 3.41 -28.00 -33.14
C4 EBG K . 3.22 -28.75 -30.84
O4 EBG K . 2.71 -30.03 -31.16
C5 EBG K . 2.72 -28.36 -29.42
O5 EBG K . 2.96 -26.97 -29.17
C6 EBG K . 3.32 -29.15 -28.26
O6 EBG K . 4.66 -28.80 -28.01
C7 EBG K . 1.31 -24.45 -28.91
C8 EBG K . -0.04 -24.52 -29.62
C9 EBG K . -1.03 -25.43 -28.84
C10 EBG K . -2.27 -25.71 -29.69
O9 EBG K . -0.38 -26.67 -28.52
CA CA L . 4.70 -45.36 -44.17
#